data_8QXN
#
_entry.id   8QXN
#
_cell.length_a   1.00
_cell.length_b   1.00
_cell.length_c   1.00
_cell.angle_alpha   90.00
_cell.angle_beta   90.00
_cell.angle_gamma   90.00
#
_symmetry.space_group_name_H-M   'P 1'
#
loop_
_entity.id
_entity.type
_entity.pdbx_description
1 polymer 'Deoxynucleoside triphosphate triphosphohydrolase SAMHD1'
2 non-polymer "GUANOSINE-5'-TRIPHOSPHATE"
3 non-polymer 'FE (III) ION'
4 non-polymer 'MAGNESIUM ION'
5 non-polymer "2'-DEOXYADENOSINE 5'-TRIPHOSPHATE"
6 non-polymer "2'-DEOXYCYTIDINE-5'-TRIPHOSPHATE"
#
_entity_poly.entity_id   1
_entity_poly.type   'polypeptide(L)'
_entity_poly.pdbx_seq_one_letter_code
;MQRADSEQPSKRPRCDDSPRTPSNTPSAEADWSPGLELHPDYKTWGPEQVCSFLRRGGFEEPVLLKNIRENEITGALLPC
LDESRFENLGVSSLGERKKLLSYIQRLVQIHVDTMKVINDPIHGHIELHPLLVRIIDTPQFQRLRYIKQLGGGYYVFPGA
SHNRFEHSLGVGYLAGCLVHALGEKQPELQISERDVLCVQIAGLCHDLGHGPFSHMFDGRFIPLARPEVKWTHEQGSVMM
FEHLINSNGIKPVMEQYGLIPEEDICFIKEQIVGPLESPVEDSLWPYKGRPENKSFLYEIVSNKRNGIDVDKWDYFARDC
HHLGIQNNFDYKRFIKFARVCEVDNELRICARDKEVGNLYDMFHTRNSLHRRAYQHKVGNIIDTMITDAFLKADDYIEIT
GAGGKKYRISTAIDDMEAYTKLTDNIFLEILYSTDPKLKDAREILKQIEYRNLFKYVGETQPTGQIKIKREDYESLPKEV
ASAKPKVLLDVKLKAEDFIVDVINMDYGMQEKNPIDHVSFYCKTAPNRAIRITKNQVSQLLPEKFAEQLIRVYCKKVDRK
SLYAARQYFVQWCADRNFTKPQDGDVIAPLITPQKKEWNDSTSVQNPTRLREASKSRVQLFKDDPM
;
_entity_poly.pdbx_strand_id   A,B,C,D
#
loop_
_chem_comp.id
_chem_comp.type
_chem_comp.name
_chem_comp.formula
DCP non-polymer 2'-DEOXYCYTIDINE-5'-TRIPHOSPHATE 'C9 H16 N3 O13 P3'
DTP non-polymer '2'-DEOXYADENOSINE 5'-TRIPHOSPHATE' 'C10 H16 N5 O12 P3'
FE non-polymer 'FE (III) ION' 'Fe 3'
GTP non-polymer GUANOSINE-5'-TRIPHOSPHATE 'C10 H16 N5 O14 P3'
MG non-polymer 'MAGNESIUM ION' 'Mg 2'
#
# COMPACT_ATOMS: atom_id res chain seq x y z
N THR A 114 -16.96 28.02 -7.12
CA THR A 114 -15.79 28.01 -6.21
C THR A 114 -14.91 26.79 -6.47
N MET A 115 -13.77 26.72 -5.78
CA MET A 115 -12.86 25.59 -5.95
C MET A 115 -13.53 24.31 -5.49
N LYS A 116 -13.20 23.22 -6.17
CA LYS A 116 -13.78 21.91 -5.89
C LYS A 116 -12.67 20.88 -5.76
N VAL A 117 -12.74 20.07 -4.70
CA VAL A 117 -11.74 19.04 -4.41
C VAL A 117 -12.39 17.68 -4.67
N ILE A 118 -11.74 16.86 -5.50
CA ILE A 118 -12.24 15.55 -5.89
C ILE A 118 -11.20 14.50 -5.52
N ASN A 119 -11.67 13.40 -4.93
CA ASN A 119 -10.79 12.35 -4.44
C ASN A 119 -10.59 11.29 -5.52
N ASP A 120 -9.32 11.02 -5.84
CA ASP A 120 -8.94 10.02 -6.82
C ASP A 120 -8.14 8.90 -6.17
N PRO A 121 -8.36 7.64 -6.54
CA PRO A 121 -7.63 6.54 -5.89
C PRO A 121 -6.19 6.39 -6.35
N ILE A 122 -5.75 7.16 -7.34
CA ILE A 122 -4.39 7.06 -7.88
C ILE A 122 -3.59 8.31 -7.58
N HIS A 123 -4.04 9.47 -8.09
CA HIS A 123 -3.29 10.70 -7.96
C HIS A 123 -3.61 11.47 -6.68
N GLY A 124 -4.55 11.00 -5.87
CA GLY A 124 -4.91 11.69 -4.66
C GLY A 124 -5.86 12.85 -4.91
N HIS A 125 -6.06 13.65 -3.87
CA HIS A 125 -6.98 14.77 -3.96
C HIS A 125 -6.57 15.73 -5.08
N ILE A 126 -7.56 16.19 -5.84
CA ILE A 126 -7.34 17.04 -7.00
C ILE A 126 -8.24 18.26 -6.89
N GLU A 127 -7.71 19.42 -7.26
CA GLU A 127 -8.46 20.67 -7.22
C GLU A 127 -8.86 21.06 -8.63
N LEU A 128 -10.13 21.44 -8.80
CA LEU A 128 -10.71 21.72 -10.10
C LEU A 128 -11.06 23.20 -10.20
N HIS A 129 -10.61 23.83 -11.28
CA HIS A 129 -10.96 25.22 -11.54
C HIS A 129 -12.46 25.32 -11.82
N PRO A 130 -13.09 26.46 -11.48
CA PRO A 130 -14.54 26.58 -11.73
C PRO A 130 -14.91 26.36 -13.18
N LEU A 131 -14.09 26.82 -14.13
CA LEU A 131 -14.40 26.62 -15.54
C LEU A 131 -14.45 25.13 -15.89
N LEU A 132 -13.48 24.36 -15.39
CA LEU A 132 -13.46 22.93 -15.69
C LEU A 132 -14.65 22.23 -15.05
N VAL A 133 -15.03 22.63 -13.84
CA VAL A 133 -16.22 22.06 -13.21
C VAL A 133 -17.45 22.36 -14.05
N ARG A 134 -17.54 23.59 -14.57
CA ARG A 134 -18.67 23.95 -15.44
C ARG A 134 -18.67 23.08 -16.69
N ILE A 135 -17.50 22.82 -17.25
CA ILE A 135 -17.41 22.00 -18.46
C ILE A 135 -17.85 20.57 -18.16
N ILE A 136 -17.47 20.05 -16.98
CA ILE A 136 -17.74 18.64 -16.68
C ILE A 136 -19.24 18.36 -16.68
N ASP A 137 -20.02 19.25 -16.07
CA ASP A 137 -21.44 19.01 -15.84
C ASP A 137 -22.23 19.28 -17.12
N THR A 138 -22.06 18.40 -18.09
CA THR A 138 -22.82 18.41 -19.32
C THR A 138 -23.05 16.98 -19.77
N PRO A 139 -24.14 16.71 -20.51
CA PRO A 139 -24.36 15.34 -21.00
C PRO A 139 -23.23 14.83 -21.87
N GLN A 140 -22.64 15.69 -22.69
CA GLN A 140 -21.61 15.26 -23.62
C GLN A 140 -20.39 14.72 -22.88
N PHE A 141 -20.03 15.35 -21.76
CA PHE A 141 -18.90 14.85 -20.97
C PHE A 141 -19.34 13.73 -20.03
N GLN A 142 -20.60 13.71 -19.63
CA GLN A 142 -21.08 12.69 -18.70
C GLN A 142 -21.29 11.34 -19.37
N ARG A 143 -21.47 11.30 -20.70
CA ARG A 143 -21.65 10.02 -21.37
C ARG A 143 -20.45 9.11 -21.20
N LEU A 144 -19.28 9.68 -20.87
CA LEU A 144 -18.08 8.86 -20.68
C LEU A 144 -18.21 7.91 -19.49
N ARG A 145 -19.15 8.18 -18.58
CA ARG A 145 -19.33 7.30 -17.43
C ARG A 145 -19.77 5.90 -17.85
N TYR A 146 -20.24 5.73 -19.08
CA TYR A 146 -20.75 4.43 -19.53
C TYR A 146 -19.98 3.92 -20.73
N ILE A 147 -18.65 4.06 -20.69
CA ILE A 147 -17.78 3.51 -21.72
C ILE A 147 -16.54 2.95 -21.03
N LYS A 148 -16.29 1.66 -21.19
CA LYS A 148 -15.20 1.01 -20.49
C LYS A 148 -13.88 1.22 -21.21
N GLN A 149 -12.81 1.33 -20.42
CA GLN A 149 -11.50 1.66 -20.98
C GLN A 149 -10.94 0.51 -21.80
N LEU A 150 -10.97 -0.71 -21.26
CA LEU A 150 -10.37 -1.86 -21.91
C LEU A 150 -11.30 -2.56 -22.89
N GLY A 151 -12.55 -2.15 -22.97
CA GLY A 151 -13.49 -2.76 -23.89
C GLY A 151 -13.76 -4.21 -23.57
N GLY A 152 -13.47 -5.10 -24.52
CA GLY A 152 -13.76 -6.51 -24.37
C GLY A 152 -12.78 -7.29 -23.54
N GLY A 153 -11.74 -6.65 -23.02
CA GLY A 153 -10.81 -7.31 -22.13
C GLY A 153 -11.31 -7.49 -20.72
N TYR A 154 -12.50 -6.95 -20.41
CA TYR A 154 -13.07 -7.11 -19.09
C TYR A 154 -13.34 -8.57 -18.76
N TYR A 155 -13.80 -9.35 -19.74
CA TYR A 155 -14.20 -10.73 -19.49
C TYR A 155 -13.01 -11.64 -19.20
N VAL A 156 -11.79 -11.17 -19.39
CA VAL A 156 -10.59 -11.94 -19.07
C VAL A 156 -10.08 -11.61 -17.68
N PHE A 157 -9.95 -10.33 -17.37
CA PHE A 157 -9.56 -9.88 -16.04
C PHE A 157 -10.76 -9.25 -15.36
N PRO A 158 -11.36 -9.88 -14.35
CA PRO A 158 -12.55 -9.28 -13.71
C PRO A 158 -12.27 -7.97 -13.01
N GLY A 159 -11.02 -7.69 -12.67
CA GLY A 159 -10.69 -6.49 -11.93
C GLY A 159 -10.53 -5.24 -12.74
N ALA A 160 -10.70 -5.31 -14.06
CA ALA A 160 -10.57 -4.16 -14.94
C ALA A 160 -11.97 -3.70 -15.36
N SER A 161 -12.57 -2.84 -14.54
CA SER A 161 -13.91 -2.33 -14.77
C SER A 161 -13.96 -0.82 -14.55
N HIS A 162 -12.99 -0.11 -15.10
CA HIS A 162 -12.96 1.34 -15.01
C HIS A 162 -13.32 1.97 -16.35
N ASN A 163 -13.75 3.22 -16.30
CA ASN A 163 -14.24 3.96 -17.46
C ASN A 163 -13.26 5.06 -17.83
N ARG A 164 -13.63 5.85 -18.84
CA ARG A 164 -12.78 6.92 -19.34
C ARG A 164 -12.93 8.21 -18.56
N PHE A 165 -13.93 8.32 -17.69
CA PHE A 165 -14.15 9.57 -16.95
C PHE A 165 -12.96 9.89 -16.04
N GLU A 166 -12.58 8.94 -15.20
CA GLU A 166 -11.45 9.16 -14.31
C GLU A 166 -10.14 9.22 -15.10
N HIS A 167 -10.06 8.50 -16.22
CA HIS A 167 -8.87 8.61 -17.06
C HIS A 167 -8.68 10.03 -17.57
N SER A 168 -9.75 10.63 -18.07
CA SER A 168 -9.66 12.01 -18.54
C SER A 168 -9.35 12.96 -17.40
N LEU A 169 -9.98 12.75 -16.25
CA LEU A 169 -9.69 13.61 -15.10
C LEU A 169 -8.21 13.56 -14.73
N GLY A 170 -7.65 12.35 -14.68
CA GLY A 170 -6.25 12.20 -14.35
C GLY A 170 -5.33 12.81 -15.39
N VAL A 171 -5.67 12.65 -16.66
CA VAL A 171 -4.86 13.25 -17.72
C VAL A 171 -4.84 14.76 -17.57
N GLY A 172 -6.01 15.36 -17.33
CA GLY A 172 -6.06 16.81 -17.16
C GLY A 172 -5.24 17.26 -15.96
N TYR A 173 -5.38 16.56 -14.83
CA TYR A 173 -4.64 16.94 -13.64
C TYR A 173 -3.14 16.84 -13.87
N LEU A 174 -2.69 15.76 -14.51
CA LEU A 174 -1.26 15.59 -14.77
C LEU A 174 -0.74 16.68 -15.69
N ALA A 175 -1.50 17.00 -16.74
CA ALA A 175 -1.08 18.07 -17.65
C ALA A 175 -0.96 19.40 -16.91
N GLY A 176 -1.94 19.71 -16.06
CA GLY A 176 -1.87 20.94 -15.30
C GLY A 176 -0.67 21.00 -14.39
N CYS A 177 -0.41 19.91 -13.65
CA CYS A 177 0.74 19.88 -12.77
C CYS A 177 2.04 20.03 -13.54
N LEU A 178 2.17 19.32 -14.66
CA LEU A 178 3.41 19.38 -15.42
C LEU A 178 3.66 20.78 -15.97
N VAL A 179 2.62 21.40 -16.55
CA VAL A 179 2.81 22.74 -17.11
C VAL A 179 3.12 23.74 -16.01
N HIS A 180 2.44 23.62 -14.86
CA HIS A 180 2.70 24.55 -13.76
C HIS A 180 4.13 24.42 -13.25
N ALA A 181 4.60 23.18 -13.06
CA ALA A 181 5.95 22.98 -12.58
C ALA A 181 6.97 23.49 -13.59
N LEU A 182 6.75 23.22 -14.88
CA LEU A 182 7.69 23.68 -15.90
C LEU A 182 7.76 25.20 -15.93
N GLY A 183 6.60 25.85 -15.84
CA GLY A 183 6.60 27.31 -15.81
C GLY A 183 7.28 27.87 -14.58
N GLU A 184 7.02 27.27 -13.42
CA GLU A 184 7.62 27.77 -12.19
C GLU A 184 9.14 27.61 -12.20
N LYS A 185 9.64 26.47 -12.67
CA LYS A 185 11.07 26.22 -12.61
C LYS A 185 11.89 27.15 -13.49
N GLN A 186 11.26 27.88 -14.41
CA GLN A 186 11.96 28.80 -15.30
C GLN A 186 11.13 30.06 -15.47
N PRO A 187 11.39 31.10 -14.68
CA PRO A 187 10.60 32.34 -14.80
C PRO A 187 10.88 33.13 -16.06
N GLU A 188 11.76 32.65 -16.95
CA GLU A 188 12.07 33.34 -18.19
C GLU A 188 11.19 32.89 -19.36
N LEU A 189 10.30 31.93 -19.15
CA LEU A 189 9.45 31.43 -20.21
C LEU A 189 8.18 32.26 -20.39
N GLN A 190 7.84 33.12 -19.43
CA GLN A 190 6.65 33.97 -19.52
C GLN A 190 5.39 33.13 -19.76
N ILE A 191 5.22 32.10 -18.94
CA ILE A 191 4.04 31.26 -19.02
C ILE A 191 2.91 31.91 -18.22
N SER A 192 1.76 32.07 -18.85
CA SER A 192 0.61 32.73 -18.26
C SER A 192 -0.46 31.72 -17.88
N GLU A 193 -1.36 32.14 -17.00
CA GLU A 193 -2.44 31.26 -16.54
C GLU A 193 -3.31 30.82 -17.71
N ARG A 194 -3.42 31.64 -18.76
CA ARG A 194 -4.22 31.26 -19.92
C ARG A 194 -3.69 29.97 -20.54
N ASP A 195 -2.37 29.85 -20.66
CA ASP A 195 -1.80 28.63 -21.21
C ASP A 195 -2.12 27.43 -20.35
N VAL A 196 -2.06 27.59 -19.02
CA VAL A 196 -2.36 26.49 -18.12
C VAL A 196 -3.81 26.05 -18.30
N LEU A 197 -4.73 27.02 -18.35
CA LEU A 197 -6.14 26.67 -18.50
C LEU A 197 -6.40 26.00 -19.84
N CYS A 198 -5.79 26.50 -20.91
CA CYS A 198 -5.99 25.90 -22.22
C CYS A 198 -5.44 24.48 -22.26
N VAL A 199 -4.27 24.26 -21.68
CA VAL A 199 -3.69 22.91 -21.65
C VAL A 199 -4.58 21.96 -20.86
N GLN A 200 -5.08 22.42 -19.71
CA GLN A 200 -5.96 21.56 -18.93
C GLN A 200 -7.24 21.25 -19.68
N ILE A 201 -7.82 22.24 -20.37
CA ILE A 201 -9.03 22.00 -21.14
C ILE A 201 -8.77 20.98 -22.24
N ALA A 202 -7.64 21.13 -22.94
CA ALA A 202 -7.30 20.17 -23.99
C ALA A 202 -7.11 18.77 -23.43
N GLY A 203 -6.48 18.66 -22.26
CA GLY A 203 -6.27 17.37 -21.64
C GLY A 203 -7.52 16.75 -21.06
N LEU A 204 -8.56 17.56 -20.84
CA LEU A 204 -9.84 17.05 -20.39
C LEU A 204 -10.75 16.61 -21.53
N CYS A 205 -10.38 16.90 -22.78
CA CYS A 205 -11.21 16.62 -23.95
C CYS A 205 -10.39 15.97 -25.05
N HIS A 206 -9.60 14.96 -24.68
CA HIS A 206 -8.77 14.24 -25.65
C HIS A 206 -9.33 12.88 -26.02
N ASP A 207 -10.00 12.19 -25.08
CA ASP A 207 -10.67 10.92 -25.35
C ASP A 207 -12.18 11.10 -25.36
N LEU A 208 -12.65 12.24 -25.88
CA LEU A 208 -14.06 12.56 -25.91
C LEU A 208 -14.81 11.90 -27.06
N GLY A 209 -14.11 11.21 -27.97
CA GLY A 209 -14.74 10.69 -29.16
C GLY A 209 -14.90 9.18 -29.20
N HIS A 210 -14.37 8.48 -28.19
CA HIS A 210 -14.47 7.03 -28.17
C HIS A 210 -15.92 6.58 -28.10
N GLY A 211 -16.24 5.52 -28.85
CA GLY A 211 -17.54 4.90 -28.80
C GLY A 211 -17.55 3.74 -27.84
N PRO A 212 -18.47 2.80 -28.02
CA PRO A 212 -18.51 1.63 -27.15
C PRO A 212 -17.18 0.89 -27.13
N PHE A 213 -16.67 0.66 -25.92
CA PHE A 213 -15.47 -0.14 -25.68
C PHE A 213 -14.19 0.59 -26.06
N SER A 214 -14.32 1.72 -26.76
CA SER A 214 -13.26 2.72 -26.93
C SER A 214 -12.11 2.27 -27.82
N HIS A 215 -12.06 0.98 -28.18
CA HIS A 215 -11.11 0.52 -29.18
C HIS A 215 -11.70 -0.47 -30.17
N MET A 216 -12.77 -1.18 -29.82
CA MET A 216 -13.46 -2.02 -30.80
C MET A 216 -14.00 -1.18 -31.94
N PHE A 217 -14.63 -0.06 -31.62
CA PHE A 217 -15.40 0.68 -32.61
C PHE A 217 -14.52 1.13 -33.77
N ASP A 218 -13.63 2.09 -33.51
CA ASP A 218 -12.81 2.68 -34.56
C ASP A 218 -11.66 1.76 -34.99
N GLY A 219 -11.42 0.69 -34.26
CA GLY A 219 -10.34 -0.22 -34.59
C GLY A 219 -10.78 -1.32 -35.53
N ARG A 220 -11.98 -1.85 -35.33
CA ARG A 220 -12.45 -2.98 -36.11
C ARG A 220 -13.82 -2.78 -36.75
N PHE A 221 -14.76 -2.13 -36.05
CA PHE A 221 -16.14 -2.17 -36.51
C PHE A 221 -16.34 -1.31 -37.75
N ILE A 222 -15.87 -0.05 -37.71
CA ILE A 222 -16.14 0.88 -38.81
C ILE A 222 -15.56 0.37 -40.13
N PRO A 223 -14.31 -0.09 -40.19
CA PRO A 223 -13.79 -0.56 -41.49
C PRO A 223 -14.62 -1.68 -42.10
N LEU A 224 -15.21 -2.54 -41.27
CA LEU A 224 -15.99 -3.66 -41.81
C LEU A 224 -17.33 -3.19 -42.37
N ALA A 225 -17.92 -2.14 -41.80
CA ALA A 225 -19.23 -1.65 -42.21
C ALA A 225 -19.15 -0.47 -43.17
N ARG A 226 -18.21 0.44 -42.96
CA ARG A 226 -18.02 1.62 -43.82
C ARG A 226 -16.57 1.68 -44.23
N PRO A 227 -16.16 0.84 -45.18
CA PRO A 227 -14.74 0.83 -45.60
C PRO A 227 -14.34 2.00 -46.49
N GLU A 228 -15.28 2.83 -46.92
CA GLU A 228 -14.99 3.92 -47.85
C GLU A 228 -14.74 5.24 -47.14
N VAL A 229 -14.77 5.29 -45.82
CA VAL A 229 -14.61 6.52 -45.05
C VAL A 229 -13.58 6.29 -43.96
N LYS A 230 -12.63 7.22 -43.83
CA LYS A 230 -11.66 7.19 -42.76
C LYS A 230 -12.21 7.95 -41.55
N TRP A 231 -12.11 7.34 -40.37
CA TRP A 231 -12.69 7.94 -39.17
C TRP A 231 -11.90 7.45 -37.96
N THR A 232 -11.02 8.31 -37.45
CA THR A 232 -10.29 8.04 -36.22
C THR A 232 -11.08 8.65 -35.06
N HIS A 233 -10.68 8.36 -33.83
CA HIS A 233 -11.41 8.88 -32.66
C HIS A 233 -11.02 10.31 -32.32
N GLU A 234 -9.89 10.81 -32.83
CA GLU A 234 -9.57 12.21 -32.64
C GLU A 234 -10.59 13.11 -33.33
N GLN A 235 -11.03 12.74 -34.53
CA GLN A 235 -12.06 13.51 -35.20
C GLN A 235 -13.35 13.53 -34.38
N GLY A 236 -13.74 12.37 -33.84
CA GLY A 236 -14.90 12.34 -32.99
C GLY A 236 -14.74 13.22 -31.77
N SER A 237 -13.57 13.20 -31.15
CA SER A 237 -13.34 14.01 -29.96
C SER A 237 -13.44 15.50 -30.28
N VAL A 238 -12.82 15.93 -31.38
CA VAL A 238 -12.85 17.36 -31.71
C VAL A 238 -14.25 17.79 -32.09
N MET A 239 -14.97 16.97 -32.86
CA MET A 239 -16.34 17.31 -33.23
C MET A 239 -17.23 17.40 -31.99
N MET A 240 -17.08 16.45 -31.06
CA MET A 240 -17.89 16.48 -29.85
C MET A 240 -17.55 17.69 -29.00
N PHE A 241 -16.27 18.06 -28.92
CA PHE A 241 -15.90 19.26 -28.18
C PHE A 241 -16.52 20.51 -28.79
N GLU A 242 -16.50 20.60 -30.12
CA GLU A 242 -17.13 21.75 -30.78
C GLU A 242 -18.62 21.79 -30.49
N HIS A 243 -19.29 20.64 -30.57
CA HIS A 243 -20.73 20.60 -30.29
C HIS A 243 -20.99 20.99 -28.84
N LEU A 244 -20.18 20.49 -27.91
CA LEU A 244 -20.34 20.80 -26.50
C LEU A 244 -20.25 22.30 -26.26
N ILE A 245 -19.17 22.92 -26.75
CA ILE A 245 -18.98 24.36 -26.50
C ILE A 245 -20.08 25.16 -27.17
N ASN A 246 -20.49 24.77 -28.39
CA ASN A 246 -21.54 25.52 -29.07
C ASN A 246 -22.88 25.42 -28.36
N SER A 247 -23.23 24.24 -27.84
CA SER A 247 -24.57 23.99 -27.34
C SER A 247 -24.72 24.19 -25.84
N ASN A 248 -23.63 24.35 -25.09
CA ASN A 248 -23.71 24.56 -23.65
C ASN A 248 -23.48 26.01 -23.25
N GLY A 249 -23.32 26.91 -24.21
CA GLY A 249 -23.16 28.31 -23.91
C GLY A 249 -21.99 28.60 -22.99
N ILE A 250 -20.84 27.99 -23.29
CA ILE A 250 -19.66 28.15 -22.44
C ILE A 250 -18.75 29.28 -22.89
N LYS A 251 -18.92 29.80 -24.11
CA LYS A 251 -18.03 30.85 -24.60
C LYS A 251 -18.04 32.08 -23.71
N PRO A 252 -19.20 32.64 -23.31
CA PRO A 252 -19.15 33.76 -22.35
C PRO A 252 -18.45 33.40 -21.06
N VAL A 253 -18.63 32.16 -20.57
CA VAL A 253 -17.94 31.74 -19.36
C VAL A 253 -16.44 31.70 -19.60
N MET A 254 -16.01 31.23 -20.77
CA MET A 254 -14.59 31.21 -21.09
C MET A 254 -14.02 32.62 -21.13
N GLU A 255 -14.76 33.57 -21.71
CA GLU A 255 -14.30 34.95 -21.74
C GLU A 255 -14.28 35.57 -20.35
N GLN A 256 -15.18 35.14 -19.46
CA GLN A 256 -15.26 35.72 -18.13
C GLN A 256 -13.95 35.55 -17.35
N TYR A 257 -13.23 34.46 -17.59
CA TYR A 257 -12.01 34.16 -16.84
C TYR A 257 -10.74 34.57 -17.61
N GLY A 258 -10.88 35.31 -18.70
CA GLY A 258 -9.74 35.85 -19.41
C GLY A 258 -9.28 35.06 -20.62
N LEU A 259 -10.04 34.05 -21.04
CA LEU A 259 -9.68 33.25 -22.21
C LEU A 259 -10.37 33.80 -23.45
N ILE A 260 -9.59 34.03 -24.50
CA ILE A 260 -10.14 34.51 -25.77
C ILE A 260 -10.76 33.32 -26.48
N PRO A 261 -12.06 33.31 -26.75
CA PRO A 261 -12.68 32.11 -27.35
C PRO A 261 -12.12 31.77 -28.72
N GLU A 262 -12.03 32.74 -29.62
CA GLU A 262 -11.69 32.45 -31.01
C GLU A 262 -10.29 31.82 -31.11
N GLU A 263 -9.34 32.33 -30.32
CA GLU A 263 -7.98 31.81 -30.41
C GLU A 263 -7.78 30.58 -29.55
N ASP A 264 -8.36 30.57 -28.35
CA ASP A 264 -8.15 29.45 -27.44
C ASP A 264 -8.83 28.19 -27.96
N ILE A 265 -9.99 28.32 -28.60
CA ILE A 265 -10.66 27.14 -29.17
C ILE A 265 -9.80 26.53 -30.27
N CYS A 266 -9.25 27.37 -31.14
CA CYS A 266 -8.36 26.86 -32.19
C CYS A 266 -7.12 26.22 -31.59
N PHE A 267 -6.57 26.83 -30.54
CA PHE A 267 -5.41 26.24 -29.87
C PHE A 267 -5.74 24.87 -29.30
N ILE A 268 -6.89 24.73 -28.66
CA ILE A 268 -7.29 23.44 -28.11
C ILE A 268 -7.47 22.41 -29.22
N LYS A 269 -8.12 22.82 -30.32
CA LYS A 269 -8.33 21.90 -31.44
C LYS A 269 -7.00 21.42 -32.01
N GLU A 270 -6.03 22.33 -32.18
CA GLU A 270 -4.73 21.93 -32.67
C GLU A 270 -3.97 21.10 -31.64
N GLN A 271 -4.30 21.27 -30.36
CA GLN A 271 -3.68 20.44 -29.33
C GLN A 271 -4.19 19.00 -29.42
N ILE A 272 -5.50 18.82 -29.61
CA ILE A 272 -6.06 17.46 -29.65
C ILE A 272 -5.60 16.73 -30.91
N VAL A 273 -5.68 17.39 -32.06
CA VAL A 273 -5.38 16.77 -33.34
C VAL A 273 -4.26 17.52 -34.03
N GLY A 274 -3.68 16.93 -35.07
CA GLY A 274 -2.58 17.55 -35.78
C GLY A 274 -3.01 18.85 -36.45
N PRO A 275 -2.03 19.66 -36.87
CA PRO A 275 -2.30 20.97 -37.48
C PRO A 275 -3.41 20.93 -38.52
N LEU A 284 6.88 27.48 -42.08
CA LEU A 284 7.40 26.26 -41.47
C LEU A 284 6.77 26.01 -40.10
N TRP A 285 5.73 26.78 -39.77
CA TRP A 285 5.02 26.66 -38.50
C TRP A 285 3.53 26.51 -38.78
N PRO A 286 3.03 25.31 -39.06
CA PRO A 286 1.61 25.17 -39.42
C PRO A 286 0.65 25.47 -38.29
N TYR A 287 1.09 25.43 -37.04
CA TYR A 287 0.20 25.74 -35.93
C TYR A 287 -0.20 27.21 -35.95
N LYS A 288 -1.47 27.46 -35.65
CA LYS A 288 -2.02 28.82 -35.67
C LYS A 288 -2.31 29.39 -34.28
N GLY A 289 -2.40 28.54 -33.25
CA GLY A 289 -2.77 29.04 -31.94
C GLY A 289 -1.72 29.95 -31.34
N ARG A 290 -0.45 29.57 -31.42
CA ARG A 290 0.66 30.28 -30.79
C ARG A 290 1.77 30.49 -31.80
N PRO A 291 2.63 31.49 -31.58
CA PRO A 291 3.80 31.65 -32.44
C PRO A 291 4.83 30.56 -32.19
N GLU A 292 5.88 30.53 -33.02
CA GLU A 292 6.90 29.50 -32.87
C GLU A 292 7.63 29.60 -31.53
N ASN A 293 7.56 30.74 -30.85
CA ASN A 293 8.26 30.88 -29.57
C ASN A 293 7.77 29.84 -28.57
N LYS A 294 6.46 29.69 -28.43
CA LYS A 294 5.88 28.73 -27.49
C LYS A 294 5.61 27.40 -28.16
N SER A 295 6.63 26.83 -28.81
CA SER A 295 6.45 25.60 -29.56
C SER A 295 6.34 24.38 -28.65
N PHE A 296 6.98 24.41 -27.48
CA PHE A 296 6.99 23.25 -26.59
C PHE A 296 5.62 22.93 -26.01
N LEU A 297 4.65 23.84 -26.15
CA LEU A 297 3.33 23.62 -25.56
C LEU A 297 2.55 22.50 -26.23
N TYR A 298 3.00 22.00 -27.38
CA TYR A 298 2.25 21.01 -28.14
C TYR A 298 2.74 19.58 -27.92
N GLU A 299 3.62 19.35 -26.95
CA GLU A 299 4.15 18.02 -26.67
C GLU A 299 3.83 17.55 -25.25
N ILE A 300 2.78 18.11 -24.63
CA ILE A 300 2.44 17.76 -23.26
C ILE A 300 1.32 16.73 -23.21
N VAL A 301 0.24 16.95 -23.96
CA VAL A 301 -0.93 16.08 -23.85
C VAL A 301 -0.87 14.93 -24.84
N SER A 302 -0.43 15.19 -26.08
CA SER A 302 -0.35 14.16 -27.11
C SER A 302 0.97 14.33 -27.84
N ASN A 303 1.92 13.43 -27.59
CA ASN A 303 3.24 13.48 -28.20
C ASN A 303 3.33 12.41 -29.29
N LYS A 304 3.78 12.80 -30.47
CA LYS A 304 3.80 11.93 -31.63
C LYS A 304 5.20 11.68 -32.18
N ARG A 305 6.25 12.23 -31.57
CA ARG A 305 7.60 12.02 -32.07
C ARG A 305 8.24 10.75 -31.51
N ASN A 306 8.12 10.53 -30.19
CA ASN A 306 8.66 9.34 -29.57
C ASN A 306 7.60 8.66 -28.71
N GLY A 307 6.69 9.45 -28.13
CA GLY A 307 5.58 8.90 -27.39
C GLY A 307 5.67 9.02 -25.88
N ILE A 308 6.11 10.17 -25.38
CA ILE A 308 6.08 10.46 -23.95
C ILE A 308 5.05 11.56 -23.74
N ASP A 309 4.07 11.30 -22.87
CA ASP A 309 3.00 12.25 -22.60
C ASP A 309 2.22 11.76 -21.38
N VAL A 310 1.38 12.66 -20.85
CA VAL A 310 0.63 12.35 -19.64
C VAL A 310 -0.36 11.21 -19.89
N ASP A 311 -0.92 11.14 -21.09
CA ASP A 311 -1.92 10.11 -21.37
C ASP A 311 -1.36 8.71 -21.15
N LYS A 312 -0.16 8.44 -21.64
CA LYS A 312 0.41 7.11 -21.48
C LYS A 312 0.82 6.86 -20.04
N TRP A 313 1.28 7.90 -19.34
CA TRP A 313 1.58 7.74 -17.91
C TRP A 313 0.33 7.30 -17.16
N ASP A 314 -0.80 7.96 -17.41
CA ASP A 314 -2.04 7.58 -16.74
C ASP A 314 -2.48 6.20 -17.14
N TYR A 315 -2.38 5.87 -18.44
CA TYR A 315 -2.65 4.51 -18.89
C TYR A 315 -1.90 3.50 -18.02
N PHE A 316 -0.58 3.63 -17.98
CA PHE A 316 0.24 2.65 -17.27
C PHE A 316 -0.15 2.59 -15.79
N ALA A 317 -0.24 3.75 -15.14
CA ALA A 317 -0.51 3.77 -13.70
C ALA A 317 -1.84 3.11 -13.40
N ARG A 318 -2.91 3.55 -14.08
CA ARG A 318 -4.24 3.02 -13.79
C ARG A 318 -4.33 1.53 -14.10
N ASP A 319 -3.81 1.11 -15.26
CA ASP A 319 -3.90 -0.30 -15.64
C ASP A 319 -3.13 -1.18 -14.68
N CYS A 320 -1.92 -0.77 -14.30
CA CYS A 320 -1.14 -1.58 -13.36
C CYS A 320 -1.80 -1.62 -11.99
N HIS A 321 -2.38 -0.50 -11.56
CA HIS A 321 -3.07 -0.48 -10.27
C HIS A 321 -4.26 -1.42 -10.27
N HIS A 322 -5.02 -1.43 -11.37
CA HIS A 322 -6.27 -2.20 -11.38
C HIS A 322 -6.02 -3.68 -11.63
N LEU A 323 -5.31 -4.02 -12.73
CA LEU A 323 -5.16 -5.41 -13.10
C LEU A 323 -4.45 -6.22 -12.02
N GLY A 324 -3.57 -5.57 -11.25
CA GLY A 324 -2.84 -6.25 -10.20
C GLY A 324 -1.38 -6.45 -10.52
N ILE A 325 -0.81 -5.52 -11.29
CA ILE A 325 0.59 -5.59 -11.69
C ILE A 325 1.33 -4.43 -11.03
N GLN A 326 2.65 -4.60 -10.91
CA GLN A 326 3.52 -3.58 -10.35
C GLN A 326 4.44 -3.04 -11.45
N ASN A 327 4.69 -1.74 -11.42
CA ASN A 327 5.46 -1.06 -12.46
C ASN A 327 6.68 -0.38 -11.84
N ASN A 328 7.71 -0.23 -12.65
CA ASN A 328 8.99 0.34 -12.22
C ASN A 328 9.17 1.79 -12.64
N PHE A 329 8.13 2.45 -13.12
CA PHE A 329 8.21 3.83 -13.57
C PHE A 329 7.71 4.76 -12.48
N ASP A 330 8.40 5.89 -12.31
CA ASP A 330 8.04 6.92 -11.34
C ASP A 330 8.04 8.26 -12.06
N TYR A 331 6.83 8.80 -12.30
CA TYR A 331 6.71 10.06 -13.03
C TYR A 331 7.07 11.27 -12.19
N LYS A 332 7.06 11.15 -10.87
CA LYS A 332 7.41 12.29 -10.03
C LYS A 332 8.86 12.70 -10.24
N ARG A 333 9.77 11.74 -10.38
CA ARG A 333 11.16 12.07 -10.68
C ARG A 333 11.27 12.79 -12.01
N PHE A 334 10.54 12.31 -13.03
CA PHE A 334 10.57 12.97 -14.33
C PHE A 334 10.07 14.40 -14.23
N ILE A 335 9.01 14.63 -13.45
CA ILE A 335 8.49 15.99 -13.26
C ILE A 335 9.55 16.86 -12.58
N LYS A 336 10.23 16.31 -11.56
CA LYS A 336 11.24 17.08 -10.85
C LYS A 336 12.36 17.53 -11.78
N PHE A 337 12.82 16.63 -12.65
CA PHE A 337 13.93 16.90 -13.55
C PHE A 337 13.48 17.38 -14.92
N ALA A 338 12.35 18.08 -14.98
CA ALA A 338 11.82 18.59 -16.24
C ALA A 338 12.41 19.95 -16.55
N ARG A 339 12.98 20.08 -17.74
CA ARG A 339 13.53 21.35 -18.21
C ARG A 339 13.44 21.38 -19.72
N VAL A 340 13.49 22.60 -20.27
CA VAL A 340 13.38 22.80 -21.70
C VAL A 340 14.65 23.51 -22.17
N CYS A 341 15.34 22.89 -23.13
CA CYS A 341 16.53 23.47 -23.73
C CYS A 341 16.32 23.59 -25.23
N GLU A 342 16.81 24.69 -25.82
CA GLU A 342 16.57 24.96 -27.22
C GLU A 342 17.41 24.05 -28.11
N VAL A 343 17.05 22.77 -28.18
CA VAL A 343 17.76 21.84 -29.05
C VAL A 343 17.61 22.30 -30.49
N ASP A 344 18.74 22.41 -31.19
CA ASP A 344 18.81 22.73 -32.61
C ASP A 344 17.70 23.67 -33.06
N ASN A 345 17.46 24.73 -32.29
CA ASN A 345 16.50 25.77 -32.63
C ASN A 345 15.05 25.27 -32.60
N GLU A 346 14.75 24.32 -31.72
CA GLU A 346 13.38 23.97 -31.38
C GLU A 346 13.31 23.64 -29.90
N LEU A 347 12.47 24.37 -29.17
CA LEU A 347 12.30 24.16 -27.74
C LEU A 347 11.63 22.80 -27.52
N ARG A 348 12.28 21.93 -26.76
CA ARG A 348 11.75 20.63 -26.39
C ARG A 348 11.86 20.45 -24.89
N ILE A 349 11.34 19.32 -24.40
CA ILE A 349 11.41 18.98 -22.98
C ILE A 349 12.70 18.19 -22.79
N CYS A 350 13.77 18.91 -22.48
CA CYS A 350 15.08 18.28 -22.30
C CYS A 350 15.20 17.76 -20.88
N ALA A 351 15.34 16.44 -20.74
CA ALA A 351 15.52 15.83 -19.43
C ALA A 351 17.02 15.81 -19.09
N ARG A 352 17.34 15.24 -17.93
CA ARG A 352 18.73 15.16 -17.49
C ARG A 352 19.43 14.04 -18.28
N ASP A 353 20.69 13.78 -17.93
CA ASP A 353 21.46 12.77 -18.63
C ASP A 353 21.60 11.46 -17.87
N LYS A 354 21.15 11.41 -16.61
CA LYS A 354 21.34 10.25 -15.75
C LYS A 354 20.08 9.40 -15.60
N GLU A 355 19.03 9.68 -16.36
CA GLU A 355 17.78 8.94 -16.27
C GLU A 355 17.54 8.07 -17.52
N VAL A 356 18.62 7.67 -18.19
CA VAL A 356 18.48 6.69 -19.27
C VAL A 356 17.92 5.39 -18.70
N GLY A 357 18.35 5.03 -17.49
CA GLY A 357 17.78 3.87 -16.82
C GLY A 357 16.29 4.02 -16.58
N ASN A 358 15.86 5.21 -16.17
CA ASN A 358 14.43 5.44 -15.95
C ASN A 358 13.65 5.34 -17.25
N LEU A 359 14.19 5.89 -18.34
CA LEU A 359 13.52 5.75 -19.63
C LEU A 359 13.44 4.29 -20.05
N TYR A 360 14.52 3.53 -19.84
CA TYR A 360 14.48 2.11 -20.14
C TYR A 360 13.42 1.41 -19.30
N ASP A 361 13.31 1.79 -18.02
CA ASP A 361 12.29 1.21 -17.16
C ASP A 361 10.89 1.51 -17.69
N MET A 362 10.66 2.75 -18.13
CA MET A 362 9.36 3.11 -18.67
C MET A 362 9.02 2.28 -19.90
N PHE A 363 9.97 2.16 -20.82
CA PHE A 363 9.72 1.40 -22.04
C PHE A 363 9.53 -0.08 -21.73
N HIS A 364 10.30 -0.62 -20.79
CA HIS A 364 10.10 -2.01 -20.38
C HIS A 364 8.72 -2.22 -19.77
N THR A 365 8.26 -1.29 -18.95
CA THR A 365 6.91 -1.38 -18.38
C THR A 365 5.86 -1.36 -19.48
N ARG A 366 6.02 -0.46 -20.45
CA ARG A 366 5.06 -0.39 -21.55
C ARG A 366 5.02 -1.70 -22.33
N ASN A 367 6.20 -2.24 -22.65
CA ASN A 367 6.25 -3.47 -23.42
C ASN A 367 5.65 -4.63 -22.64
N SER A 368 5.95 -4.74 -21.35
CA SER A 368 5.39 -5.83 -20.55
C SER A 368 3.88 -5.71 -20.46
N LEU A 369 3.37 -4.49 -20.23
CA LEU A 369 1.93 -4.31 -20.16
C LEU A 369 1.26 -4.68 -21.47
N HIS A 370 1.84 -4.25 -22.60
CA HIS A 370 1.24 -4.56 -23.90
C HIS A 370 1.25 -6.06 -24.17
N ARG A 371 2.35 -6.73 -23.84
CA ARG A 371 2.45 -8.17 -24.09
C ARG A 371 1.64 -9.00 -23.10
N ARG A 372 1.27 -8.44 -21.96
CA ARG A 372 0.52 -9.17 -20.94
C ARG A 372 -0.99 -8.96 -21.05
N ALA A 373 -1.44 -7.71 -21.01
CA ALA A 373 -2.87 -7.40 -20.90
C ALA A 373 -3.51 -7.17 -22.27
N TYR A 374 -3.03 -6.19 -23.02
CA TYR A 374 -3.70 -5.79 -24.24
C TYR A 374 -3.77 -6.88 -25.30
N GLN A 375 -2.75 -7.75 -25.36
CA GLN A 375 -2.64 -8.72 -26.45
C GLN A 375 -3.02 -10.13 -26.00
N HIS A 376 -3.88 -10.24 -25.00
CA HIS A 376 -4.37 -11.55 -24.59
C HIS A 376 -5.24 -12.15 -25.68
N LYS A 377 -5.08 -13.45 -25.91
CA LYS A 377 -5.78 -14.10 -27.03
C LYS A 377 -7.28 -14.10 -26.81
N VAL A 378 -7.72 -14.43 -25.58
CA VAL A 378 -9.16 -14.52 -25.32
C VAL A 378 -9.80 -13.14 -25.43
N GLY A 379 -9.08 -12.10 -25.01
CA GLY A 379 -9.61 -10.76 -25.18
C GLY A 379 -9.92 -10.46 -26.63
N ASN A 380 -8.99 -10.80 -27.53
CA ASN A 380 -9.17 -10.47 -28.95
C ASN A 380 -10.22 -11.36 -29.60
N ILE A 381 -10.30 -12.64 -29.21
CA ILE A 381 -11.33 -13.48 -29.79
C ILE A 381 -12.71 -12.97 -29.37
N ILE A 382 -12.87 -12.59 -28.10
CA ILE A 382 -14.15 -12.02 -27.67
C ILE A 382 -14.41 -10.70 -28.37
N ASP A 383 -13.36 -9.90 -28.60
CA ASP A 383 -13.53 -8.63 -29.30
C ASP A 383 -14.10 -8.85 -30.69
N THR A 384 -13.47 -9.73 -31.47
CA THR A 384 -13.96 -9.98 -32.83
C THR A 384 -15.34 -10.61 -32.81
N MET A 385 -15.60 -11.48 -31.83
CA MET A 385 -16.92 -12.09 -31.73
C MET A 385 -18.00 -11.05 -31.52
N ILE A 386 -17.81 -10.14 -30.57
CA ILE A 386 -18.81 -9.13 -30.30
C ILE A 386 -18.90 -8.13 -31.45
N THR A 387 -17.79 -7.88 -32.14
CA THR A 387 -17.85 -7.00 -33.32
C THR A 387 -18.71 -7.62 -34.41
N ASP A 388 -18.57 -8.93 -34.64
CA ASP A 388 -19.42 -9.60 -35.61
C ASP A 388 -20.87 -9.60 -35.15
N ALA A 389 -21.10 -9.73 -33.85
CA ALA A 389 -22.46 -9.64 -33.33
C ALA A 389 -23.07 -8.27 -33.60
N PHE A 390 -22.30 -7.21 -33.38
CA PHE A 390 -22.78 -5.86 -33.67
C PHE A 390 -23.06 -5.71 -35.16
N LEU A 391 -22.16 -6.21 -36.00
CA LEU A 391 -22.34 -6.10 -37.44
C LEU A 391 -23.60 -6.82 -37.90
N LYS A 392 -23.88 -8.00 -37.35
CA LYS A 392 -25.11 -8.71 -37.69
C LYS A 392 -26.34 -8.01 -37.12
N ALA A 393 -26.18 -7.33 -35.98
CA ALA A 393 -27.30 -6.62 -35.35
C ALA A 393 -27.60 -5.28 -36.02
N ASP A 394 -26.64 -4.72 -36.76
CA ASP A 394 -26.85 -3.44 -37.42
C ASP A 394 -27.96 -3.56 -38.45
N ASP A 395 -28.38 -2.41 -38.99
CA ASP A 395 -29.45 -2.33 -39.97
C ASP A 395 -30.80 -2.60 -39.33
N TYR A 396 -30.80 -2.84 -38.00
CA TYR A 396 -32.03 -3.03 -37.24
C TYR A 396 -32.07 -2.22 -35.96
N ILE A 397 -30.93 -1.69 -35.51
CA ILE A 397 -30.89 -0.75 -34.40
C ILE A 397 -30.99 0.66 -34.98
N GLU A 398 -31.87 1.47 -34.41
CA GLU A 398 -32.18 2.79 -34.96
C GLU A 398 -32.08 3.83 -33.85
N ILE A 399 -31.42 4.94 -34.15
CA ILE A 399 -31.18 6.00 -33.18
C ILE A 399 -31.64 7.32 -33.78
N THR A 400 -32.00 8.27 -32.91
CA THR A 400 -32.62 9.52 -33.31
C THR A 400 -31.65 10.67 -33.07
N GLY A 401 -31.67 11.64 -34.00
CA GLY A 401 -30.82 12.81 -33.90
C GLY A 401 -31.60 14.11 -33.92
N ALA A 402 -31.10 15.10 -34.66
CA ALA A 402 -31.77 16.39 -34.74
C ALA A 402 -32.91 16.36 -35.75
N GLY A 403 -34.03 16.98 -35.38
CA GLY A 403 -35.16 17.05 -36.29
C GLY A 403 -35.94 15.77 -36.45
N GLY A 404 -35.72 14.80 -35.57
CA GLY A 404 -36.38 13.51 -35.66
C GLY A 404 -35.75 12.55 -36.65
N LYS A 405 -34.65 12.92 -37.29
CA LYS A 405 -33.99 12.02 -38.22
C LYS A 405 -33.46 10.79 -37.48
N LYS A 406 -33.48 9.66 -38.18
CA LYS A 406 -33.09 8.38 -37.59
C LYS A 406 -31.80 7.88 -38.22
N TYR A 407 -30.95 7.26 -37.41
CA TYR A 407 -29.65 6.78 -37.85
C TYR A 407 -29.42 5.38 -37.30
N ARG A 408 -28.59 4.62 -38.01
CA ARG A 408 -28.12 3.32 -37.55
C ARG A 408 -26.84 3.50 -36.73
N ILE A 409 -26.27 2.38 -36.29
CA ILE A 409 -25.01 2.45 -35.54
C ILE A 409 -23.89 2.98 -36.43
N SER A 410 -23.76 2.43 -37.63
CA SER A 410 -22.63 2.76 -38.49
C SER A 410 -22.68 4.23 -38.92
N THR A 411 -23.85 4.72 -39.30
CA THR A 411 -23.97 6.08 -39.80
C THR A 411 -24.19 7.11 -38.70
N ALA A 412 -24.30 6.69 -37.45
CA ALA A 412 -24.46 7.64 -36.35
C ALA A 412 -23.27 8.58 -36.24
N ILE A 413 -22.09 8.17 -36.71
CA ILE A 413 -20.89 8.99 -36.59
C ILE A 413 -21.00 10.29 -37.37
N ASP A 414 -22.03 10.45 -38.20
CA ASP A 414 -22.27 11.68 -38.94
C ASP A 414 -23.24 12.61 -38.24
N ASP A 415 -23.61 12.30 -37.00
CA ASP A 415 -24.59 13.11 -36.25
C ASP A 415 -24.18 13.11 -34.79
N MET A 416 -23.69 14.25 -34.31
CA MET A 416 -23.15 14.32 -32.96
C MET A 416 -24.23 14.06 -31.91
N GLU A 417 -25.42 14.63 -32.08
CA GLU A 417 -26.48 14.44 -31.10
C GLU A 417 -26.96 12.99 -31.08
N ALA A 418 -26.88 12.29 -32.20
CA ALA A 418 -27.17 10.87 -32.20
C ALA A 418 -26.01 10.08 -31.60
N TYR A 419 -24.78 10.55 -31.82
CA TYR A 419 -23.62 9.88 -31.24
C TYR A 419 -23.67 9.92 -29.72
N THR A 420 -24.11 11.03 -29.15
CA THR A 420 -24.08 11.19 -27.71
C THR A 420 -24.86 10.09 -27.00
N LYS A 421 -25.85 9.49 -27.66
CA LYS A 421 -26.64 8.42 -27.10
C LYS A 421 -26.10 7.03 -27.45
N LEU A 422 -24.82 6.94 -27.81
CA LEU A 422 -24.20 5.69 -28.23
C LEU A 422 -23.17 5.28 -27.18
N THR A 423 -23.51 4.28 -26.38
CA THR A 423 -22.61 3.77 -25.34
C THR A 423 -22.78 2.24 -25.30
N ASP A 424 -22.16 1.60 -24.30
CA ASP A 424 -22.24 0.15 -24.18
C ASP A 424 -23.64 -0.33 -23.84
N ASN A 425 -24.60 0.58 -23.66
CA ASN A 425 -25.99 0.15 -23.48
C ASN A 425 -26.46 -0.69 -24.66
N ILE A 426 -25.91 -0.45 -25.84
CA ILE A 426 -26.37 -1.15 -27.04
C ILE A 426 -26.10 -2.64 -26.94
N PHE A 427 -25.04 -3.04 -26.23
CA PHE A 427 -24.78 -4.46 -26.03
C PHE A 427 -25.95 -5.14 -25.34
N LEU A 428 -26.38 -4.59 -24.21
CA LEU A 428 -27.52 -5.16 -23.50
C LEU A 428 -28.80 -5.00 -24.31
N GLU A 429 -28.92 -3.91 -25.07
CA GLU A 429 -30.09 -3.74 -25.92
C GLU A 429 -30.22 -4.89 -26.91
N ILE A 430 -29.11 -5.27 -27.53
CA ILE A 430 -29.12 -6.43 -28.43
C ILE A 430 -29.41 -7.70 -27.64
N LEU A 431 -28.75 -7.86 -26.48
CA LEU A 431 -28.93 -9.06 -25.68
C LEU A 431 -30.36 -9.20 -25.18
N TYR A 432 -30.95 -8.09 -24.71
CA TYR A 432 -32.28 -8.12 -24.12
C TYR A 432 -33.37 -7.77 -25.12
N SER A 433 -33.07 -7.79 -26.42
CA SER A 433 -34.08 -7.51 -27.42
C SER A 433 -35.16 -8.58 -27.40
N THR A 434 -36.25 -8.30 -28.12
CA THR A 434 -37.32 -9.27 -28.30
C THR A 434 -37.80 -9.41 -29.73
N ASP A 435 -37.45 -8.49 -30.62
CA ASP A 435 -37.88 -8.60 -32.01
C ASP A 435 -37.17 -9.78 -32.67
N PRO A 436 -37.87 -10.55 -33.50
CA PRO A 436 -37.22 -11.71 -34.14
C PRO A 436 -36.05 -11.34 -35.05
N LYS A 437 -36.02 -10.11 -35.57
CA LYS A 437 -35.01 -9.73 -36.55
C LYS A 437 -33.60 -9.70 -35.98
N LEU A 438 -33.45 -9.73 -34.66
CA LEU A 438 -32.14 -9.72 -34.02
C LEU A 438 -31.79 -11.07 -33.40
N LYS A 439 -32.33 -12.16 -33.97
CA LYS A 439 -32.11 -13.48 -33.38
C LYS A 439 -30.65 -13.87 -33.42
N ASP A 440 -29.97 -13.63 -34.54
CA ASP A 440 -28.60 -14.11 -34.69
C ASP A 440 -27.66 -13.42 -33.70
N ALA A 441 -27.78 -12.10 -33.56
CA ALA A 441 -26.94 -11.39 -32.60
C ALA A 441 -27.23 -11.84 -31.17
N ARG A 442 -28.51 -12.07 -30.85
CA ARG A 442 -28.86 -12.54 -29.53
C ARG A 442 -28.23 -13.91 -29.26
N GLU A 443 -28.26 -14.80 -30.25
CA GLU A 443 -27.62 -16.10 -30.08
C GLU A 443 -26.11 -15.95 -29.90
N ILE A 444 -25.49 -15.04 -30.66
CA ILE A 444 -24.05 -14.84 -30.53
C ILE A 444 -23.70 -14.39 -29.12
N LEU A 445 -24.44 -13.41 -28.60
CA LEU A 445 -24.17 -12.94 -27.24
C LEU A 445 -24.47 -14.02 -26.21
N LYS A 446 -25.47 -14.87 -26.47
CA LYS A 446 -25.71 -16.01 -25.58
C LYS A 446 -24.50 -16.95 -25.58
N GLN A 447 -23.90 -17.17 -26.75
CA GLN A 447 -22.65 -17.94 -26.79
C GLN A 447 -21.57 -17.26 -25.97
N ILE A 448 -21.47 -15.93 -26.07
CA ILE A 448 -20.50 -15.21 -25.24
C ILE A 448 -20.74 -15.51 -23.76
N GLU A 449 -21.99 -15.45 -23.33
CA GLU A 449 -22.30 -15.66 -21.91
C GLU A 449 -22.02 -17.09 -21.48
N TYR A 450 -22.34 -18.06 -22.33
CA TYR A 450 -22.13 -19.47 -21.99
C TYR A 450 -20.67 -19.91 -22.18
N ARG A 451 -19.79 -19.00 -22.62
CA ARG A 451 -18.39 -19.34 -22.88
C ARG A 451 -18.29 -20.45 -23.92
N ASN A 452 -19.12 -20.38 -24.96
CA ASN A 452 -18.98 -21.23 -26.14
C ASN A 452 -18.20 -20.48 -27.21
N LEU A 453 -16.94 -20.22 -26.90
CA LEU A 453 -16.13 -19.34 -27.73
C LEU A 453 -15.74 -20.02 -29.04
N PHE A 454 -15.26 -19.21 -29.98
CA PHE A 454 -14.78 -19.70 -31.26
C PHE A 454 -13.44 -20.40 -31.06
N LYS A 455 -12.82 -20.86 -32.15
CA LYS A 455 -11.65 -21.72 -32.09
C LYS A 455 -10.41 -20.94 -32.51
N TYR A 456 -9.33 -21.10 -31.77
CA TYR A 456 -8.04 -20.52 -32.13
C TYR A 456 -7.33 -21.47 -33.10
N VAL A 457 -7.35 -21.11 -34.38
CA VAL A 457 -7.21 -22.10 -35.45
C VAL A 457 -6.00 -21.86 -36.36
N GLY A 458 -4.92 -21.32 -35.82
CA GLY A 458 -3.69 -21.29 -36.60
C GLY A 458 -2.71 -20.15 -36.36
N GLU A 459 -3.14 -19.05 -35.74
CA GLU A 459 -2.26 -17.96 -35.34
C GLU A 459 -1.26 -17.62 -36.45
N THR A 460 -1.81 -17.10 -37.55
CA THR A 460 -1.03 -16.82 -38.75
C THR A 460 0.27 -16.10 -38.43
N GLN A 461 1.28 -16.26 -39.29
CA GLN A 461 2.64 -15.82 -39.01
C GLN A 461 2.73 -14.30 -38.94
N PRO A 462 3.80 -13.75 -38.34
CA PRO A 462 3.92 -12.29 -38.20
C PRO A 462 4.23 -11.58 -39.50
N THR A 463 4.51 -10.28 -39.40
CA THR A 463 4.65 -9.41 -40.55
C THR A 463 5.66 -9.96 -41.55
N GLY A 464 5.57 -9.46 -42.78
CA GLY A 464 6.50 -9.80 -43.84
C GLY A 464 6.89 -8.56 -44.62
N GLN A 465 7.03 -7.44 -43.90
CA GLN A 465 7.24 -6.11 -44.48
C GLN A 465 5.95 -5.61 -45.13
N ILE A 466 5.51 -6.27 -46.20
CA ILE A 466 4.24 -5.95 -46.84
C ILE A 466 3.17 -5.86 -45.76
N LYS A 467 2.39 -4.78 -45.78
CA LYS A 467 1.38 -4.51 -44.77
C LYS A 467 0.00 -4.46 -45.40
N ILE A 468 -0.96 -5.09 -44.73
CA ILE A 468 -2.34 -5.10 -45.22
C ILE A 468 -2.89 -3.68 -45.20
N LYS A 469 -3.58 -3.30 -46.27
CA LYS A 469 -4.20 -1.99 -46.32
C LYS A 469 -5.41 -1.94 -45.39
N ARG A 470 -5.73 -0.73 -44.92
CA ARG A 470 -6.76 -0.56 -43.90
C ARG A 470 -8.13 -0.99 -44.43
N GLU A 471 -8.43 -0.67 -45.69
CA GLU A 471 -9.76 -0.86 -46.24
C GLU A 471 -9.99 -2.25 -46.82
N ASP A 472 -9.00 -3.14 -46.75
CA ASP A 472 -9.12 -4.49 -47.29
C ASP A 472 -9.42 -5.53 -46.22
N TYR A 473 -9.77 -5.10 -45.01
CA TYR A 473 -9.98 -6.06 -43.93
C TYR A 473 -11.14 -7.01 -44.23
N GLU A 474 -12.25 -6.47 -44.73
CA GLU A 474 -13.43 -7.30 -44.96
C GLU A 474 -13.26 -8.31 -46.08
N SER A 475 -12.20 -8.19 -46.89
CA SER A 475 -12.00 -9.12 -47.99
C SER A 475 -11.26 -10.38 -47.56
N LEU A 476 -10.45 -10.30 -46.51
CA LEU A 476 -9.63 -11.43 -46.11
C LEU A 476 -10.45 -12.70 -45.83
N PRO A 477 -11.57 -12.64 -45.12
CA PRO A 477 -12.33 -13.88 -44.88
C PRO A 477 -12.70 -14.62 -46.15
N LYS A 478 -13.03 -13.88 -47.22
CA LYS A 478 -13.34 -14.52 -48.49
C LYS A 478 -12.11 -15.18 -49.10
N GLU A 479 -10.93 -14.59 -48.91
CA GLU A 479 -9.72 -15.16 -49.50
C GLU A 479 -9.43 -16.54 -48.95
N VAL A 480 -9.59 -16.73 -47.63
CA VAL A 480 -9.25 -18.00 -47.00
C VAL A 480 -10.12 -19.12 -47.55
N ALA A 481 -11.42 -18.86 -47.71
CA ALA A 481 -12.33 -19.87 -48.25
C ALA A 481 -12.00 -20.23 -49.70
N SER A 482 -11.22 -19.42 -50.39
CA SER A 482 -10.86 -19.68 -51.78
C SER A 482 -9.62 -20.56 -51.93
N ALA A 483 -8.99 -20.94 -50.83
CA ALA A 483 -7.81 -21.79 -50.89
C ALA A 483 -8.20 -23.22 -51.23
N LYS A 484 -7.24 -23.95 -51.81
CA LYS A 484 -7.44 -25.33 -52.25
C LYS A 484 -6.32 -26.19 -51.68
N PRO A 485 -6.41 -26.56 -50.40
CA PRO A 485 -5.35 -27.37 -49.80
C PRO A 485 -5.28 -28.76 -50.42
N LYS A 486 -4.08 -29.33 -50.39
CA LYS A 486 -3.83 -30.66 -50.94
C LYS A 486 -4.10 -31.74 -49.90
N VAL A 487 -5.31 -31.73 -49.34
CA VAL A 487 -5.74 -32.72 -48.36
C VAL A 487 -7.18 -33.11 -48.67
N LEU A 488 -7.55 -34.32 -48.28
CA LEU A 488 -8.90 -34.85 -48.54
C LEU A 488 -9.87 -34.17 -47.60
N LEU A 489 -10.50 -33.09 -48.07
CA LEU A 489 -11.48 -32.35 -47.30
C LEU A 489 -12.86 -32.64 -47.88
N ASP A 490 -13.49 -33.71 -47.38
CA ASP A 490 -14.85 -34.04 -47.83
C ASP A 490 -15.83 -32.95 -47.44
N VAL A 491 -15.71 -32.39 -46.24
CA VAL A 491 -16.64 -31.37 -45.78
C VAL A 491 -16.40 -30.08 -46.53
N LYS A 492 -17.46 -29.30 -46.70
CA LYS A 492 -17.42 -28.00 -47.37
C LYS A 492 -17.68 -26.91 -46.36
N LEU A 493 -16.77 -25.94 -46.26
CA LEU A 493 -16.89 -24.82 -45.34
C LEU A 493 -16.89 -23.52 -46.14
N LYS A 494 -17.99 -22.76 -46.02
CA LYS A 494 -18.10 -21.49 -46.70
C LYS A 494 -17.35 -20.41 -45.93
N ALA A 495 -17.08 -19.29 -46.62
CA ALA A 495 -16.41 -18.17 -45.98
C ALA A 495 -17.21 -17.61 -44.82
N GLU A 496 -18.52 -17.85 -44.78
CA GLU A 496 -19.35 -17.34 -43.70
C GLU A 496 -18.99 -17.95 -42.36
N ASP A 497 -18.27 -19.07 -42.34
CA ASP A 497 -17.92 -19.77 -41.11
C ASP A 497 -16.45 -19.59 -40.75
N PHE A 498 -15.81 -18.53 -41.24
CA PHE A 498 -14.42 -18.23 -40.91
C PHE A 498 -14.31 -16.76 -40.52
N ILE A 499 -13.53 -16.49 -39.48
CA ILE A 499 -13.32 -15.14 -38.97
C ILE A 499 -11.83 -14.91 -38.79
N VAL A 500 -11.39 -13.69 -39.09
CA VAL A 500 -9.98 -13.31 -38.98
C VAL A 500 -9.88 -12.08 -38.11
N ASP A 501 -8.73 -11.93 -37.43
CA ASP A 501 -8.46 -10.80 -36.56
C ASP A 501 -7.16 -10.12 -36.99
N VAL A 502 -7.17 -8.79 -36.96
CA VAL A 502 -6.02 -7.98 -37.35
C VAL A 502 -5.48 -7.31 -36.09
N ILE A 503 -4.18 -7.48 -35.83
CA ILE A 503 -3.53 -6.93 -34.64
C ILE A 503 -2.60 -5.81 -35.08
N ASN A 504 -2.01 -5.12 -34.11
CA ASN A 504 -1.10 -4.02 -34.41
C ASN A 504 0.06 -4.06 -33.43
N MET A 505 1.18 -3.44 -33.82
CA MET A 505 2.35 -3.33 -32.98
C MET A 505 3.29 -2.25 -33.52
N VAL A 518 14.64 11.94 -28.98
CA VAL A 518 15.12 11.45 -27.70
C VAL A 518 16.17 12.40 -27.14
N SER A 519 15.74 13.59 -26.72
CA SER A 519 16.66 14.62 -26.28
C SER A 519 17.18 14.37 -24.87
N PHE A 520 18.48 14.63 -24.69
CA PHE A 520 19.09 14.71 -23.36
C PHE A 520 19.84 16.03 -23.27
N TYR A 521 19.68 16.72 -22.15
CA TYR A 521 20.49 17.89 -21.85
C TYR A 521 21.67 17.51 -20.96
N PHE A 545 10.25 -0.89 -35.87
CA PHE A 545 9.55 -0.64 -34.62
C PHE A 545 8.05 -0.87 -34.76
N ALA A 546 7.65 -1.51 -35.86
CA ALA A 546 6.24 -1.77 -36.11
C ALA A 546 6.09 -3.09 -36.86
N GLU A 547 5.11 -3.88 -36.45
CA GLU A 547 4.79 -5.14 -37.12
C GLU A 547 3.31 -5.43 -36.91
N GLN A 548 2.77 -6.27 -37.78
CA GLN A 548 1.37 -6.64 -37.77
C GLN A 548 1.24 -8.14 -37.58
N LEU A 549 0.35 -8.55 -36.68
CA LEU A 549 0.08 -9.96 -36.41
C LEU A 549 -1.30 -10.33 -36.91
N ILE A 550 -1.41 -11.54 -37.48
CA ILE A 550 -2.67 -12.05 -38.02
C ILE A 550 -3.05 -13.30 -37.25
N ARG A 551 -4.30 -13.36 -36.81
CA ARG A 551 -4.85 -14.53 -36.15
C ARG A 551 -6.09 -14.99 -36.90
N VAL A 552 -6.34 -16.30 -36.86
CA VAL A 552 -7.43 -16.93 -37.61
C VAL A 552 -8.36 -17.61 -36.61
N TYR A 553 -9.67 -17.42 -36.81
CA TYR A 553 -10.67 -17.98 -35.91
C TYR A 553 -11.80 -18.59 -36.73
N CYS A 554 -12.40 -19.65 -36.19
CA CYS A 554 -13.44 -20.40 -36.87
C CYS A 554 -14.75 -20.30 -36.09
N LYS A 555 -15.83 -19.99 -36.82
CA LYS A 555 -17.15 -19.91 -36.18
C LYS A 555 -17.57 -21.27 -35.63
N LYS A 556 -17.33 -22.33 -36.38
CA LYS A 556 -17.68 -23.68 -35.95
C LYS A 556 -16.63 -24.23 -35.00
N VAL A 557 -17.03 -25.24 -34.22
CA VAL A 557 -16.16 -25.78 -33.17
C VAL A 557 -16.08 -27.30 -33.29
N ASP A 558 -16.83 -27.88 -34.22
CA ASP A 558 -16.85 -29.34 -34.36
C ASP A 558 -15.49 -29.86 -34.78
N ARG A 559 -15.08 -30.99 -34.19
CA ARG A 559 -13.77 -31.55 -34.49
C ARG A 559 -13.60 -31.84 -35.97
N LYS A 560 -14.68 -32.22 -36.66
CA LYS A 560 -14.60 -32.44 -38.10
C LYS A 560 -14.19 -31.15 -38.81
N SER A 561 -14.75 -30.01 -38.39
CA SER A 561 -14.38 -28.73 -38.98
C SER A 561 -12.96 -28.31 -38.58
N LEU A 562 -12.46 -28.76 -37.43
CA LEU A 562 -11.11 -28.39 -37.03
C LEU A 562 -10.08 -28.88 -38.03
N TYR A 563 -10.20 -30.13 -38.49
CA TYR A 563 -9.27 -30.65 -39.48
C TYR A 563 -9.37 -29.87 -40.77
N ALA A 564 -10.59 -29.69 -41.28
CA ALA A 564 -10.77 -28.98 -42.55
C ALA A 564 -10.30 -27.54 -42.44
N ALA A 565 -10.65 -26.87 -41.34
CA ALA A 565 -10.28 -25.46 -41.18
C ALA A 565 -8.77 -25.27 -41.22
N ARG A 566 -8.03 -26.18 -40.58
CA ARG A 566 -6.58 -26.05 -40.54
C ARG A 566 -5.97 -26.17 -41.93
N GLN A 567 -6.54 -27.05 -42.78
CA GLN A 567 -5.97 -27.27 -44.09
C GLN A 567 -6.02 -26.01 -44.95
N TYR A 568 -7.15 -25.30 -44.94
CA TYR A 568 -7.20 -24.01 -45.65
C TYR A 568 -6.20 -23.04 -45.05
N PHE A 569 -6.07 -23.03 -43.72
CA PHE A 569 -5.16 -22.10 -43.07
C PHE A 569 -3.74 -22.26 -43.60
N VAL A 570 -3.21 -23.49 -43.57
CA VAL A 570 -1.85 -23.71 -44.06
C VAL A 570 -1.76 -23.39 -45.55
N GLN A 571 -2.74 -23.82 -46.33
CA GLN A 571 -2.74 -23.53 -47.76
C GLN A 571 -2.82 -22.02 -47.99
N TRP A 572 -3.68 -21.32 -47.24
CA TRP A 572 -3.76 -19.88 -47.38
C TRP A 572 -2.48 -19.21 -46.92
N CYS A 573 -1.83 -19.77 -45.90
CA CYS A 573 -0.50 -19.29 -45.52
C CYS A 573 0.48 -19.47 -46.66
N ALA A 574 0.46 -20.64 -47.31
CA ALA A 574 1.31 -20.87 -48.47
C ALA A 574 0.93 -19.94 -49.62
N ASP A 575 -0.38 -19.76 -49.84
CA ASP A 575 -0.83 -18.90 -50.92
C ASP A 575 -0.42 -17.45 -50.69
N ARG A 576 -0.51 -16.97 -49.45
CA ARG A 576 -0.18 -15.59 -49.12
C ARG A 576 1.28 -15.39 -48.78
N ASN A 577 2.07 -16.46 -48.78
CA ASN A 577 3.51 -16.37 -48.53
C ASN A 577 3.80 -15.75 -47.17
N PHE A 578 2.90 -15.95 -46.21
CA PHE A 578 3.08 -15.41 -44.86
C PHE A 578 4.03 -16.29 -44.05
N THR B 114 -7.00 -29.32 -14.65
CA THR B 114 -8.41 -28.93 -14.96
C THR B 114 -8.80 -27.67 -14.19
N MET B 115 -8.20 -27.51 -13.00
CA MET B 115 -8.50 -26.35 -12.17
C MET B 115 -8.15 -25.07 -12.92
N LYS B 116 -9.07 -24.10 -12.88
CA LYS B 116 -8.86 -22.80 -13.49
C LYS B 116 -8.36 -21.80 -12.46
N VAL B 117 -7.48 -20.90 -12.91
CA VAL B 117 -6.89 -19.87 -12.06
C VAL B 117 -7.35 -18.52 -12.57
N ILE B 118 -7.84 -17.68 -11.67
CA ILE B 118 -8.35 -16.36 -12.02
C ILE B 118 -7.60 -15.32 -11.20
N ASN B 119 -7.44 -14.14 -11.79
CA ASN B 119 -6.68 -13.05 -11.19
C ASN B 119 -7.63 -11.97 -10.66
N ASP B 120 -7.44 -11.59 -9.41
CA ASP B 120 -8.14 -10.47 -8.80
C ASP B 120 -7.15 -9.57 -8.08
N PRO B 121 -7.44 -8.27 -7.99
CA PRO B 121 -6.43 -7.35 -7.43
C PRO B 121 -6.27 -7.46 -5.93
N ILE B 122 -7.36 -7.53 -5.18
CA ILE B 122 -7.25 -7.53 -3.71
C ILE B 122 -6.52 -8.78 -3.24
N HIS B 123 -6.96 -9.95 -3.70
CA HIS B 123 -6.32 -11.21 -3.36
C HIS B 123 -5.22 -11.49 -4.39
N GLY B 124 -4.69 -12.71 -4.36
CA GLY B 124 -3.71 -13.12 -5.35
C GLY B 124 -4.36 -13.82 -6.52
N HIS B 125 -4.13 -15.13 -6.63
CA HIS B 125 -4.73 -15.95 -7.67
C HIS B 125 -5.63 -16.99 -7.02
N ILE B 126 -6.84 -17.14 -7.54
CA ILE B 126 -7.84 -18.04 -6.99
C ILE B 126 -7.99 -19.23 -7.93
N GLU B 127 -7.91 -20.43 -7.38
CA GLU B 127 -8.13 -21.65 -8.14
C GLU B 127 -9.59 -22.06 -7.99
N LEU B 128 -10.23 -22.38 -9.11
CA LEU B 128 -11.66 -22.69 -9.14
C LEU B 128 -11.86 -24.17 -9.49
N HIS B 129 -12.58 -24.88 -8.63
CA HIS B 129 -12.94 -26.26 -8.92
C HIS B 129 -13.77 -26.32 -10.19
N PRO B 130 -13.66 -27.41 -10.96
CA PRO B 130 -14.48 -27.49 -12.19
C PRO B 130 -15.96 -27.28 -11.95
N LEU B 131 -16.49 -27.77 -10.83
CA LEU B 131 -17.90 -27.54 -10.53
C LEU B 131 -18.19 -26.05 -10.37
N LEU B 132 -17.30 -25.33 -9.68
CA LEU B 132 -17.50 -23.89 -9.53
C LEU B 132 -17.47 -23.18 -10.87
N VAL B 133 -16.56 -23.58 -11.75
CA VAL B 133 -16.52 -22.97 -13.08
C VAL B 133 -17.79 -23.28 -13.85
N ARG B 134 -18.29 -24.50 -13.73
CA ARG B 134 -19.55 -24.84 -14.39
C ARG B 134 -20.69 -23.97 -13.88
N ILE B 135 -20.72 -23.72 -12.57
CA ILE B 135 -21.76 -22.86 -12.00
C ILE B 135 -21.60 -21.42 -12.47
N ILE B 136 -20.35 -20.96 -12.61
CA ILE B 136 -20.11 -19.55 -12.91
C ILE B 136 -20.63 -19.19 -14.29
N ASP B 137 -20.29 -19.99 -15.30
CA ASP B 137 -20.59 -19.64 -16.69
C ASP B 137 -22.07 -19.92 -16.98
N THR B 138 -22.92 -19.07 -16.42
CA THR B 138 -24.35 -19.12 -16.61
C THR B 138 -24.90 -17.72 -16.72
N PRO B 139 -26.03 -17.53 -17.43
CA PRO B 139 -26.60 -16.17 -17.51
C PRO B 139 -26.94 -15.57 -16.16
N GLN B 140 -27.48 -16.37 -15.24
CA GLN B 140 -27.90 -15.82 -13.95
C GLN B 140 -26.71 -15.28 -13.17
N PHE B 141 -25.60 -16.02 -13.16
CA PHE B 141 -24.42 -15.55 -12.43
C PHE B 141 -23.73 -14.42 -13.18
N GLN B 142 -23.61 -14.54 -14.50
CA GLN B 142 -22.98 -13.48 -15.30
C GLN B 142 -23.77 -12.19 -15.23
N ARG B 143 -25.04 -12.24 -14.83
CA ARG B 143 -25.82 -11.02 -14.66
C ARG B 143 -25.15 -10.05 -13.72
N LEU B 144 -24.39 -10.56 -12.73
CA LEU B 144 -23.80 -9.69 -11.73
C LEU B 144 -22.77 -8.73 -12.30
N ARG B 145 -22.31 -8.96 -13.53
CA ARG B 145 -21.33 -8.07 -14.14
C ARG B 145 -21.88 -6.68 -14.41
N TYR B 146 -23.20 -6.50 -14.39
CA TYR B 146 -23.84 -5.24 -14.74
C TYR B 146 -24.61 -4.66 -13.56
N ILE B 147 -24.06 -4.80 -12.36
CA ILE B 147 -24.59 -4.17 -11.15
C ILE B 147 -23.43 -3.56 -10.40
N LYS B 148 -23.56 -2.29 -10.03
CA LYS B 148 -22.51 -1.59 -9.30
C LYS B 148 -22.70 -1.76 -7.80
N GLN B 149 -21.60 -2.03 -7.10
CA GLN B 149 -21.68 -2.37 -5.68
C GLN B 149 -22.20 -1.21 -4.86
N LEU B 150 -21.59 -0.02 -5.04
CA LEU B 150 -21.96 1.14 -4.23
C LEU B 150 -23.12 1.93 -4.80
N GLY B 151 -23.54 1.64 -6.03
CA GLY B 151 -24.67 2.32 -6.61
C GLY B 151 -24.48 3.82 -6.70
N GLY B 152 -25.19 4.56 -5.86
CA GLY B 152 -25.14 6.01 -5.88
C GLY B 152 -23.80 6.60 -5.49
N GLY B 153 -22.89 5.80 -4.95
CA GLY B 153 -21.58 6.28 -4.58
C GLY B 153 -20.64 6.49 -5.75
N TYR B 154 -21.03 6.09 -6.95
CA TYR B 154 -20.22 6.33 -8.14
C TYR B 154 -20.29 7.78 -8.60
N TYR B 155 -21.29 8.53 -8.15
CA TYR B 155 -21.42 9.94 -8.50
C TYR B 155 -20.74 10.86 -7.51
N VAL B 156 -20.18 10.32 -6.42
CA VAL B 156 -19.42 11.09 -5.44
C VAL B 156 -17.96 10.66 -5.41
N PHE B 157 -17.72 9.35 -5.42
CA PHE B 157 -16.38 8.82 -5.56
C PHE B 157 -16.20 8.31 -6.98
N PRO B 158 -15.48 9.03 -7.85
CA PRO B 158 -15.38 8.57 -9.25
C PRO B 158 -14.69 7.23 -9.41
N GLY B 159 -13.87 6.81 -8.45
CA GLY B 159 -13.09 5.60 -8.59
C GLY B 159 -13.76 4.32 -8.14
N ALA B 160 -15.01 4.38 -7.68
CA ALA B 160 -15.72 3.19 -7.19
C ALA B 160 -16.70 2.75 -8.26
N SER B 161 -16.21 1.93 -9.19
CA SER B 161 -17.01 1.40 -10.28
C SER B 161 -16.99 -0.12 -10.31
N HIS B 162 -16.71 -0.76 -9.16
CA HIS B 162 -16.66 -2.20 -9.10
C HIS B 162 -18.06 -2.78 -8.97
N ASN B 163 -18.17 -4.09 -9.23
CA ASN B 163 -19.44 -4.80 -9.30
C ASN B 163 -19.49 -5.89 -8.23
N ARG B 164 -20.53 -6.71 -8.28
CA ARG B 164 -20.75 -7.77 -7.30
C ARG B 164 -20.13 -9.10 -7.71
N PHE B 165 -19.79 -9.26 -8.99
CA PHE B 165 -19.24 -10.53 -9.46
C PHE B 165 -17.92 -10.86 -8.77
N GLU B 166 -16.98 -9.92 -8.81
CA GLU B 166 -15.69 -10.14 -8.15
C GLU B 166 -15.86 -10.23 -6.63
N HIS B 167 -16.83 -9.52 -6.07
CA HIS B 167 -17.09 -9.63 -4.64
C HIS B 167 -17.50 -11.06 -4.29
N SER B 168 -18.40 -11.66 -5.07
CA SER B 168 -18.80 -13.04 -4.82
C SER B 168 -17.62 -13.98 -4.97
N LEU B 169 -16.81 -13.78 -6.01
CA LEU B 169 -15.64 -14.64 -6.20
C LEU B 169 -14.71 -14.57 -4.99
N GLY B 170 -14.42 -13.36 -4.52
CA GLY B 170 -13.55 -13.21 -3.38
C GLY B 170 -14.12 -13.82 -2.11
N VAL B 171 -15.44 -13.67 -1.90
CA VAL B 171 -16.05 -14.26 -0.72
C VAL B 171 -15.93 -15.78 -0.77
N GLY B 172 -16.16 -16.37 -1.94
CA GLY B 172 -15.99 -17.81 -2.06
C GLY B 172 -14.57 -18.25 -1.75
N TYR B 173 -13.59 -17.52 -2.28
CA TYR B 173 -12.19 -17.86 -2.02
C TYR B 173 -11.88 -17.77 -0.53
N LEU B 174 -12.34 -16.71 0.12
CA LEU B 174 -12.07 -16.53 1.55
C LEU B 174 -12.70 -17.64 2.37
N ALA B 175 -13.95 -18.01 2.06
CA ALA B 175 -14.60 -19.08 2.81
C ALA B 175 -13.85 -20.39 2.62
N GLY B 176 -13.46 -20.71 1.39
CA GLY B 176 -12.71 -21.93 1.16
C GLY B 176 -11.42 -21.96 1.95
N CYS B 177 -10.66 -20.86 1.92
CA CYS B 177 -9.40 -20.82 2.64
C CYS B 177 -9.62 -20.98 4.14
N LEU B 178 -10.64 -20.31 4.68
CA LEU B 178 -10.90 -20.40 6.12
C LEU B 178 -11.25 -21.82 6.53
N VAL B 179 -12.15 -22.47 5.79
CA VAL B 179 -12.54 -23.82 6.17
C VAL B 179 -11.36 -24.78 6.01
N HIS B 180 -10.53 -24.57 4.97
CA HIS B 180 -9.36 -25.41 4.79
C HIS B 180 -8.41 -25.29 5.97
N ALA B 181 -8.14 -24.05 6.42
CA ALA B 181 -7.25 -23.85 7.56
C ALA B 181 -7.82 -24.48 8.82
N LEU B 182 -9.11 -24.29 9.07
CA LEU B 182 -9.73 -24.87 10.26
C LEU B 182 -9.63 -26.39 10.24
N GLY B 183 -9.88 -27.01 9.08
CA GLY B 183 -9.74 -28.45 8.99
C GLY B 183 -8.31 -28.91 9.19
N GLU B 184 -7.35 -28.16 8.65
CA GLU B 184 -5.94 -28.55 8.77
C GLU B 184 -5.48 -28.51 10.22
N LYS B 185 -5.82 -27.45 10.95
CA LYS B 185 -5.27 -27.30 12.30
C LYS B 185 -5.78 -28.40 13.23
N GLN B 186 -7.09 -28.63 13.26
CA GLN B 186 -7.69 -29.61 14.16
C GLN B 186 -8.16 -30.82 13.36
N PRO B 187 -7.52 -31.98 13.48
CA PRO B 187 -7.92 -33.13 12.66
C PRO B 187 -9.09 -33.93 13.20
N GLU B 188 -9.53 -33.69 14.44
CA GLU B 188 -10.60 -34.47 15.03
C GLU B 188 -11.99 -33.90 14.73
N LEU B 189 -12.13 -33.12 13.65
CA LEU B 189 -13.41 -32.59 13.25
C LEU B 189 -14.03 -33.33 12.08
N GLN B 190 -13.22 -34.07 11.31
CA GLN B 190 -13.72 -34.85 10.17
C GLN B 190 -14.35 -33.94 9.12
N ILE B 191 -13.54 -33.04 8.59
CA ILE B 191 -13.95 -32.12 7.53
C ILE B 191 -13.52 -32.72 6.19
N SER B 192 -14.49 -33.02 5.34
CA SER B 192 -14.23 -33.64 4.04
C SER B 192 -14.38 -32.60 2.92
N GLU B 193 -13.98 -33.01 1.71
CA GLU B 193 -14.08 -32.12 0.56
C GLU B 193 -15.52 -31.80 0.20
N ARG B 194 -16.47 -32.68 0.56
CA ARG B 194 -17.88 -32.38 0.32
C ARG B 194 -18.28 -31.09 1.02
N ASP B 195 -17.92 -30.95 2.29
CA ASP B 195 -18.26 -29.75 3.04
C ASP B 195 -17.53 -28.53 2.47
N VAL B 196 -16.28 -28.71 2.04
CA VAL B 196 -15.54 -27.59 1.47
C VAL B 196 -16.22 -27.08 0.22
N LEU B 197 -16.62 -27.99 -0.66
CA LEU B 197 -17.32 -27.57 -1.88
C LEU B 197 -18.66 -26.94 -1.56
N CYS B 198 -19.39 -27.50 -0.59
CA CYS B 198 -20.68 -26.91 -0.21
C CYS B 198 -20.50 -25.49 0.30
N VAL B 199 -19.48 -25.26 1.13
CA VAL B 199 -19.25 -23.92 1.67
C VAL B 199 -18.82 -22.97 0.56
N GLN B 200 -17.97 -23.44 -0.35
CA GLN B 200 -17.55 -22.58 -1.46
C GLN B 200 -18.73 -22.19 -2.33
N ILE B 201 -19.62 -23.13 -2.63
CA ILE B 201 -20.80 -22.82 -3.43
C ILE B 201 -21.70 -21.85 -2.69
N ALA B 202 -21.90 -22.06 -1.38
CA ALA B 202 -22.75 -21.17 -0.60
C ALA B 202 -22.19 -19.76 -0.56
N GLY B 203 -20.87 -19.62 -0.45
CA GLY B 203 -20.27 -18.30 -0.44
C GLY B 203 -20.18 -17.66 -1.81
N LEU B 204 -20.23 -18.45 -2.88
CA LEU B 204 -20.20 -17.93 -4.24
C LEU B 204 -21.57 -17.47 -4.72
N CYS B 205 -22.64 -17.81 -4.00
CA CYS B 205 -24.01 -17.52 -4.44
C CYS B 205 -24.82 -16.92 -3.30
N HIS B 206 -24.26 -15.91 -2.62
CA HIS B 206 -24.94 -15.26 -1.51
C HIS B 206 -25.51 -13.90 -1.86
N ASP B 207 -25.02 -13.25 -2.92
CA ASP B 207 -25.51 -11.96 -3.37
C ASP B 207 -26.12 -12.07 -4.76
N LEU B 208 -26.84 -13.16 -5.01
CA LEU B 208 -27.42 -13.38 -6.33
C LEU B 208 -28.67 -12.54 -6.58
N GLY B 209 -29.41 -12.20 -5.52
CA GLY B 209 -30.69 -11.53 -5.65
C GLY B 209 -30.66 -10.02 -5.65
N HIS B 210 -29.49 -9.40 -5.73
CA HIS B 210 -29.41 -7.96 -5.70
C HIS B 210 -30.10 -7.35 -6.92
N GLY B 211 -30.67 -6.16 -6.74
CA GLY B 211 -31.32 -5.44 -7.80
C GLY B 211 -30.42 -4.34 -8.34
N PRO B 212 -30.95 -3.52 -9.24
CA PRO B 212 -30.16 -2.42 -9.79
C PRO B 212 -29.67 -1.49 -8.69
N PHE B 213 -28.44 -1.03 -8.83
CA PHE B 213 -27.82 -0.12 -7.86
C PHE B 213 -27.73 -0.77 -6.48
N SER B 214 -27.70 -2.10 -6.43
CA SER B 214 -27.42 -2.85 -5.21
C SER B 214 -28.42 -2.54 -4.11
N HIS B 215 -27.98 -1.90 -3.02
CA HIS B 215 -28.82 -1.75 -1.84
C HIS B 215 -29.91 -0.70 -2.02
N MET B 216 -29.75 0.23 -2.97
CA MET B 216 -30.75 1.28 -3.15
C MET B 216 -32.11 0.68 -3.47
N PHE B 217 -32.14 -0.30 -4.37
CA PHE B 217 -33.39 -0.93 -4.77
C PHE B 217 -34.17 -1.39 -3.55
N ASP B 218 -33.62 -2.34 -2.80
CA ASP B 218 -34.33 -2.95 -1.69
C ASP B 218 -34.40 -2.05 -0.46
N GLY B 219 -33.67 -0.94 -0.43
CA GLY B 219 -33.75 -0.04 0.70
C GLY B 219 -34.79 1.04 0.53
N ARG B 220 -34.99 1.51 -0.70
CA ARG B 220 -35.92 2.60 -0.96
C ARG B 220 -37.07 2.20 -1.87
N PHE B 221 -36.79 1.63 -3.04
CA PHE B 221 -37.83 1.50 -4.06
C PHE B 221 -38.90 0.50 -3.65
N ILE B 222 -38.49 -0.69 -3.22
CA ILE B 222 -39.46 -1.73 -2.88
C ILE B 222 -40.35 -1.32 -1.70
N PRO B 223 -39.83 -0.79 -0.60
CA PRO B 223 -40.73 -0.36 0.48
C PRO B 223 -41.74 0.68 0.04
N LEU B 224 -41.42 1.50 -0.96
CA LEU B 224 -42.33 2.51 -1.48
C LEU B 224 -43.20 1.96 -2.61
N ALA B 225 -42.58 1.28 -3.57
CA ALA B 225 -43.33 0.80 -4.73
C ALA B 225 -44.38 -0.23 -4.32
N ARG B 226 -44.00 -1.17 -3.45
CA ARG B 226 -44.89 -2.25 -3.01
C ARG B 226 -44.88 -2.25 -1.49
N PRO B 227 -45.76 -1.47 -0.85
CA PRO B 227 -45.70 -1.35 0.61
C PRO B 227 -46.49 -2.41 1.35
N GLU B 228 -46.86 -3.50 0.68
CA GLU B 228 -47.69 -4.53 1.27
C GLU B 228 -47.00 -5.88 1.34
N VAL B 229 -45.69 -5.94 1.16
CA VAL B 229 -44.95 -7.21 1.19
C VAL B 229 -43.56 -6.97 1.78
N LYS B 230 -43.00 -8.02 2.35
CA LYS B 230 -41.65 -8.00 2.89
C LYS B 230 -40.71 -8.67 1.90
N TRP B 231 -39.59 -8.01 1.60
CA TRP B 231 -38.64 -8.54 0.63
C TRP B 231 -37.24 -8.08 0.98
N THR B 232 -36.35 -9.03 1.27
CA THR B 232 -34.94 -8.79 1.46
C THR B 232 -34.15 -9.58 0.43
N HIS B 233 -33.02 -9.02 0.00
CA HIS B 233 -32.32 -9.58 -1.15
C HIS B 233 -31.84 -11.01 -0.91
N GLU B 234 -31.77 -11.45 0.35
CA GLU B 234 -31.36 -12.84 0.61
C GLU B 234 -32.35 -13.83 0.01
N GLN B 235 -33.65 -13.58 0.18
CA GLN B 235 -34.66 -14.46 -0.40
C GLN B 235 -34.57 -14.44 -1.93
N GLY B 236 -34.34 -13.27 -2.51
CA GLY B 236 -34.15 -13.21 -3.95
C GLY B 236 -32.94 -14.02 -4.41
N SER B 237 -31.85 -13.95 -3.65
CA SER B 237 -30.67 -14.73 -3.99
C SER B 237 -30.98 -16.22 -3.92
N VAL B 238 -31.71 -16.66 -2.90
CA VAL B 238 -32.05 -18.07 -2.77
C VAL B 238 -32.91 -18.50 -3.95
N MET B 239 -33.91 -17.68 -4.30
CA MET B 239 -34.79 -18.02 -5.42
C MET B 239 -34.01 -18.10 -6.72
N MET B 240 -33.09 -17.15 -6.95
CA MET B 240 -32.23 -17.23 -8.12
C MET B 240 -31.39 -18.48 -8.10
N PHE B 241 -30.95 -18.93 -6.92
CA PHE B 241 -30.16 -20.16 -6.82
C PHE B 241 -30.98 -21.36 -7.29
N GLU B 242 -32.21 -21.50 -6.76
CA GLU B 242 -33.04 -22.61 -7.21
C GLU B 242 -33.32 -22.52 -8.70
N HIS B 243 -33.61 -21.31 -9.21
CA HIS B 243 -33.88 -21.17 -10.64
C HIS B 243 -32.69 -21.59 -11.47
N LEU B 244 -31.50 -21.15 -11.08
CA LEU B 244 -30.28 -21.52 -11.80
C LEU B 244 -30.11 -23.03 -11.82
N ILE B 245 -30.18 -23.67 -10.64
CA ILE B 245 -29.91 -25.10 -10.57
C ILE B 245 -30.96 -25.89 -11.34
N ASN B 246 -32.22 -25.46 -11.29
CA ASN B 246 -33.27 -26.20 -11.96
C ASN B 246 -33.24 -26.00 -13.48
N SER B 247 -32.81 -24.82 -13.94
CA SER B 247 -32.84 -24.52 -15.36
C SER B 247 -31.61 -25.04 -16.09
N ASN B 248 -30.43 -24.95 -15.49
CA ASN B 248 -29.20 -25.30 -16.17
C ASN B 248 -28.81 -26.76 -15.98
N GLY B 249 -29.61 -27.55 -15.27
CA GLY B 249 -29.32 -28.96 -15.10
C GLY B 249 -27.93 -29.20 -14.53
N ILE B 250 -27.71 -28.74 -13.30
CA ILE B 250 -26.41 -28.92 -12.63
C ILE B 250 -26.43 -30.07 -11.65
N LYS B 251 -27.58 -30.65 -11.33
CA LYS B 251 -27.63 -31.76 -10.39
C LYS B 251 -26.77 -32.93 -10.83
N PRO B 252 -26.82 -33.38 -12.09
CA PRO B 252 -25.92 -34.48 -12.50
C PRO B 252 -24.45 -34.16 -12.26
N VAL B 253 -24.03 -32.93 -12.52
CA VAL B 253 -22.64 -32.56 -12.32
C VAL B 253 -22.30 -32.62 -10.84
N MET B 254 -23.20 -32.16 -9.98
CA MET B 254 -22.96 -32.23 -8.54
C MET B 254 -22.85 -33.68 -8.10
N GLU B 255 -23.72 -34.56 -8.61
CA GLU B 255 -23.62 -35.97 -8.27
C GLU B 255 -22.30 -36.56 -8.73
N GLN B 256 -21.80 -36.14 -9.90
CA GLN B 256 -20.58 -36.71 -10.43
C GLN B 256 -19.40 -36.52 -9.48
N TYR B 257 -19.42 -35.49 -8.65
CA TYR B 257 -18.27 -35.12 -7.82
C TYR B 257 -18.51 -35.40 -6.34
N GLY B 258 -19.30 -36.43 -6.04
CA GLY B 258 -19.46 -36.89 -4.67
C GLY B 258 -20.50 -36.17 -3.85
N LEU B 259 -21.14 -35.14 -4.39
CA LEU B 259 -22.20 -34.44 -3.68
C LEU B 259 -23.52 -35.17 -3.84
N ILE B 260 -24.35 -35.07 -2.81
CA ILE B 260 -25.71 -35.59 -2.84
C ILE B 260 -26.66 -34.39 -2.93
N PRO B 261 -27.24 -34.09 -4.09
CA PRO B 261 -28.01 -32.85 -4.22
C PRO B 261 -29.14 -32.72 -3.21
N GLU B 262 -29.82 -33.82 -2.90
CA GLU B 262 -31.01 -33.75 -2.05
C GLU B 262 -30.71 -33.12 -0.70
N GLU B 263 -29.47 -33.20 -0.24
CA GLU B 263 -29.05 -32.63 1.03
C GLU B 263 -28.12 -31.44 0.87
N ASP B 264 -27.20 -31.49 -0.09
CA ASP B 264 -26.28 -30.38 -0.30
C ASP B 264 -27.02 -29.12 -0.74
N ILE B 265 -28.06 -29.27 -1.56
CA ILE B 265 -28.83 -28.11 -1.99
C ILE B 265 -29.51 -27.46 -0.79
N CYS B 266 -30.11 -28.25 0.09
CA CYS B 266 -30.74 -27.70 1.28
C CYS B 266 -29.72 -27.04 2.20
N PHE B 267 -28.54 -27.65 2.34
CA PHE B 267 -27.49 -27.05 3.14
C PHE B 267 -27.06 -25.70 2.57
N ILE B 268 -26.91 -25.63 1.25
CA ILE B 268 -26.52 -24.37 0.61
C ILE B 268 -27.61 -23.31 0.83
N LYS B 269 -28.88 -23.71 0.70
CA LYS B 269 -29.96 -22.77 0.97
C LYS B 269 -29.88 -22.25 2.40
N GLU B 270 -29.70 -23.15 3.36
CA GLU B 270 -29.67 -22.75 4.76
C GLU B 270 -28.51 -21.82 5.06
N GLN B 271 -27.36 -22.06 4.44
CA GLN B 271 -26.18 -21.24 4.71
C GLN B 271 -26.39 -19.78 4.33
N ILE B 272 -27.39 -19.48 3.50
CA ILE B 272 -27.59 -18.13 2.97
C ILE B 272 -28.60 -17.34 3.80
N VAL B 273 -29.76 -17.93 4.08
CA VAL B 273 -30.85 -17.22 4.76
C VAL B 273 -30.91 -17.59 6.24
N GLY B 274 -30.86 -18.88 6.56
CA GLY B 274 -30.96 -19.32 7.92
C GLY B 274 -32.06 -20.35 8.11
N PRO B 275 -32.43 -20.61 9.36
CA PRO B 275 -33.48 -21.61 9.62
C PRO B 275 -34.80 -21.21 8.97
N LEU B 276 -35.56 -22.22 8.57
CA LEU B 276 -36.87 -22.01 7.97
C LEU B 276 -37.94 -22.83 8.67
N LEU B 284 -34.30 -25.79 20.88
CA LEU B 284 -33.67 -26.94 20.24
C LEU B 284 -32.82 -26.50 19.06
N TRP B 285 -32.24 -27.47 18.37
CA TRP B 285 -31.37 -27.21 17.22
C TRP B 285 -32.22 -27.19 15.94
N PRO B 286 -32.32 -26.05 15.24
CA PRO B 286 -33.27 -25.96 14.13
C PRO B 286 -32.75 -26.40 12.76
N TYR B 287 -31.43 -26.37 12.57
CA TYR B 287 -30.89 -26.60 11.24
C TYR B 287 -31.05 -28.06 10.82
N LYS B 288 -30.99 -28.28 9.50
CA LYS B 288 -31.17 -29.60 8.92
C LYS B 288 -30.13 -29.99 7.87
N GLY B 289 -29.26 -29.06 7.45
CA GLY B 289 -28.33 -29.37 6.39
C GLY B 289 -27.29 -30.41 6.77
N ARG B 290 -26.73 -30.29 7.96
CA ARG B 290 -25.65 -31.14 8.46
C ARG B 290 -26.04 -31.71 9.81
N PRO B 291 -25.26 -32.65 10.34
CA PRO B 291 -25.52 -33.10 11.72
C PRO B 291 -25.24 -32.00 12.74
N GLU B 292 -25.49 -32.29 14.02
CA GLU B 292 -25.34 -31.29 15.06
C GLU B 292 -23.89 -31.07 15.46
N ASN B 293 -22.96 -31.93 15.05
CA ASN B 293 -21.55 -31.78 15.37
C ASN B 293 -20.78 -31.00 14.32
N LYS B 294 -21.46 -30.47 13.30
CA LYS B 294 -20.84 -29.63 12.28
C LYS B 294 -21.40 -28.21 12.34
N SER B 295 -21.77 -27.76 13.54
CA SER B 295 -22.39 -26.45 13.69
C SER B 295 -21.46 -25.31 13.30
N PHE B 296 -20.14 -25.50 13.42
CA PHE B 296 -19.22 -24.41 13.13
C PHE B 296 -19.20 -24.04 11.65
N LEU B 297 -19.76 -24.89 10.78
CA LEU B 297 -19.76 -24.59 9.36
C LEU B 297 -20.77 -23.50 8.99
N TYR B 298 -21.73 -23.22 9.86
CA TYR B 298 -22.74 -22.21 9.60
C TYR B 298 -22.30 -20.80 9.96
N GLU B 299 -21.08 -20.64 10.48
CA GLU B 299 -20.57 -19.35 10.92
C GLU B 299 -19.36 -18.92 10.09
N ILE B 300 -19.38 -19.22 8.79
CA ILE B 300 -18.28 -18.93 7.89
C ILE B 300 -18.68 -17.97 6.79
N VAL B 301 -19.85 -18.15 6.19
CA VAL B 301 -20.29 -17.31 5.08
C VAL B 301 -21.09 -16.11 5.58
N SER B 302 -22.03 -16.34 6.50
CA SER B 302 -22.83 -15.26 7.09
C SER B 302 -23.18 -15.66 8.51
N ASN B 303 -22.68 -14.89 9.48
CA ASN B 303 -22.87 -15.19 10.89
C ASN B 303 -24.03 -14.37 11.43
N LYS B 304 -24.93 -15.05 12.15
CA LYS B 304 -26.07 -14.39 12.77
C LYS B 304 -25.86 -14.10 14.25
N ARG B 305 -24.99 -14.86 14.92
CA ARG B 305 -24.84 -14.71 16.37
C ARG B 305 -24.26 -13.36 16.73
N ASN B 306 -23.15 -12.98 16.11
CA ASN B 306 -22.51 -11.70 16.38
C ASN B 306 -22.24 -10.89 15.11
N GLY B 307 -21.90 -11.54 14.02
CA GLY B 307 -21.68 -10.84 12.76
C GLY B 307 -20.22 -10.77 12.34
N ILE B 308 -19.47 -11.83 12.61
CA ILE B 308 -18.09 -11.94 12.14
C ILE B 308 -18.05 -13.03 11.09
N ASP B 309 -17.80 -12.66 9.85
CA ASP B 309 -17.77 -13.60 8.73
C ASP B 309 -16.79 -13.07 7.69
N VAL B 310 -16.84 -13.65 6.49
CA VAL B 310 -15.91 -13.27 5.42
C VAL B 310 -16.46 -12.18 4.53
N ASP B 311 -17.77 -11.93 4.54
CA ASP B 311 -18.32 -10.81 3.79
C ASP B 311 -17.74 -9.49 4.29
N LYS B 312 -17.79 -9.27 5.61
CA LYS B 312 -17.14 -8.12 6.22
C LYS B 312 -15.69 -8.40 6.51
N TRP B 313 -15.05 -9.09 5.58
CA TRP B 313 -13.61 -9.22 5.43
C TRP B 313 -13.19 -8.99 3.99
N ASP B 314 -14.07 -9.23 3.02
CA ASP B 314 -13.81 -8.98 1.61
C ASP B 314 -14.20 -7.57 1.22
N TYR B 315 -15.43 -7.12 1.54
CA TYR B 315 -15.77 -5.82 0.98
C TYR B 315 -15.04 -4.70 1.70
N PHE B 316 -14.59 -4.93 2.93
CA PHE B 316 -13.69 -3.96 3.56
C PHE B 316 -12.51 -3.65 2.64
N ALA B 317 -11.75 -4.68 2.30
CA ALA B 317 -10.56 -4.48 1.48
C ALA B 317 -10.92 -3.94 0.12
N ARG B 318 -11.97 -4.47 -0.51
CA ARG B 318 -12.31 -4.03 -1.87
C ARG B 318 -12.73 -2.57 -1.88
N ASP B 319 -13.62 -2.17 -0.97
CA ASP B 319 -14.06 -0.78 -0.92
C ASP B 319 -12.93 0.16 -0.57
N CYS B 320 -12.06 -0.24 0.37
CA CYS B 320 -10.97 0.64 0.76
C CYS B 320 -9.89 0.72 -0.32
N HIS B 321 -9.81 -0.30 -1.18
CA HIS B 321 -8.90 -0.22 -2.32
C HIS B 321 -9.45 0.69 -3.41
N HIS B 322 -10.74 0.59 -3.70
CA HIS B 322 -11.31 1.33 -4.84
C HIS B 322 -11.60 2.77 -4.46
N LEU B 323 -12.25 3.00 -3.32
CA LEU B 323 -12.57 4.37 -2.90
C LEU B 323 -11.30 5.19 -2.74
N GLY B 324 -10.30 4.64 -2.05
CA GLY B 324 -9.10 5.37 -1.72
C GLY B 324 -8.90 5.62 -0.24
N ILE B 325 -9.79 5.11 0.61
CA ILE B 325 -9.70 5.28 2.06
C ILE B 325 -8.93 4.08 2.61
N GLN B 326 -7.82 4.35 3.29
CA GLN B 326 -7.00 3.27 3.83
C GLN B 326 -7.73 2.54 4.94
N ASN B 327 -7.43 1.25 5.08
CA ASN B 327 -8.09 0.39 6.04
C ASN B 327 -7.09 -0.07 7.12
N ASN B 328 -7.63 -0.37 8.29
CA ASN B 328 -6.82 -0.80 9.44
C ASN B 328 -6.98 -2.27 9.77
N PHE B 329 -8.12 -2.87 9.46
CA PHE B 329 -8.38 -4.25 9.86
C PHE B 329 -7.43 -5.21 9.16
N ASP B 330 -7.10 -6.30 9.86
CA ASP B 330 -6.25 -7.36 9.34
C ASP B 330 -6.90 -8.70 9.64
N TYR B 331 -7.23 -9.46 8.59
CA TYR B 331 -7.97 -10.70 8.73
C TYR B 331 -7.07 -11.93 8.75
N LYS B 332 -5.90 -11.88 8.10
CA LYS B 332 -4.99 -13.02 8.13
C LYS B 332 -4.56 -13.34 9.56
N ARG B 333 -4.26 -12.31 10.34
CA ARG B 333 -3.90 -12.54 11.74
C ARG B 333 -5.03 -13.22 12.49
N PHE B 334 -6.27 -12.78 12.25
CA PHE B 334 -7.41 -13.42 12.92
C PHE B 334 -7.53 -14.88 12.52
N ILE B 335 -7.35 -15.17 11.22
CA ILE B 335 -7.41 -16.56 10.77
C ILE B 335 -6.33 -17.38 11.45
N LYS B 336 -5.15 -16.79 11.65
CA LYS B 336 -4.05 -17.52 12.25
C LYS B 336 -4.33 -17.93 13.69
N PHE B 337 -5.31 -17.32 14.34
CA PHE B 337 -5.62 -17.55 15.74
C PHE B 337 -7.09 -17.92 15.92
N ALA B 338 -7.58 -18.86 15.12
CA ALA B 338 -8.96 -19.31 15.15
C ALA B 338 -9.03 -20.78 15.55
N ARG B 339 -10.00 -21.11 16.40
CA ARG B 339 -10.14 -22.45 16.93
C ARG B 339 -11.62 -22.72 17.18
N VAL B 340 -11.95 -23.96 17.49
CA VAL B 340 -13.29 -24.37 17.87
C VAL B 340 -13.26 -24.84 19.32
N CYS B 341 -14.11 -24.26 20.16
CA CYS B 341 -14.07 -24.49 21.60
C CYS B 341 -15.22 -25.32 22.13
N GLU B 342 -16.23 -25.63 21.31
CA GLU B 342 -17.36 -26.45 21.75
C GLU B 342 -18.07 -25.80 22.95
N VAL B 343 -18.66 -24.64 22.67
CA VAL B 343 -19.32 -23.85 23.70
C VAL B 343 -20.77 -24.29 23.82
N ASP B 344 -21.14 -24.79 25.00
CA ASP B 344 -22.54 -25.11 25.32
C ASP B 344 -23.11 -26.13 24.34
N ASN B 345 -22.39 -27.23 24.15
CA ASN B 345 -22.76 -28.34 23.28
C ASN B 345 -22.85 -27.90 21.82
N GLU B 346 -22.43 -26.69 21.48
CA GLU B 346 -22.57 -26.12 20.14
C GLU B 346 -21.17 -25.82 19.62
N LEU B 347 -20.64 -26.71 18.79
CA LEU B 347 -19.34 -26.47 18.18
C LEU B 347 -19.34 -25.13 17.46
N ARG B 348 -18.56 -24.18 17.96
CA ARG B 348 -18.54 -22.84 17.44
C ARG B 348 -17.10 -22.38 17.24
N ILE B 349 -16.88 -21.61 16.18
CA ILE B 349 -15.59 -20.99 15.97
C ILE B 349 -15.33 -20.01 17.10
N CYS B 350 -14.13 -20.09 17.68
CA CYS B 350 -13.80 -19.30 18.86
C CYS B 350 -12.41 -18.69 18.67
N ALA B 351 -12.27 -17.42 19.05
CA ALA B 351 -11.02 -16.70 18.86
C ALA B 351 -10.18 -16.74 20.13
N ARG B 352 -9.06 -16.03 20.10
CA ARG B 352 -8.13 -16.01 21.22
C ARG B 352 -8.40 -14.81 22.12
N ASP B 353 -8.07 -14.97 23.41
CA ASP B 353 -8.45 -13.98 24.41
C ASP B 353 -7.70 -12.65 24.26
N LYS B 354 -6.68 -12.58 23.40
CA LYS B 354 -5.91 -11.36 23.21
C LYS B 354 -6.37 -10.55 22.01
N GLU B 355 -7.43 -10.97 21.33
CA GLU B 355 -7.90 -10.32 20.11
C GLU B 355 -9.14 -9.46 20.32
N VAL B 356 -9.42 -9.07 21.57
CA VAL B 356 -10.59 -8.25 21.83
C VAL B 356 -10.43 -6.87 21.20
N GLY B 357 -9.26 -6.25 21.42
CA GLY B 357 -9.03 -4.94 20.84
C GLY B 357 -9.14 -4.93 19.34
N ASN B 358 -8.69 -6.00 18.69
CA ASN B 358 -8.77 -6.06 17.23
C ASN B 358 -10.22 -6.16 16.76
N LEU B 359 -11.06 -6.90 17.49
CA LEU B 359 -12.47 -6.96 17.13
C LEU B 359 -13.14 -5.59 17.29
N TYR B 360 -12.85 -4.90 18.40
CA TYR B 360 -13.40 -3.56 18.55
C TYR B 360 -12.89 -2.64 17.45
N ASP B 361 -11.63 -2.83 17.04
CA ASP B 361 -11.06 -2.02 15.97
C ASP B 361 -11.79 -2.26 14.65
N MET B 362 -12.08 -3.52 14.33
CA MET B 362 -12.78 -3.80 13.07
C MET B 362 -14.18 -3.21 13.09
N PHE B 363 -14.87 -3.31 14.22
CA PHE B 363 -16.21 -2.71 14.29
C PHE B 363 -16.12 -1.19 14.16
N HIS B 364 -15.12 -0.57 14.79
CA HIS B 364 -14.95 0.87 14.65
C HIS B 364 -14.64 1.26 13.21
N THR B 365 -13.84 0.44 12.51
CA THR B 365 -13.53 0.74 11.11
C THR B 365 -14.77 0.61 10.24
N ARG B 366 -15.61 -0.39 10.50
CA ARG B 366 -16.87 -0.50 9.77
C ARG B 366 -17.74 0.73 10.00
N ASN B 367 -17.84 1.18 11.25
CA ASN B 367 -18.62 2.38 11.54
C ASN B 367 -18.03 3.58 10.82
N SER B 368 -16.71 3.70 10.80
CA SER B 368 -16.07 4.81 10.11
C SER B 368 -16.38 4.78 8.61
N LEU B 369 -16.31 3.61 7.99
CA LEU B 369 -16.63 3.52 6.58
C LEU B 369 -18.07 3.92 6.31
N HIS B 370 -19.00 3.44 7.16
CA HIS B 370 -20.40 3.82 6.99
C HIS B 370 -20.61 5.32 7.14
N ARG B 371 -19.96 5.93 8.13
CA ARG B 371 -20.13 7.37 8.34
C ARG B 371 -19.45 8.18 7.24
N ARG B 372 -18.43 7.61 6.58
CA ARG B 372 -17.64 8.36 5.61
C ARG B 372 -18.19 8.25 4.20
N ALA B 373 -18.30 7.03 3.67
CA ALA B 373 -18.57 6.82 2.25
C ALA B 373 -20.02 6.44 1.98
N TYR B 374 -20.52 5.37 2.60
CA TYR B 374 -21.84 4.87 2.25
C TYR B 374 -22.93 5.89 2.56
N GLN B 375 -22.81 6.58 3.70
CA GLN B 375 -23.85 7.50 4.16
C GLN B 375 -23.52 8.96 3.82
N HIS B 376 -22.86 9.19 2.70
CA HIS B 376 -22.66 10.56 2.23
C HIS B 376 -24.01 11.20 1.90
N LYS B 377 -24.12 12.50 2.15
CA LYS B 377 -25.40 13.17 1.95
C LYS B 377 -25.68 13.38 0.47
N VAL B 378 -24.65 13.75 -0.31
CA VAL B 378 -24.86 13.95 -1.74
C VAL B 378 -25.26 12.64 -2.42
N GLY B 379 -24.59 11.55 -2.05
CA GLY B 379 -24.98 10.25 -2.57
C GLY B 379 -26.41 9.90 -2.21
N ASN B 380 -26.81 10.21 -0.96
CA ASN B 380 -28.17 9.91 -0.53
C ASN B 380 -29.20 10.70 -1.34
N ILE B 381 -28.94 11.98 -1.58
CA ILE B 381 -29.90 12.77 -2.34
C ILE B 381 -29.96 12.31 -3.79
N ILE B 382 -28.81 11.95 -4.36
CA ILE B 382 -28.81 11.43 -5.73
C ILE B 382 -29.62 10.14 -5.79
N ASP B 383 -29.44 9.26 -4.80
CA ASP B 383 -30.23 8.02 -4.77
C ASP B 383 -31.71 8.33 -4.65
N THR B 384 -32.07 9.31 -3.82
CA THR B 384 -33.49 9.66 -3.68
C THR B 384 -34.07 10.15 -5.00
N MET B 385 -33.33 10.99 -5.72
CA MET B 385 -33.83 11.46 -7.02
C MET B 385 -33.95 10.32 -8.01
N ILE B 386 -32.99 9.38 -8.01
CA ILE B 386 -33.07 8.24 -8.91
C ILE B 386 -34.29 7.39 -8.58
N THR B 387 -34.56 7.18 -7.28
CA THR B 387 -35.73 6.40 -6.89
C THR B 387 -37.02 7.10 -7.32
N ASP B 388 -37.07 8.43 -7.16
CA ASP B 388 -38.25 9.17 -7.61
C ASP B 388 -38.44 9.04 -9.11
N ALA B 389 -37.35 9.13 -9.87
CA ALA B 389 -37.44 8.96 -11.32
C ALA B 389 -37.95 7.58 -11.68
N PHE B 390 -37.44 6.55 -11.00
CA PHE B 390 -37.92 5.19 -11.26
C PHE B 390 -39.41 5.07 -10.96
N LEU B 391 -39.85 5.62 -9.83
CA LEU B 391 -41.26 5.52 -9.47
C LEU B 391 -42.14 6.23 -10.50
N LYS B 392 -41.70 7.40 -10.97
CA LYS B 392 -42.50 8.12 -11.96
C LYS B 392 -42.44 7.45 -13.32
N ALA B 393 -41.38 6.68 -13.59
CA ALA B 393 -41.26 5.94 -14.84
C ALA B 393 -41.97 4.59 -14.82
N ASP B 394 -42.40 4.13 -13.65
CA ASP B 394 -43.07 2.84 -13.56
C ASP B 394 -44.43 2.90 -14.25
N ASP B 395 -44.92 1.72 -14.61
CA ASP B 395 -46.16 1.49 -15.37
C ASP B 395 -45.93 1.71 -16.86
N TYR B 396 -44.74 2.12 -17.28
CA TYR B 396 -44.46 2.40 -18.68
C TYR B 396 -43.32 1.55 -19.24
N ILE B 397 -42.71 0.68 -18.42
CA ILE B 397 -41.63 -0.21 -18.85
C ILE B 397 -42.14 -1.63 -18.74
N GLU B 398 -42.00 -2.39 -19.82
CA GLU B 398 -42.52 -3.76 -19.91
C GLU B 398 -41.34 -4.74 -20.03
N ILE B 399 -41.38 -5.79 -19.22
CA ILE B 399 -40.38 -6.86 -19.26
C ILE B 399 -41.12 -8.18 -19.42
N THR B 400 -40.66 -8.99 -20.37
CA THR B 400 -41.32 -10.26 -20.69
C THR B 400 -40.70 -11.38 -19.86
N GLY B 401 -41.55 -12.12 -19.16
CA GLY B 401 -41.10 -13.20 -18.31
C GLY B 401 -41.38 -14.57 -18.89
N ALA B 402 -41.51 -15.58 -18.01
CA ALA B 402 -41.76 -16.94 -18.46
C ALA B 402 -43.21 -17.08 -18.92
N GLY B 403 -43.41 -17.72 -20.07
CA GLY B 403 -44.73 -17.95 -20.60
C GLY B 403 -45.32 -16.80 -21.39
N GLY B 404 -44.59 -15.70 -21.54
CA GLY B 404 -45.08 -14.58 -22.31
C GLY B 404 -45.80 -13.51 -21.51
N LYS B 405 -45.70 -13.55 -20.18
CA LYS B 405 -46.30 -12.51 -19.36
C LYS B 405 -45.43 -11.26 -19.38
N LYS B 406 -46.05 -10.13 -19.06
CA LYS B 406 -45.39 -8.83 -19.00
C LYS B 406 -45.40 -8.34 -17.57
N TYR B 407 -44.22 -7.95 -17.07
CA TYR B 407 -44.04 -7.56 -15.69
C TYR B 407 -43.50 -6.14 -15.60
N ARG B 408 -44.00 -5.38 -14.64
CA ARG B 408 -43.49 -4.05 -14.38
C ARG B 408 -42.13 -4.14 -13.70
N ILE B 409 -41.54 -2.98 -13.43
CA ILE B 409 -40.29 -2.95 -12.66
C ILE B 409 -40.54 -3.44 -11.24
N SER B 410 -41.68 -3.06 -10.65
CA SER B 410 -41.97 -3.38 -9.27
C SER B 410 -42.39 -4.84 -9.09
N THR B 411 -43.06 -5.42 -10.07
CA THR B 411 -43.59 -6.78 -9.96
C THR B 411 -42.62 -7.84 -10.45
N ALA B 412 -41.44 -7.45 -10.94
CA ALA B 412 -40.51 -8.42 -11.50
C ALA B 412 -39.95 -9.37 -10.46
N ILE B 413 -40.13 -9.07 -9.17
CA ILE B 413 -39.59 -9.91 -8.10
C ILE B 413 -40.42 -11.18 -7.94
N ASP B 414 -41.49 -11.32 -8.73
CA ASP B 414 -42.36 -12.47 -8.65
C ASP B 414 -42.01 -13.57 -9.64
N ASP B 415 -41.46 -13.22 -10.81
CA ASP B 415 -41.06 -14.18 -11.82
C ASP B 415 -39.57 -13.98 -12.07
N MET B 416 -38.77 -14.97 -11.68
CA MET B 416 -37.32 -14.82 -11.77
C MET B 416 -36.83 -14.76 -13.22
N GLU B 417 -37.58 -15.34 -14.15
CA GLU B 417 -37.18 -15.23 -15.55
C GLU B 417 -37.19 -13.78 -16.01
N ALA B 418 -38.20 -13.02 -15.59
CA ALA B 418 -38.20 -11.59 -15.90
C ALA B 418 -37.19 -10.84 -15.04
N TYR B 419 -37.00 -11.28 -13.80
CA TYR B 419 -36.04 -10.62 -12.91
C TYR B 419 -34.61 -10.74 -13.40
N THR B 420 -34.30 -11.78 -14.16
CA THR B 420 -32.95 -11.94 -14.70
C THR B 420 -32.62 -10.88 -15.75
N LYS B 421 -33.62 -10.19 -16.28
CA LYS B 421 -33.42 -9.13 -17.26
C LYS B 421 -33.52 -7.75 -16.63
N LEU B 422 -33.51 -7.66 -15.31
CA LEU B 422 -33.60 -6.38 -14.60
C LEU B 422 -32.21 -6.07 -14.04
N THR B 423 -31.56 -5.06 -14.60
CA THR B 423 -30.21 -4.68 -14.20
C THR B 423 -30.07 -3.16 -14.18
N ASP B 424 -28.84 -2.67 -14.15
CA ASP B 424 -28.58 -1.24 -14.14
C ASP B 424 -28.97 -0.61 -15.47
N ASN B 425 -29.29 -1.44 -16.46
CA ASN B 425 -29.65 -0.94 -17.78
C ASN B 425 -30.93 -0.12 -17.77
N ILE B 426 -31.77 -0.26 -16.74
CA ILE B 426 -33.03 0.47 -16.70
C ILE B 426 -32.77 1.97 -16.65
N PHE B 427 -31.74 2.38 -15.92
CA PHE B 427 -31.39 3.80 -15.86
C PHE B 427 -31.20 4.37 -17.26
N LEU B 428 -30.40 3.70 -18.09
CA LEU B 428 -30.12 4.23 -19.42
C LEU B 428 -31.30 4.03 -20.36
N GLU B 429 -32.10 2.99 -20.15
CA GLU B 429 -33.31 2.83 -20.95
C GLU B 429 -34.25 4.01 -20.74
N ILE B 430 -34.43 4.42 -19.49
CA ILE B 430 -35.27 5.58 -19.21
C ILE B 430 -34.62 6.86 -19.73
N LEU B 431 -33.31 6.99 -19.53
CA LEU B 431 -32.62 8.25 -19.84
C LEU B 431 -32.69 8.58 -21.33
N TYR B 432 -32.46 7.59 -22.19
CA TYR B 432 -32.38 7.84 -23.63
C TYR B 432 -33.70 7.64 -24.35
N SER B 433 -34.77 7.34 -23.63
CA SER B 433 -36.05 7.09 -24.29
C SER B 433 -36.52 8.35 -25.01
N THR B 434 -37.56 8.17 -25.83
CA THR B 434 -38.18 9.27 -26.56
C THR B 434 -39.69 9.29 -26.45
N ASP B 435 -40.31 8.28 -25.85
CA ASP B 435 -41.75 8.26 -25.69
C ASP B 435 -42.19 9.44 -24.82
N PRO B 436 -43.15 10.24 -25.25
CA PRO B 436 -43.59 11.36 -24.40
C PRO B 436 -44.15 10.93 -23.07
N LYS B 437 -44.61 9.68 -22.95
CA LYS B 437 -45.13 9.22 -21.66
CA LYS B 437 -45.13 9.20 -21.67
C LYS B 437 -44.07 9.23 -20.57
N LEU B 438 -42.80 9.19 -20.95
CA LEU B 438 -41.69 9.18 -19.99
C LEU B 438 -41.00 10.53 -19.91
N LYS B 439 -41.75 11.63 -20.01
CA LYS B 439 -41.14 12.94 -19.93
C LYS B 439 -40.63 13.25 -18.53
N ASP B 440 -41.39 12.86 -17.51
CA ASP B 440 -41.04 13.24 -16.13
C ASP B 440 -39.74 12.58 -15.69
N ALA B 441 -39.64 11.25 -15.87
CA ALA B 441 -38.44 10.55 -15.45
C ALA B 441 -37.22 11.00 -16.26
N ARG B 442 -37.40 11.17 -17.57
CA ARG B 442 -36.30 11.65 -18.39
C ARG B 442 -35.83 13.02 -17.92
N GLU B 443 -36.78 13.90 -17.60
CA GLU B 443 -36.41 15.23 -17.11
C GLU B 443 -35.64 15.15 -15.80
N ILE B 444 -36.12 14.32 -14.87
CA ILE B 444 -35.44 14.21 -13.58
C ILE B 444 -34.02 13.68 -13.76
N LEU B 445 -33.86 12.65 -14.59
CA LEU B 445 -32.52 12.12 -14.82
C LEU B 445 -31.65 13.14 -15.53
N LYS B 446 -32.22 13.94 -16.42
CA LYS B 446 -31.46 14.99 -17.09
C LYS B 446 -30.96 16.02 -16.08
N GLN B 447 -31.81 16.39 -15.12
CA GLN B 447 -31.36 17.27 -14.05
C GLN B 447 -30.24 16.63 -13.25
N ILE B 448 -30.36 15.34 -12.95
CA ILE B 448 -29.24 14.62 -12.34
C ILE B 448 -27.99 14.78 -13.20
N GLU B 449 -28.17 14.87 -14.52
CA GLU B 449 -27.04 14.96 -15.45
C GLU B 449 -26.50 16.37 -15.60
N TYR B 450 -27.18 17.38 -15.05
CA TYR B 450 -26.70 18.75 -15.04
C TYR B 450 -26.27 19.21 -13.65
N ARG B 451 -26.32 18.32 -12.65
CA ARG B 451 -25.96 18.66 -11.28
C ARG B 451 -26.83 19.78 -10.73
N ASN B 452 -28.11 19.76 -11.09
CA ASN B 452 -29.11 20.62 -10.47
C ASN B 452 -29.81 19.84 -9.36
N LEU B 453 -29.02 19.48 -8.35
CA LEU B 453 -29.48 18.60 -7.28
C LEU B 453 -30.32 19.38 -6.28
N PHE B 454 -31.07 18.63 -5.48
CA PHE B 454 -31.78 19.21 -4.36
C PHE B 454 -30.78 19.72 -3.33
N LYS B 455 -31.14 20.81 -2.66
CA LYS B 455 -30.22 21.45 -1.73
C LYS B 455 -30.35 20.85 -0.33
N TYR B 456 -29.33 21.11 0.49
CA TYR B 456 -29.25 20.64 1.86
C TYR B 456 -29.50 21.82 2.79
N VAL B 457 -30.45 21.65 3.72
CA VAL B 457 -30.90 22.73 4.58
C VAL B 457 -30.35 22.61 5.99
N GLY B 458 -30.58 21.49 6.66
CA GLY B 458 -30.16 21.36 8.05
C GLY B 458 -30.12 19.92 8.50
N GLU B 459 -29.71 19.74 9.76
CA GLU B 459 -29.51 18.40 10.34
C GLU B 459 -29.76 18.49 11.84
N THR B 460 -30.85 17.87 12.29
CA THR B 460 -31.09 17.73 13.72
C THR B 460 -30.04 16.83 14.33
N GLN B 461 -29.28 17.35 15.29
CA GLN B 461 -28.28 16.55 16.00
C GLN B 461 -28.93 15.25 16.47
N PRO B 462 -28.13 14.20 16.72
CA PRO B 462 -28.72 12.89 17.07
C PRO B 462 -29.85 13.00 18.09
N THR B 463 -31.04 12.58 17.69
CA THR B 463 -32.24 12.74 18.49
C THR B 463 -32.10 12.05 19.84
N GLY B 464 -32.48 12.76 20.91
CA GLY B 464 -32.44 12.20 22.24
C GLY B 464 -33.76 11.58 22.64
N GLN B 465 -34.33 10.76 21.76
CA GLN B 465 -35.59 10.08 22.02
C GLN B 465 -35.34 8.58 21.88
N ILE B 466 -36.42 7.79 21.93
CA ILE B 466 -36.29 6.34 21.83
C ILE B 466 -35.92 5.96 20.41
N LYS B 467 -36.79 6.26 19.45
CA LYS B 467 -36.51 6.02 18.04
C LYS B 467 -37.73 6.43 17.22
N ILE B 468 -37.49 6.61 15.92
CA ILE B 468 -38.57 6.83 14.95
C ILE B 468 -38.72 5.56 14.13
N LYS B 469 -39.92 4.98 14.16
CA LYS B 469 -40.14 3.71 13.48
C LYS B 469 -40.19 3.92 11.96
N ARG B 470 -40.05 2.80 11.23
CA ARG B 470 -40.05 2.87 9.77
C ARG B 470 -41.38 3.38 9.24
N GLU B 471 -42.48 2.95 9.83
CA GLU B 471 -43.82 3.29 9.34
C GLU B 471 -44.25 4.70 9.71
N ASP B 472 -43.33 5.55 10.19
CA ASP B 472 -43.66 6.93 10.57
C ASP B 472 -42.87 7.94 9.75
N TYR B 473 -42.26 7.51 8.64
CA TYR B 473 -41.50 8.44 7.81
C TYR B 473 -42.41 9.37 7.02
N GLU B 474 -43.64 8.93 6.73
CA GLU B 474 -44.51 9.69 5.84
C GLU B 474 -44.88 11.04 6.44
N SER B 475 -45.14 11.10 7.74
CA SER B 475 -45.66 12.30 8.36
C SER B 475 -44.64 13.41 8.51
N LEU B 476 -43.34 13.10 8.42
CA LEU B 476 -42.32 14.12 8.74
C LEU B 476 -42.43 15.35 7.85
N PRO B 477 -42.53 15.24 6.52
CA PRO B 477 -42.72 16.45 5.71
C PRO B 477 -43.96 17.24 6.08
N LYS B 478 -45.05 16.54 6.42
CA LYS B 478 -46.27 17.23 6.83
C LYS B 478 -46.06 18.02 8.12
N GLU B 479 -45.31 17.45 9.07
CA GLU B 479 -45.11 18.13 10.34
C GLU B 479 -44.13 19.28 10.22
N VAL B 480 -43.08 19.12 9.39
CA VAL B 480 -42.14 20.22 9.19
C VAL B 480 -42.81 21.36 8.43
N ALA B 481 -43.66 21.03 7.47
CA ALA B 481 -44.35 22.07 6.71
C ALA B 481 -45.29 22.86 7.60
N SER B 482 -45.98 22.18 8.52
CA SER B 482 -47.02 22.83 9.33
C SER B 482 -46.46 23.70 10.45
N ALA B 483 -45.16 23.64 10.71
CA ALA B 483 -44.58 24.45 11.77
C ALA B 483 -44.72 25.94 11.43
N LYS B 484 -45.16 26.71 12.42
CA LYS B 484 -45.36 28.15 12.24
C LYS B 484 -44.24 28.91 12.92
N PRO B 485 -43.32 29.53 12.19
CA PRO B 485 -42.19 30.22 12.85
C PRO B 485 -42.65 31.46 13.61
N LYS B 486 -41.87 31.83 14.61
CA LYS B 486 -42.14 33.05 15.36
C LYS B 486 -42.07 34.27 14.43
N VAL B 487 -41.06 34.33 13.56
CA VAL B 487 -40.95 35.42 12.61
C VAL B 487 -41.79 35.11 11.38
N LEU B 488 -42.20 36.17 10.68
CA LEU B 488 -43.07 36.06 9.51
C LEU B 488 -42.25 36.30 8.25
N LEU B 489 -42.41 35.41 7.27
CA LEU B 489 -41.74 35.52 5.99
C LEU B 489 -42.77 35.48 4.87
N ASP B 490 -42.56 36.31 3.84
CA ASP B 490 -43.51 36.38 2.74
C ASP B 490 -43.58 35.05 1.98
N VAL B 491 -42.44 34.42 1.76
CA VAL B 491 -42.41 33.19 0.95
C VAL B 491 -43.10 32.07 1.71
N LYS B 492 -43.90 31.28 1.00
CA LYS B 492 -44.60 30.14 1.55
C LYS B 492 -44.05 28.85 0.94
N LEU B 493 -43.96 27.81 1.77
CA LEU B 493 -43.47 26.50 1.34
C LEU B 493 -44.56 25.45 1.53
N LYS B 494 -44.76 24.63 0.51
CA LYS B 494 -45.73 23.56 0.56
C LYS B 494 -45.11 22.30 1.18
N ALA B 495 -45.98 21.40 1.62
CA ALA B 495 -45.53 20.19 2.28
C ALA B 495 -44.92 19.18 1.31
N GLU B 496 -45.05 19.39 0.01
CA GLU B 496 -44.50 18.48 -0.98
C GLU B 496 -43.09 18.86 -1.43
N ASP B 497 -42.54 19.96 -0.93
CA ASP B 497 -41.22 20.43 -1.31
C ASP B 497 -40.16 20.12 -0.27
N PHE B 498 -40.48 19.32 0.74
CA PHE B 498 -39.54 18.93 1.78
C PHE B 498 -39.23 17.45 1.68
N ILE B 499 -37.95 17.11 1.74
CA ILE B 499 -37.49 15.73 1.71
C ILE B 499 -36.75 15.46 3.00
N VAL B 500 -37.17 14.43 3.73
CA VAL B 500 -36.58 14.06 5.02
C VAL B 500 -36.03 12.65 4.90
N ASP B 501 -34.77 12.48 5.30
CA ASP B 501 -34.11 11.19 5.28
C ASP B 501 -33.68 10.82 6.69
N VAL B 502 -33.99 9.59 7.09
CA VAL B 502 -33.59 9.06 8.39
C VAL B 502 -32.50 8.02 8.16
N ILE B 503 -31.37 8.20 8.82
CA ILE B 503 -30.20 7.36 8.64
C ILE B 503 -29.87 6.68 9.96
N ASN B 504 -29.52 5.40 9.89
CA ASN B 504 -29.22 4.59 11.06
C ASN B 504 -27.74 4.18 11.03
N MET B 505 -27.06 4.40 12.15
CA MET B 505 -25.67 3.96 12.33
C MET B 505 -25.56 3.26 13.66
N ASP B 506 -25.18 1.98 13.63
CA ASP B 506 -25.00 1.18 14.83
C ASP B 506 -23.95 0.12 14.54
N TYR B 507 -23.82 -0.83 15.46
CA TYR B 507 -22.86 -1.92 15.31
C TYR B 507 -23.44 -3.15 14.63
N GLY B 508 -24.71 -3.11 14.24
CA GLY B 508 -25.31 -4.17 13.46
C GLY B 508 -26.14 -5.17 14.24
N MET B 509 -26.43 -4.90 15.52
CA MET B 509 -27.24 -5.84 16.31
C MET B 509 -28.25 -5.12 17.18
N GLN B 510 -28.71 -3.94 16.76
CA GLN B 510 -29.80 -3.24 17.43
C GLN B 510 -29.46 -2.98 18.90
N GLU B 511 -28.45 -2.13 19.09
CA GLU B 511 -28.02 -1.66 20.41
C GLU B 511 -27.61 -2.81 21.32
N LYS B 512 -27.13 -3.90 20.74
CA LYS B 512 -26.52 -5.00 21.49
C LYS B 512 -25.03 -5.03 21.22
N ASN B 513 -24.26 -5.32 22.26
CA ASN B 513 -22.81 -5.35 22.10
C ASN B 513 -22.43 -6.62 21.35
N PRO B 514 -21.87 -6.52 20.14
CA PRO B 514 -21.55 -7.74 19.40
C PRO B 514 -20.53 -8.64 20.09
N ILE B 515 -19.58 -8.05 20.83
CA ILE B 515 -18.49 -8.82 21.41
C ILE B 515 -18.96 -9.54 22.66
N ASP B 516 -20.24 -9.38 23.02
CA ASP B 516 -20.81 -10.15 24.11
C ASP B 516 -21.19 -11.57 23.69
N HIS B 517 -21.26 -11.83 22.38
CA HIS B 517 -21.61 -13.14 21.86
C HIS B 517 -20.43 -13.79 21.14
N VAL B 518 -19.21 -13.54 21.63
CA VAL B 518 -18.00 -14.12 21.08
C VAL B 518 -17.26 -14.82 22.22
N SER B 519 -16.83 -16.06 21.98
CA SER B 519 -16.19 -16.88 22.99
C SER B 519 -14.68 -16.91 22.77
N PHE B 520 -13.93 -16.74 23.85
CA PHE B 520 -12.48 -16.68 23.81
C PHE B 520 -11.89 -17.85 24.60
N TYR B 521 -10.64 -18.18 24.29
CA TYR B 521 -9.91 -19.24 24.96
C TYR B 521 -8.52 -18.76 25.33
N CYS B 522 -7.97 -19.36 26.38
CA CYS B 522 -6.65 -18.97 26.88
C CYS B 522 -5.56 -19.86 26.30
N LYS B 523 -4.31 -19.48 26.58
CA LYS B 523 -3.17 -20.22 26.02
C LYS B 523 -2.99 -21.57 26.68
N THR B 524 -3.09 -21.62 28.01
CA THR B 524 -2.76 -22.86 28.72
C THR B 524 -3.70 -23.99 28.34
N ALA B 525 -5.00 -23.69 28.21
CA ALA B 525 -6.01 -24.70 27.90
C ALA B 525 -6.81 -24.22 26.69
N PRO B 526 -6.30 -24.46 25.48
CA PRO B 526 -7.01 -24.01 24.28
C PRO B 526 -8.33 -24.71 24.04
N ASN B 527 -8.70 -25.70 24.84
CA ASN B 527 -9.96 -26.42 24.67
C ASN B 527 -11.09 -25.85 25.52
N ARG B 528 -10.82 -24.81 26.31
CA ARG B 528 -11.81 -24.23 27.22
C ARG B 528 -12.13 -22.81 26.77
N ALA B 529 -13.42 -22.50 26.70
CA ALA B 529 -13.90 -21.19 26.28
C ALA B 529 -14.31 -20.35 27.49
N ILE B 530 -14.08 -19.05 27.40
CA ILE B 530 -14.45 -18.09 28.43
C ILE B 530 -15.10 -16.89 27.76
N ARG B 531 -15.63 -15.99 28.59
CA ARG B 531 -16.29 -14.79 28.13
C ARG B 531 -15.67 -13.57 28.79
N ILE B 532 -15.72 -12.44 28.09
CA ILE B 532 -15.12 -11.20 28.55
C ILE B 532 -16.16 -10.09 28.49
N THR B 533 -16.27 -9.32 29.56
CA THR B 533 -17.19 -8.19 29.62
C THR B 533 -16.54 -6.95 29.02
N LYS B 534 -17.31 -5.87 28.92
CA LYS B 534 -16.78 -4.64 28.36
C LYS B 534 -15.84 -3.91 29.32
N ASN B 535 -16.04 -4.11 30.63
CA ASN B 535 -15.23 -3.40 31.61
C ASN B 535 -13.80 -3.95 31.71
N GLN B 536 -13.58 -5.20 31.34
CA GLN B 536 -12.27 -5.83 31.47
C GLN B 536 -11.34 -5.52 30.31
N VAL B 537 -11.78 -4.71 29.35
CA VAL B 537 -10.95 -4.33 28.20
C VAL B 537 -10.39 -2.93 28.37
N SER B 538 -11.26 -1.93 28.52
CA SER B 538 -10.82 -0.55 28.67
C SER B 538 -12.03 0.31 29.03
N GLN B 539 -11.74 1.53 29.48
CA GLN B 539 -12.77 2.50 29.81
C GLN B 539 -13.05 3.48 28.69
N LEU B 540 -12.36 3.37 27.55
CA LEU B 540 -12.56 4.27 26.43
C LEU B 540 -13.55 3.75 25.40
N LEU B 541 -14.15 2.59 25.62
CA LEU B 541 -15.12 2.03 24.68
C LEU B 541 -16.39 2.89 24.70
N PRO B 542 -17.13 2.96 23.59
CA PRO B 542 -18.30 3.83 23.56
C PRO B 542 -19.37 3.39 24.54
N GLU B 543 -20.13 4.36 25.03
CA GLU B 543 -21.20 4.07 25.98
C GLU B 543 -22.38 3.40 25.30
N LYS B 544 -22.78 3.92 24.14
CA LYS B 544 -23.94 3.42 23.41
C LYS B 544 -23.52 2.93 22.03
N PHE B 545 -24.35 2.06 21.46
CA PHE B 545 -24.06 1.43 20.17
C PHE B 545 -25.12 1.73 19.12
N ALA B 546 -26.10 2.57 19.42
CA ALA B 546 -27.15 2.90 18.46
C ALA B 546 -27.44 4.39 18.50
N GLU B 547 -27.94 4.91 17.39
CA GLU B 547 -28.29 6.32 17.28
C GLU B 547 -29.21 6.49 16.07
N GLN B 548 -29.44 7.74 15.69
CA GLN B 548 -30.23 8.06 14.50
C GLN B 548 -29.78 9.39 13.96
N LEU B 549 -30.15 9.65 12.70
CA LEU B 549 -29.77 10.88 12.02
C LEU B 549 -30.94 11.33 11.16
N ILE B 550 -31.05 12.65 10.97
CA ILE B 550 -32.14 13.20 10.17
C ILE B 550 -31.61 14.35 9.32
N ARG B 551 -31.79 14.24 8.00
CA ARG B 551 -31.43 15.29 7.06
C ARG B 551 -32.67 15.81 6.36
N VAL B 552 -32.70 17.10 6.10
CA VAL B 552 -33.82 17.76 5.42
C VAL B 552 -33.29 18.46 4.18
N TYR B 553 -33.97 18.24 3.05
CA TYR B 553 -33.59 18.83 1.78
C TYR B 553 -34.77 19.61 1.21
N CYS B 554 -34.48 20.73 0.55
CA CYS B 554 -35.49 21.59 -0.04
C CYS B 554 -35.41 21.53 -1.55
N LYS B 555 -36.53 21.24 -2.20
CA LYS B 555 -36.55 21.18 -3.66
C LYS B 555 -36.31 22.54 -4.29
N LYS B 556 -36.90 23.59 -3.72
CA LYS B 556 -36.69 24.93 -4.25
C LYS B 556 -35.23 25.33 -4.16
N VAL B 557 -34.76 26.05 -5.16
CA VAL B 557 -33.34 26.40 -5.26
C VAL B 557 -33.08 27.89 -5.12
N ASP B 558 -34.10 28.75 -5.24
CA ASP B 558 -33.89 30.18 -5.07
C ASP B 558 -33.65 30.52 -3.60
N ARG B 559 -32.91 31.61 -3.38
CA ARG B 559 -32.39 31.92 -2.05
C ARG B 559 -33.52 32.11 -1.04
N LYS B 560 -34.59 32.81 -1.44
CA LYS B 560 -35.68 33.07 -0.50
C LYS B 560 -36.29 31.76 -0.01
N SER B 561 -36.53 30.82 -0.92
CA SER B 561 -37.15 29.56 -0.53
C SER B 561 -36.27 28.77 0.43
N LEU B 562 -34.97 28.72 0.15
CA LEU B 562 -34.09 27.94 1.02
C LEU B 562 -33.94 28.61 2.39
N TYR B 563 -33.93 29.94 2.43
CA TYR B 563 -33.89 30.62 3.73
C TYR B 563 -35.17 30.36 4.52
N ALA B 564 -36.32 30.43 3.86
CA ALA B 564 -37.57 30.13 4.54
C ALA B 564 -37.58 28.68 5.04
N ALA B 565 -37.08 27.76 4.22
CA ALA B 565 -37.02 26.37 4.63
C ALA B 565 -36.10 26.18 5.84
N ARG B 566 -34.98 26.88 5.86
CA ARG B 566 -34.09 26.80 7.02
C ARG B 566 -34.77 27.32 8.28
N GLN B 567 -35.50 28.43 8.16
CA GLN B 567 -36.25 28.94 9.31
C GLN B 567 -37.27 27.92 9.79
N TYR B 568 -38.03 27.34 8.85
CA TYR B 568 -39.01 26.33 9.22
C TYR B 568 -38.35 25.15 9.90
N PHE B 569 -37.18 24.73 9.39
CA PHE B 569 -36.48 23.58 9.97
C PHE B 569 -36.06 23.88 11.40
N VAL B 570 -35.45 25.05 11.64
CA VAL B 570 -34.97 25.35 12.98
C VAL B 570 -36.14 25.44 13.94
N GLN B 571 -37.24 26.08 13.52
CA GLN B 571 -38.40 26.17 14.41
C GLN B 571 -38.99 24.80 14.69
N TRP B 572 -39.05 23.93 13.68
CA TRP B 572 -39.58 22.58 13.90
C TRP B 572 -38.70 21.80 14.86
N CYS B 573 -37.37 21.87 14.68
CA CYS B 573 -36.48 21.16 15.58
C CYS B 573 -36.61 21.67 17.01
N ALA B 574 -36.74 22.99 17.17
CA ALA B 574 -36.97 23.54 18.50
C ALA B 574 -38.29 23.04 19.07
N ASP B 575 -39.30 22.88 18.22
CA ASP B 575 -40.62 22.46 18.70
C ASP B 575 -40.56 21.09 19.36
N ARG B 576 -39.87 20.14 18.74
CA ARG B 576 -39.84 18.76 19.21
C ARG B 576 -38.70 18.48 20.17
N ASN B 577 -37.91 19.49 20.53
CA ASN B 577 -36.84 19.37 21.51
C ASN B 577 -35.74 18.41 21.02
N PHE B 578 -35.11 18.79 19.92
CA PHE B 578 -33.91 18.11 19.44
C PHE B 578 -32.66 18.94 19.76
N THR C 114 5.96 -24.08 21.96
CA THR C 114 5.16 -24.60 20.80
C THR C 114 5.39 -23.73 19.57
N MET C 115 4.48 -23.82 18.61
CA MET C 115 4.59 -23.03 17.39
C MET C 115 4.65 -21.55 17.73
N LYS C 116 5.57 -20.85 17.07
CA LYS C 116 5.84 -19.44 17.34
C LYS C 116 5.55 -18.63 16.08
N VAL C 117 4.75 -17.57 16.24
CA VAL C 117 4.40 -16.68 15.14
C VAL C 117 5.20 -15.40 15.27
N ILE C 118 5.84 -14.98 14.17
CA ILE C 118 6.69 -13.81 14.14
C ILE C 118 6.26 -12.92 12.98
N ASN C 119 6.21 -11.62 13.23
CA ASN C 119 5.79 -10.64 12.23
C ASN C 119 6.94 -10.31 11.28
N ASP C 120 6.59 -9.87 10.08
CA ASP C 120 7.56 -9.47 9.08
C ASP C 120 6.85 -8.51 8.13
N PRO C 121 7.36 -7.28 7.96
CA PRO C 121 6.64 -6.33 7.07
C PRO C 121 6.52 -6.83 5.64
N ILE C 122 7.53 -7.52 5.12
CA ILE C 122 7.51 -7.94 3.72
C ILE C 122 6.51 -9.07 3.52
N HIS C 123 6.75 -10.20 4.18
CA HIS C 123 5.82 -11.32 4.14
C HIS C 123 4.74 -11.09 5.18
N GLY C 124 3.94 -12.12 5.48
CA GLY C 124 2.91 -12.00 6.48
C GLY C 124 3.39 -12.47 7.84
N HIS C 125 2.58 -13.29 8.50
CA HIS C 125 2.98 -13.91 9.76
C HIS C 125 3.71 -15.21 9.47
N ILE C 126 4.90 -15.37 10.05
CA ILE C 126 5.78 -16.49 9.76
C ILE C 126 5.74 -17.43 10.97
N GLU C 127 5.44 -18.70 10.72
CA GLU C 127 5.50 -19.71 11.77
C GLU C 127 6.90 -20.29 11.85
N LEU C 128 7.34 -20.58 13.08
CA LEU C 128 8.68 -21.10 13.33
C LEU C 128 8.58 -22.40 14.09
N HIS C 129 9.24 -23.44 13.56
CA HIS C 129 9.29 -24.71 14.25
C HIS C 129 10.07 -24.56 15.56
N PRO C 130 9.73 -25.34 16.59
CA PRO C 130 10.47 -25.22 17.86
C PRO C 130 11.97 -25.38 17.70
N LEU C 131 12.42 -26.25 16.79
CA LEU C 131 13.86 -26.38 16.57
C LEU C 131 14.47 -25.09 16.07
N LEU C 132 13.80 -24.42 15.13
CA LEU C 132 14.30 -23.14 14.63
C LEU C 132 14.29 -22.09 15.73
N VAL C 133 13.26 -22.08 16.57
CA VAL C 133 13.20 -21.13 17.68
C VAL C 133 14.38 -21.36 18.62
N ARG C 134 14.67 -22.62 18.94
CA ARG C 134 15.80 -22.91 19.80
C ARG C 134 17.12 -22.54 19.14
N ILE C 135 17.19 -22.65 17.82
CA ILE C 135 18.42 -22.29 17.11
C ILE C 135 18.63 -20.77 17.15
N ILE C 136 17.57 -20.00 16.96
CA ILE C 136 17.70 -18.55 16.89
C ILE C 136 18.19 -17.98 18.22
N ASP C 137 17.64 -18.46 19.33
CA ASP C 137 17.95 -17.89 20.63
C ASP C 137 19.34 -18.30 21.11
N THR C 138 20.37 -17.86 20.41
CA THR C 138 21.76 -18.10 20.80
C THR C 138 22.58 -16.85 20.47
N PRO C 139 23.69 -16.65 21.18
CA PRO C 139 24.52 -15.47 20.87
C PRO C 139 25.01 -15.46 19.43
N GLN C 140 25.34 -16.63 18.87
CA GLN C 140 25.91 -16.68 17.53
C GLN C 140 24.96 -16.13 16.50
N PHE C 141 23.68 -16.50 16.58
CA PHE C 141 22.70 -15.99 15.63
C PHE C 141 22.23 -14.59 15.99
N GLN C 142 22.06 -14.32 17.29
CA GLN C 142 21.65 -12.98 17.72
C GLN C 142 22.67 -11.93 17.35
N ARG C 143 23.92 -12.33 17.11
CA ARG C 143 24.94 -11.38 16.69
C ARG C 143 24.57 -10.68 15.38
N LEU C 144 23.71 -11.29 14.57
CA LEU C 144 23.34 -10.68 13.29
C LEU C 144 22.51 -9.42 13.48
N ARG C 145 21.96 -9.19 14.67
CA ARG C 145 21.16 -7.99 14.89
C ARG C 145 21.93 -6.71 14.66
N TYR C 146 23.26 -6.74 14.76
CA TYR C 146 24.08 -5.55 14.76
C TYR C 146 24.95 -5.43 13.51
N ILE C 147 24.60 -6.14 12.44
CA ILE C 147 25.28 -6.04 11.16
C ILE C 147 24.26 -5.58 10.11
N LYS C 148 24.69 -4.65 9.26
CA LYS C 148 23.76 -3.98 8.34
C LYS C 148 23.68 -4.73 7.01
N GLN C 149 22.46 -4.78 6.46
CA GLN C 149 22.24 -5.44 5.18
C GLN C 149 23.11 -4.81 4.10
N LEU C 150 23.04 -3.49 3.95
CA LEU C 150 23.72 -2.79 2.87
C LEU C 150 25.11 -2.28 3.25
N GLY C 151 25.49 -2.40 4.52
CA GLY C 151 26.80 -1.93 4.94
C GLY C 151 26.95 -0.43 4.80
N GLY C 152 27.77 0.01 3.86
CA GLY C 152 28.02 1.42 3.65
C GLY C 152 26.96 2.16 2.88
N GLY C 153 25.92 1.47 2.42
CA GLY C 153 24.84 2.13 1.71
C GLY C 153 23.89 2.90 2.59
N TYR C 154 24.01 2.75 3.91
CA TYR C 154 23.16 3.51 4.82
C TYR C 154 23.40 5.01 4.71
N TYR C 155 24.67 5.41 4.60
CA TYR C 155 25.03 6.82 4.57
C TYR C 155 24.61 7.52 3.28
N VAL C 156 24.17 6.76 2.28
CA VAL C 156 23.69 7.33 1.04
C VAL C 156 22.20 7.16 0.84
N PHE C 157 21.59 6.15 1.46
CA PHE C 157 20.13 6.00 1.51
C PHE C 157 19.72 6.01 2.97
N PRO C 158 19.28 7.14 3.53
CA PRO C 158 18.98 7.17 4.97
C PRO C 158 17.88 6.21 5.39
N GLY C 159 17.01 5.80 4.47
CA GLY C 159 15.92 4.91 4.81
C GLY C 159 16.26 3.44 4.80
N ALA C 160 17.51 3.07 4.56
CA ALA C 160 17.94 1.68 4.50
C ALA C 160 18.80 1.40 5.73
N SER C 161 18.17 0.86 6.77
CA SER C 161 18.85 0.59 8.04
C SER C 161 18.42 -0.76 8.59
N HIS C 162 18.41 -1.79 7.75
CA HIS C 162 17.99 -3.12 8.16
C HIS C 162 19.19 -4.07 8.23
N ASN C 163 19.05 -5.10 9.05
CA ASN C 163 20.11 -6.05 9.35
C ASN C 163 19.85 -7.39 8.68
N ARG C 164 20.74 -8.35 8.95
CA ARG C 164 20.66 -9.68 8.36
C ARG C 164 19.72 -10.61 9.11
N PHE C 165 19.26 -10.23 10.30
CA PHE C 165 18.35 -11.09 11.06
C PHE C 165 17.08 -11.39 10.26
N GLU C 166 16.40 -10.33 9.81
CA GLU C 166 15.18 -10.51 9.05
C GLU C 166 15.46 -11.17 7.70
N HIS C 167 16.61 -10.88 7.09
CA HIS C 167 16.94 -11.52 5.81
C HIS C 167 17.06 -13.03 5.99
N SER C 168 17.76 -13.48 7.03
CA SER C 168 17.88 -14.91 7.27
C SER C 168 16.52 -15.54 7.57
N LEU C 169 15.71 -14.87 8.40
CA LEU C 169 14.40 -15.41 8.72
C LEU C 169 13.55 -15.57 7.47
N GLY C 170 13.53 -14.53 6.62
CA GLY C 170 12.74 -14.60 5.41
C GLY C 170 13.25 -15.65 4.44
N VAL C 171 14.57 -15.80 4.32
CA VAL C 171 15.12 -16.81 3.44
C VAL C 171 14.70 -18.20 3.91
N GLY C 172 14.78 -18.46 5.22
CA GLY C 172 14.34 -19.74 5.73
C GLY C 172 12.86 -19.99 5.46
N TYR C 173 12.03 -18.97 5.69
CA TYR C 173 10.60 -19.12 5.45
C TYR C 173 10.32 -19.43 3.99
N LEU C 174 10.97 -18.71 3.08
CA LEU C 174 10.74 -18.92 1.66
C LEU C 174 11.19 -20.32 1.23
N ALA C 175 12.35 -20.76 1.71
CA ALA C 175 12.81 -22.10 1.36
C ALA C 175 11.83 -23.16 1.84
N GLY C 176 11.36 -23.03 3.09
CA GLY C 176 10.37 -23.98 3.58
C GLY C 176 9.11 -23.98 2.75
N CYS C 177 8.61 -22.80 2.39
CA CYS C 177 7.39 -22.71 1.62
C CYS C 177 7.55 -23.37 0.25
N LEU C 178 8.67 -23.09 -0.43
CA LEU C 178 8.89 -23.67 -1.75
C LEU C 178 9.00 -25.19 -1.67
N VAL C 179 9.74 -25.69 -0.69
CA VAL C 179 9.88 -27.15 -0.56
C VAL C 179 8.52 -27.79 -0.27
N HIS C 180 7.72 -27.17 0.61
CA HIS C 180 6.41 -27.73 0.91
C HIS C 180 5.53 -27.75 -0.33
N ALA C 181 5.57 -26.67 -1.12
CA ALA C 181 4.75 -26.61 -2.32
C ALA C 181 5.16 -27.70 -3.31
N LEU C 182 6.46 -27.85 -3.54
CA LEU C 182 6.92 -28.90 -4.44
C LEU C 182 6.52 -30.28 -3.94
N GLY C 183 6.66 -30.51 -2.63
CA GLY C 183 6.30 -31.81 -2.09
C GLY C 183 4.82 -32.12 -2.23
N GLU C 184 3.96 -31.14 -1.95
CA GLU C 184 2.53 -31.39 -2.00
C GLU C 184 2.03 -31.53 -3.43
N LYS C 185 2.58 -30.74 -4.36
CA LYS C 185 2.11 -30.78 -5.73
C LYS C 185 2.51 -32.06 -6.46
N GLN C 186 3.43 -32.85 -5.92
CA GLN C 186 3.87 -34.09 -6.57
C GLN C 186 4.17 -35.10 -5.48
N PRO C 187 3.18 -35.89 -5.06
CA PRO C 187 3.37 -36.78 -3.91
C PRO C 187 4.31 -37.94 -4.15
N GLU C 188 4.66 -38.24 -5.41
CA GLU C 188 5.49 -39.39 -5.71
C GLU C 188 6.99 -39.12 -5.59
N LEU C 189 7.39 -37.88 -5.33
CA LEU C 189 8.79 -37.58 -5.09
C LEU C 189 9.25 -37.98 -3.70
N GLN C 190 8.32 -38.26 -2.78
CA GLN C 190 8.64 -38.78 -1.45
C GLN C 190 9.55 -37.80 -0.70
N ILE C 191 9.02 -36.62 -0.43
CA ILE C 191 9.68 -35.61 0.38
C ILE C 191 9.11 -35.70 1.79
N SER C 192 9.97 -35.99 2.77
CA SER C 192 9.55 -36.13 4.16
C SER C 192 9.83 -34.85 4.94
N GLU C 193 9.21 -34.76 6.12
CA GLU C 193 9.39 -33.57 6.95
C GLU C 193 10.85 -33.40 7.37
N ARG C 194 11.61 -34.49 7.39
CA ARG C 194 13.03 -34.39 7.70
C ARG C 194 13.74 -33.51 6.69
N ASP C 195 13.45 -33.69 5.41
CA ASP C 195 14.04 -32.84 4.38
C ASP C 195 13.60 -31.39 4.57
N VAL C 196 12.34 -31.17 4.96
CA VAL C 196 11.85 -29.82 5.16
C VAL C 196 12.63 -29.14 6.28
N LEU C 197 12.81 -29.84 7.40
CA LEU C 197 13.59 -29.26 8.50
C LEU C 197 15.02 -29.00 8.08
N CYS C 198 15.63 -29.93 7.34
CA CYS C 198 17.01 -29.74 6.91
C CYS C 198 17.14 -28.51 6.02
N VAL C 199 16.24 -28.34 5.06
CA VAL C 199 16.33 -27.19 4.16
C VAL C 199 16.07 -25.90 4.92
N GLN C 200 15.11 -25.90 5.85
CA GLN C 200 14.85 -24.68 6.61
C GLN C 200 16.07 -24.29 7.44
N ILE C 201 16.69 -25.25 8.12
CA ILE C 201 17.86 -24.94 8.93
C ILE C 201 19.02 -24.50 8.05
N ALA C 202 19.15 -25.08 6.86
CA ALA C 202 20.23 -24.67 5.96
C ALA C 202 20.02 -23.26 5.45
N GLY C 203 18.75 -22.88 5.19
CA GLY C 203 18.47 -21.53 4.74
C GLY C 203 18.48 -20.49 5.84
N LEU C 204 18.37 -20.93 7.10
CA LEU C 204 18.44 -19.99 8.22
C LEU C 204 19.87 -19.56 8.52
N CYS C 205 20.84 -20.46 8.35
CA CYS C 205 22.22 -20.23 8.76
C CYS C 205 23.14 -19.96 7.58
N HIS C 206 22.61 -19.41 6.48
CA HIS C 206 23.40 -19.19 5.28
C HIS C 206 24.16 -17.87 5.27
N ASP C 207 24.03 -17.06 6.33
CA ASP C 207 24.70 -15.76 6.37
C ASP C 207 25.36 -15.51 7.73
N LEU C 208 25.61 -16.56 8.51
CA LEU C 208 26.20 -16.38 9.83
C LEU C 208 27.63 -15.87 9.76
N GLY C 209 28.33 -16.07 8.64
CA GLY C 209 29.71 -15.69 8.51
C GLY C 209 29.96 -14.26 8.07
N HIS C 210 28.91 -13.47 7.90
CA HIS C 210 29.10 -12.10 7.43
C HIS C 210 29.87 -11.29 8.45
N GLY C 211 30.83 -10.50 7.96
CA GLY C 211 31.59 -9.61 8.80
C GLY C 211 30.95 -8.24 8.87
N PRO C 212 31.67 -7.26 9.43
CA PRO C 212 31.13 -5.90 9.50
C PRO C 212 30.79 -5.37 8.12
N PHE C 213 29.67 -4.65 8.04
CA PHE C 213 29.24 -4.01 6.80
C PHE C 213 29.02 -5.04 5.68
N SER C 214 28.63 -6.25 6.05
CA SER C 214 28.19 -7.30 5.11
C SER C 214 29.29 -7.54 4.09
N HIS C 215 29.06 -7.30 2.80
CA HIS C 215 30.02 -7.72 1.78
C HIS C 215 31.31 -6.93 1.82
N MET C 216 31.30 -5.73 2.40
CA MET C 216 32.49 -4.88 2.37
C MET C 216 33.68 -5.58 3.02
N PHE C 217 33.46 -6.23 4.17
CA PHE C 217 34.56 -6.88 4.86
C PHE C 217 35.29 -7.85 3.95
N ASP C 218 34.62 -8.94 3.57
CA ASP C 218 35.25 -10.00 2.80
C ASP C 218 35.53 -9.60 1.36
N GLY C 219 35.03 -8.45 0.91
CA GLY C 219 35.30 -8.03 -0.45
C GLY C 219 36.45 -7.06 -0.58
N ARG C 220 36.75 -6.29 0.47
CA ARG C 220 37.70 -5.21 0.36
C ARG C 220 38.74 -5.14 1.48
N PHE C 221 38.48 -5.70 2.66
CA PHE C 221 39.44 -5.57 3.76
C PHE C 221 40.42 -6.73 3.79
N ILE C 222 39.94 -7.96 3.63
CA ILE C 222 40.81 -9.13 3.72
C ILE C 222 41.93 -9.07 2.69
N PRO C 223 41.68 -8.85 1.40
CA PRO C 223 42.79 -8.88 0.43
C PRO C 223 43.87 -7.85 0.72
N LEU C 224 43.50 -6.68 1.22
CA LEU C 224 44.48 -5.64 1.53
C LEU C 224 45.20 -5.90 2.85
N ALA C 225 44.76 -6.87 3.63
CA ALA C 225 45.36 -7.17 4.94
C ALA C 225 46.20 -8.44 4.92
N ARG C 226 45.62 -9.57 4.48
CA ARG C 226 46.29 -10.87 4.49
C ARG C 226 46.16 -11.49 3.11
N PRO C 227 47.02 -11.08 2.16
CA PRO C 227 46.88 -11.56 0.78
C PRO C 227 47.04 -13.06 0.62
N GLU C 228 47.69 -13.74 1.56
CA GLU C 228 48.05 -15.14 1.39
C GLU C 228 46.96 -16.11 1.84
N VAL C 229 45.80 -15.61 2.25
CA VAL C 229 44.69 -16.46 2.69
C VAL C 229 43.49 -16.15 1.80
N LYS C 230 42.97 -17.19 1.15
CA LYS C 230 41.76 -17.07 0.34
C LYS C 230 40.56 -17.39 1.21
N TRP C 231 39.66 -16.42 1.37
CA TRP C 231 38.54 -16.55 2.29
C TRP C 231 37.27 -16.00 1.67
N THR C 232 36.19 -16.78 1.75
CA THR C 232 34.85 -16.34 1.38
C THR C 232 33.91 -16.61 2.54
N HIS C 233 32.89 -15.76 2.68
CA HIS C 233 32.08 -15.78 3.89
C HIS C 233 31.21 -17.02 4.01
N GLU C 234 31.10 -17.85 2.97
CA GLU C 234 30.35 -19.09 3.11
C GLU C 234 31.11 -20.10 3.97
N GLN C 235 32.43 -20.14 3.83
CA GLN C 235 33.23 -20.98 4.72
C GLN C 235 33.10 -20.50 6.16
N GLY C 236 33.12 -19.18 6.37
CA GLY C 236 32.86 -18.65 7.69
C GLY C 236 31.48 -19.05 8.19
N SER C 237 30.48 -19.04 7.31
CA SER C 237 29.14 -19.44 7.71
C SER C 237 29.10 -20.89 8.16
N VAL C 238 29.76 -21.78 7.42
CA VAL C 238 29.71 -23.20 7.80
C VAL C 238 30.48 -23.43 9.10
N MET C 239 31.63 -22.77 9.26
CA MET C 239 32.36 -22.92 10.53
C MET C 239 31.54 -22.40 11.69
N MET C 240 30.87 -21.25 11.51
CA MET C 240 30.05 -20.69 12.58
C MET C 240 28.88 -21.60 12.90
N PHE C 241 28.26 -22.20 11.88
CA PHE C 241 27.16 -23.13 12.13
C PHE C 241 27.64 -24.34 12.93
N GLU C 242 28.79 -24.90 12.54
CA GLU C 242 29.32 -26.04 13.28
C GLU C 242 29.62 -25.66 14.73
N HIS C 243 30.23 -24.49 14.94
CA HIS C 243 30.54 -24.05 16.30
C HIS C 243 29.26 -23.85 17.11
N LEU C 244 28.23 -23.27 16.49
CA LEU C 244 26.96 -23.08 17.17
C LEU C 244 26.38 -24.42 17.60
N ILE C 245 26.33 -25.39 16.67
CA ILE C 245 25.74 -26.69 17.00
C ILE C 245 26.53 -27.35 18.11
N ASN C 246 27.86 -27.31 18.05
CA ASN C 246 28.66 -27.96 19.07
C ASN C 246 28.48 -27.28 20.43
N SER C 247 28.48 -25.95 20.48
CA SER C 247 28.44 -25.24 21.75
C SER C 247 27.08 -25.32 22.41
N ASN C 248 26.01 -25.11 21.65
CA ASN C 248 24.67 -24.98 22.23
C ASN C 248 23.99 -26.31 22.48
N GLY C 249 24.62 -27.43 22.15
CA GLY C 249 24.02 -28.73 22.38
C GLY C 249 22.73 -28.91 21.62
N ILE C 250 22.75 -28.58 20.33
CA ILE C 250 21.54 -28.70 19.51
C ILE C 250 21.33 -30.15 19.06
N LYS C 251 22.40 -30.93 18.94
CA LYS C 251 22.27 -32.28 18.38
C LYS C 251 21.25 -33.13 19.13
N PRO C 252 21.21 -33.16 20.46
CA PRO C 252 20.18 -33.96 21.13
C PRO C 252 18.77 -33.58 20.71
N VAL C 253 18.50 -32.29 20.51
CA VAL C 253 17.19 -31.87 20.06
C VAL C 253 16.91 -32.38 18.65
N MET C 254 17.91 -32.28 17.76
CA MET C 254 17.73 -32.79 16.41
C MET C 254 17.41 -34.27 16.41
N GLU C 255 18.11 -35.05 17.26
CA GLU C 255 17.77 -36.46 17.40
C GLU C 255 16.36 -36.64 17.95
N GLN C 256 15.94 -35.75 18.85
CA GLN C 256 14.62 -35.87 19.46
C GLN C 256 13.51 -35.66 18.42
N TYR C 257 13.72 -34.75 17.47
CA TYR C 257 12.69 -34.37 16.53
C TYR C 257 12.68 -35.24 15.27
N GLY C 258 13.54 -36.26 15.20
CA GLY C 258 13.56 -37.16 14.07
C GLY C 258 14.67 -36.90 13.07
N LEU C 259 15.53 -35.93 13.32
CA LEU C 259 16.66 -35.66 12.44
C LEU C 259 17.87 -36.46 12.89
N ILE C 260 18.59 -37.02 11.92
CA ILE C 260 19.78 -37.84 12.19
C ILE C 260 21.00 -36.91 12.07
N PRO C 261 21.71 -36.62 13.16
CA PRO C 261 22.81 -35.64 13.05
C PRO C 261 23.88 -36.03 12.05
N GLU C 262 24.24 -37.31 11.99
CA GLU C 262 25.37 -37.71 11.16
C GLU C 262 25.16 -37.37 9.69
N GLU C 263 23.96 -37.64 9.17
CA GLU C 263 23.67 -37.33 7.78
C GLU C 263 23.19 -35.89 7.63
N ASP C 264 22.34 -35.43 8.55
CA ASP C 264 21.72 -34.12 8.40
C ASP C 264 22.74 -33.00 8.47
N ILE C 265 23.74 -33.11 9.34
CA ILE C 265 24.74 -32.05 9.46
C ILE C 265 25.50 -31.89 8.15
N CYS C 266 25.91 -33.02 7.56
CA CYS C 266 26.61 -32.96 6.28
C CYS C 266 25.69 -32.45 5.18
N PHE C 267 24.42 -32.83 5.21
CA PHE C 267 23.48 -32.33 4.21
C PHE C 267 23.35 -30.82 4.30
N ILE C 268 23.24 -30.29 5.53
CA ILE C 268 23.15 -28.84 5.71
C ILE C 268 24.43 -28.16 5.23
N LYS C 269 25.59 -28.75 5.56
CA LYS C 269 26.85 -28.16 5.12
C LYS C 269 26.93 -28.10 3.61
N GLU C 270 26.53 -29.18 2.93
CA GLU C 270 26.50 -29.15 1.47
C GLU C 270 25.47 -28.16 0.94
N GLN C 271 24.38 -27.96 1.67
CA GLN C 271 23.40 -26.96 1.27
C GLN C 271 23.99 -25.56 1.32
N ILE C 272 24.78 -25.26 2.34
CA ILE C 272 25.33 -23.92 2.49
C ILE C 272 26.46 -23.69 1.49
N VAL C 273 27.51 -24.50 1.56
CA VAL C 273 28.65 -24.36 0.68
C VAL C 273 28.55 -25.39 -0.44
N GLY C 274 29.37 -25.21 -1.47
CA GLY C 274 29.38 -26.12 -2.59
C GLY C 274 30.05 -27.44 -2.25
N PRO C 275 30.18 -28.34 -3.23
CA PRO C 275 30.80 -29.65 -3.01
C PRO C 275 32.18 -29.54 -2.37
N LEU C 284 28.96 -40.44 -10.32
CA LEU C 284 29.49 -39.10 -10.51
C LEU C 284 28.69 -38.08 -9.70
N TRP C 285 28.44 -38.40 -8.43
CA TRP C 285 27.69 -37.52 -7.53
C TRP C 285 28.59 -37.16 -6.36
N PRO C 286 29.30 -36.04 -6.40
CA PRO C 286 30.27 -35.74 -5.33
C PRO C 286 29.62 -35.53 -3.96
N TYR C 287 28.33 -35.21 -3.90
CA TYR C 287 27.66 -35.03 -2.62
C TYR C 287 27.48 -36.36 -1.91
N LYS C 288 27.65 -36.34 -0.59
CA LYS C 288 27.47 -37.53 0.24
C LYS C 288 26.36 -37.36 1.27
N GLY C 289 25.74 -36.19 1.37
CA GLY C 289 24.70 -36.01 2.36
C GLY C 289 23.46 -36.83 2.07
N ARG C 290 23.02 -36.85 0.82
CA ARG C 290 21.78 -37.50 0.41
C ARG C 290 22.00 -38.23 -0.90
N PRO C 291 21.16 -39.22 -1.22
CA PRO C 291 21.31 -39.95 -2.48
C PRO C 291 20.99 -39.06 -3.68
N GLU C 292 21.42 -39.52 -4.84
CA GLU C 292 21.31 -38.73 -6.07
C GLU C 292 19.88 -38.56 -6.55
N ASN C 293 18.92 -39.28 -5.98
CA ASN C 293 17.53 -39.15 -6.40
C ASN C 293 16.84 -37.91 -5.82
N LYS C 294 17.52 -37.17 -4.94
CA LYS C 294 16.99 -35.95 -4.35
C LYS C 294 17.84 -34.75 -4.79
N SER C 295 18.18 -34.71 -6.07
CA SER C 295 19.09 -33.67 -6.56
C SER C 295 18.50 -32.27 -6.38
N PHE C 296 17.20 -32.12 -6.66
CA PHE C 296 16.60 -30.79 -6.63
C PHE C 296 16.76 -30.10 -5.29
N LEU C 297 16.92 -30.85 -4.20
CA LEU C 297 17.05 -30.26 -2.88
C LEU C 297 18.34 -29.47 -2.71
N TYR C 298 19.30 -29.60 -3.62
CA TYR C 298 20.59 -28.93 -3.51
C TYR C 298 20.63 -27.61 -4.25
N GLU C 299 19.50 -27.15 -4.80
CA GLU C 299 19.43 -25.88 -5.50
C GLU C 299 18.42 -24.91 -4.89
N ILE C 300 17.57 -25.37 -3.98
CA ILE C 300 16.48 -24.52 -3.49
C ILE C 300 17.04 -23.32 -2.73
N VAL C 301 18.02 -23.55 -1.88
CA VAL C 301 18.60 -22.48 -1.07
C VAL C 301 19.70 -21.75 -1.83
N SER C 302 20.66 -22.49 -2.37
CA SER C 302 21.76 -21.93 -3.17
C SER C 302 21.81 -22.66 -4.49
N ASN C 303 21.76 -21.91 -5.59
CA ASN C 303 21.81 -22.46 -6.94
C ASN C 303 23.10 -22.02 -7.59
N LYS C 304 23.92 -23.00 -7.98
CA LYS C 304 25.24 -22.74 -8.56
C LYS C 304 25.26 -22.81 -10.08
N ARG C 305 24.12 -23.09 -10.72
CA ARG C 305 24.08 -23.33 -12.15
C ARG C 305 23.55 -22.14 -12.95
N ASN C 306 22.43 -21.55 -12.52
CA ASN C 306 21.85 -20.41 -13.22
C ASN C 306 21.65 -19.19 -12.32
N GLY C 307 21.35 -19.38 -11.04
CA GLY C 307 21.26 -18.25 -10.13
C GLY C 307 19.84 -17.84 -9.79
N ILE C 308 18.97 -18.81 -9.53
CA ILE C 308 17.59 -18.55 -9.14
C ILE C 308 17.30 -19.39 -7.89
N ASP C 309 16.88 -18.72 -6.82
CA ASP C 309 16.55 -19.38 -5.56
C ASP C 309 15.88 -18.35 -4.65
N VAL C 310 15.58 -18.77 -3.42
CA VAL C 310 14.83 -17.91 -2.51
C VAL C 310 15.68 -16.72 -2.08
N ASP C 311 17.00 -16.90 -2.03
CA ASP C 311 17.89 -15.88 -1.48
C ASP C 311 17.83 -14.58 -2.29
N LYS C 312 17.92 -14.69 -3.62
CA LYS C 312 17.82 -13.50 -4.46
C LYS C 312 16.43 -12.88 -4.35
N TRP C 313 15.41 -13.72 -4.22
CA TRP C 313 14.05 -13.20 -4.07
C TRP C 313 13.95 -12.34 -2.81
N ASP C 314 14.53 -12.82 -1.71
CA ASP C 314 14.47 -12.06 -0.47
C ASP C 314 15.24 -10.75 -0.58
N TYR C 315 16.44 -10.79 -1.18
CA TYR C 315 17.14 -9.53 -1.42
C TYR C 315 16.26 -8.56 -2.21
N PHE C 316 15.70 -9.01 -3.32
CA PHE C 316 14.90 -8.13 -4.15
C PHE C 316 13.77 -7.51 -3.35
N ALA C 317 12.99 -8.35 -2.66
CA ALA C 317 11.83 -7.86 -1.94
C ALA C 317 12.24 -6.85 -0.87
N ARG C 318 13.19 -7.22 -0.01
CA ARG C 318 13.56 -6.34 1.10
C ARG C 318 14.16 -5.03 0.60
N ASP C 319 15.09 -5.11 -0.36
CA ASP C 319 15.73 -3.91 -0.85
C ASP C 319 14.72 -2.97 -1.51
N CYS C 320 13.83 -3.52 -2.35
CA CYS C 320 12.84 -2.68 -3.00
C CYS C 320 11.91 -2.05 -1.98
N HIS C 321 11.47 -2.82 -0.98
CA HIS C 321 10.54 -2.28 0.01
C HIS C 321 11.18 -1.16 0.82
N HIS C 322 12.35 -1.43 1.42
CA HIS C 322 12.95 -0.47 2.33
C HIS C 322 13.54 0.72 1.59
N LEU C 323 14.31 0.47 0.54
CA LEU C 323 15.03 1.56 -0.12
C LEU C 323 14.06 2.54 -0.77
N GLY C 324 12.99 2.05 -1.37
CA GLY C 324 12.00 2.90 -2.01
C GLY C 324 12.02 2.82 -3.52
N ILE C 325 12.28 1.63 -4.06
CA ILE C 325 12.30 1.40 -5.50
C ILE C 325 11.13 0.51 -5.87
N GLN C 326 10.63 0.70 -7.08
CA GLN C 326 9.51 -0.12 -7.57
C GLN C 326 10.01 -1.46 -8.08
N ASN C 327 9.18 -2.49 -7.90
CA ASN C 327 9.53 -3.86 -8.23
C ASN C 327 8.69 -4.34 -9.41
N ASN C 328 9.12 -5.45 -10.00
CA ASN C 328 8.42 -6.06 -11.13
C ASN C 328 8.18 -7.55 -10.96
N PHE C 329 8.86 -8.23 -10.05
CA PHE C 329 8.83 -9.68 -9.95
C PHE C 329 7.99 -10.11 -8.76
N ASP C 330 7.04 -11.01 -9.00
CA ASP C 330 6.20 -11.58 -7.96
C ASP C 330 6.53 -13.07 -7.85
N TYR C 331 7.14 -13.47 -6.73
CA TYR C 331 7.59 -14.84 -6.59
C TYR C 331 6.44 -15.82 -6.45
N LYS C 332 5.27 -15.38 -5.99
CA LYS C 332 4.15 -16.30 -5.82
C LYS C 332 3.70 -16.88 -7.16
N ARG C 333 3.67 -16.04 -8.20
CA ARG C 333 3.32 -16.54 -9.53
C ARG C 333 4.30 -17.62 -9.97
N PHE C 334 5.59 -17.42 -9.70
CA PHE C 334 6.59 -18.45 -10.02
C PHE C 334 6.34 -19.72 -9.21
N ILE C 335 5.97 -19.56 -7.94
CA ILE C 335 5.71 -20.72 -7.09
C ILE C 335 4.54 -21.53 -7.63
N LYS C 336 3.52 -20.86 -8.16
CA LYS C 336 2.35 -21.56 -8.67
C LYS C 336 2.76 -22.57 -9.75
N PHE C 337 3.58 -22.15 -10.70
CA PHE C 337 4.02 -23.02 -11.79
C PHE C 337 5.41 -23.59 -11.46
N ALA C 338 5.41 -24.50 -10.51
CA ALA C 338 6.64 -25.18 -10.07
C ALA C 338 6.47 -26.68 -10.31
N ARG C 339 7.36 -27.25 -11.10
CA ARG C 339 7.33 -28.68 -11.41
C ARG C 339 8.76 -29.23 -11.41
N VAL C 340 8.87 -30.49 -11.02
CA VAL C 340 10.17 -31.18 -10.99
C VAL C 340 10.17 -32.15 -12.16
N CYS C 341 10.77 -31.73 -13.26
CA CYS C 341 10.86 -32.55 -14.46
C CYS C 341 12.14 -33.38 -14.44
N GLU C 342 12.34 -34.17 -15.50
CA GLU C 342 13.51 -35.02 -15.66
C GLU C 342 14.44 -34.47 -16.73
N VAL C 343 14.58 -33.14 -16.80
CA VAL C 343 15.37 -32.49 -17.82
C VAL C 343 16.84 -32.84 -17.63
N ASP C 344 17.60 -32.84 -18.73
CA ASP C 344 19.02 -33.15 -18.75
C ASP C 344 19.34 -34.55 -18.25
N ASN C 345 18.45 -35.52 -18.47
CA ASN C 345 18.65 -36.88 -17.99
C ASN C 345 18.85 -36.90 -16.48
N GLU C 346 18.10 -36.05 -15.78
CA GLU C 346 18.23 -35.92 -14.33
C GLU C 346 17.07 -35.09 -13.79
N LEU C 347 16.84 -35.16 -12.48
CA LEU C 347 15.80 -34.37 -11.84
C LEU C 347 16.30 -32.94 -11.66
N ARG C 348 15.40 -31.98 -11.88
CA ARG C 348 15.80 -30.58 -11.94
C ARG C 348 14.58 -29.66 -11.89
N ILE C 349 14.70 -28.54 -11.20
CA ILE C 349 13.63 -27.55 -11.18
C ILE C 349 13.57 -26.83 -12.53
N CYS C 350 12.36 -26.44 -12.93
CA CYS C 350 12.17 -25.77 -14.21
C CYS C 350 11.03 -24.77 -14.05
N ALA C 351 10.71 -24.08 -15.14
CA ALA C 351 9.63 -23.09 -15.17
C ALA C 351 8.77 -23.34 -16.40
N ARG C 352 7.51 -22.89 -16.31
CA ARG C 352 6.57 -23.11 -17.39
C ARG C 352 6.99 -22.31 -18.63
N ASP C 353 6.60 -22.82 -19.80
CA ASP C 353 7.04 -22.25 -21.07
C ASP C 353 6.58 -20.82 -21.29
N LYS C 354 5.58 -20.35 -20.54
CA LYS C 354 5.07 -18.99 -20.68
C LYS C 354 5.69 -18.02 -19.68
N GLU C 355 6.74 -18.43 -18.98
CA GLU C 355 7.38 -17.60 -17.96
C GLU C 355 8.61 -16.87 -18.47
N VAL C 356 8.83 -16.85 -19.78
CA VAL C 356 10.00 -16.15 -20.32
C VAL C 356 9.94 -14.67 -19.97
N GLY C 357 8.77 -14.06 -20.15
CA GLY C 357 8.64 -12.64 -19.84
C GLY C 357 8.92 -12.34 -18.38
N ASN C 358 8.38 -13.16 -17.47
CA ASN C 358 8.61 -12.94 -16.06
C ASN C 358 10.09 -13.10 -15.71
N LEU C 359 10.74 -14.11 -16.28
CA LEU C 359 12.16 -14.32 -16.02
C LEU C 359 13.00 -13.15 -16.48
N TYR C 360 12.73 -12.65 -17.70
CA TYR C 360 13.47 -11.49 -18.19
C TYR C 360 13.16 -10.25 -17.38
N ASP C 361 11.92 -10.10 -16.91
CA ASP C 361 11.60 -9.00 -16.03
C ASP C 361 12.38 -9.08 -14.72
N MET C 362 12.53 -10.27 -14.17
CA MET C 362 13.32 -10.44 -12.96
C MET C 362 14.78 -10.06 -13.20
N PHE C 363 15.34 -10.50 -14.33
CA PHE C 363 16.71 -10.14 -14.65
C PHE C 363 16.87 -8.62 -14.78
N HIS C 364 15.93 -7.98 -15.47
CA HIS C 364 15.98 -6.52 -15.59
C HIS C 364 15.85 -5.86 -14.23
N THR C 365 15.01 -6.40 -13.36
CA THR C 365 14.85 -5.84 -12.02
C THR C 365 16.15 -5.90 -11.24
N ARG C 366 16.81 -7.05 -11.26
CA ARG C 366 18.07 -7.16 -10.51
C ARG C 366 19.13 -6.25 -11.09
N ASN C 367 19.22 -6.15 -12.43
CA ASN C 367 20.19 -5.27 -13.03
C ASN C 367 19.92 -3.81 -12.65
N SER C 368 18.65 -3.40 -12.68
CA SER C 368 18.30 -2.04 -12.31
C SER C 368 18.63 -1.76 -10.84
N LEU C 369 18.31 -2.72 -9.96
CA LEU C 369 18.67 -2.56 -8.55
C LEU C 369 20.18 -2.37 -8.39
N HIS C 370 20.96 -3.25 -9.01
CA HIS C 370 22.42 -3.15 -8.90
C HIS C 370 22.89 -1.78 -9.37
N ARG C 371 22.50 -1.38 -10.57
CA ARG C 371 23.00 -0.13 -11.13
C ARG C 371 22.57 1.07 -10.30
N ARG C 372 21.33 1.06 -9.82
CA ARG C 372 20.80 2.23 -9.11
C ARG C 372 21.40 2.36 -7.71
N ALA C 373 21.51 1.25 -6.98
CA ALA C 373 21.88 1.30 -5.58
C ALA C 373 23.26 0.73 -5.28
N TYR C 374 23.55 -0.49 -5.73
CA TYR C 374 24.72 -1.19 -5.22
C TYR C 374 26.04 -0.60 -5.70
N GLN C 375 26.02 0.19 -6.77
CA GLN C 375 27.24 0.73 -7.35
C GLN C 375 27.21 2.26 -7.41
N HIS C 376 26.61 2.88 -6.40
CA HIS C 376 26.61 4.33 -6.32
C HIS C 376 28.00 4.85 -5.98
N LYS C 377 28.32 6.04 -6.49
CA LYS C 377 29.62 6.64 -6.23
C LYS C 377 29.86 6.82 -4.74
N VAL C 378 28.89 7.42 -4.05
CA VAL C 378 29.09 7.79 -2.66
C VAL C 378 29.20 6.55 -1.78
N GLY C 379 28.39 5.53 -2.07
CA GLY C 379 28.50 4.30 -1.31
C GLY C 379 29.89 3.68 -1.40
N ASN C 380 30.42 3.59 -2.63
CA ASN C 380 31.74 2.98 -2.81
C ASN C 380 32.83 3.83 -2.18
N ILE C 381 32.76 5.15 -2.33
CA ILE C 381 33.81 5.99 -1.73
C ILE C 381 33.77 5.90 -0.22
N ILE C 382 32.56 5.89 0.36
CA ILE C 382 32.46 5.76 1.82
C ILE C 382 33.01 4.42 2.27
N ASP C 383 32.69 3.35 1.55
CA ASP C 383 33.26 2.05 1.89
C ASP C 383 34.78 2.09 1.82
N THR C 384 35.33 2.77 0.81
CA THR C 384 36.78 2.83 0.66
C THR C 384 37.43 3.54 1.84
N MET C 385 36.88 4.69 2.25
CA MET C 385 37.47 5.41 3.38
C MET C 385 37.29 4.63 4.67
N ILE C 386 36.16 3.94 4.85
CA ILE C 386 35.97 3.12 6.04
C ILE C 386 37.01 2.00 6.08
N THR C 387 37.25 1.35 4.94
CA THR C 387 38.25 0.30 4.89
C THR C 387 39.64 0.84 5.20
N ASP C 388 39.96 2.01 4.66
CA ASP C 388 41.26 2.60 4.95
C ASP C 388 41.40 2.88 6.44
N ALA C 389 40.36 3.42 7.07
CA ALA C 389 40.41 3.68 8.50
C ALA C 389 40.61 2.39 9.28
N PHE C 390 39.88 1.33 8.92
CA PHE C 390 40.03 0.06 9.62
C PHE C 390 41.45 -0.47 9.48
N LEU C 391 41.99 -0.42 8.26
CA LEU C 391 43.34 -0.93 8.05
C LEU C 391 44.36 -0.15 8.86
N LYS C 392 44.25 1.18 8.85
CA LYS C 392 45.18 2.01 9.62
C LYS C 392 45.03 1.77 11.12
N ALA C 393 43.82 1.43 11.58
CA ALA C 393 43.58 1.20 12.99
C ALA C 393 43.95 -0.22 13.43
N ASP C 394 44.38 -1.08 12.50
CA ASP C 394 44.74 -2.44 12.86
C ASP C 394 46.02 -2.45 13.70
N ASP C 395 46.20 -3.54 14.43
CA ASP C 395 47.33 -3.78 15.34
C ASP C 395 47.23 -2.94 16.60
N TYR C 396 46.07 -2.34 16.88
CA TYR C 396 45.83 -1.61 18.11
C TYR C 396 44.56 -2.02 18.84
N ILE C 397 43.65 -2.74 18.19
CA ILE C 397 42.44 -3.25 18.84
C ILE C 397 42.64 -4.73 19.10
N GLU C 398 42.40 -5.15 20.34
CA GLU C 398 42.57 -6.53 20.75
C GLU C 398 41.22 -7.12 21.11
N ILE C 399 40.92 -8.28 20.53
CA ILE C 399 39.69 -9.01 20.81
C ILE C 399 40.08 -10.34 21.42
N THR C 400 39.54 -10.63 22.61
CA THR C 400 39.95 -11.79 23.38
C THR C 400 39.12 -13.01 23.00
N GLY C 401 39.80 -14.09 22.64
CA GLY C 401 39.19 -15.37 22.34
C GLY C 401 39.29 -16.32 23.51
N ALA C 402 39.23 -17.62 23.21
CA ALA C 402 39.36 -18.63 24.24
C ALA C 402 40.79 -18.65 24.79
N GLY C 403 40.91 -18.81 26.10
CA GLY C 403 42.20 -18.86 26.75
C GLY C 403 42.90 -17.53 26.89
N GLY C 404 42.20 -16.43 26.63
CA GLY C 404 42.79 -15.10 26.74
C GLY C 404 43.61 -14.67 25.55
N LYS C 405 43.70 -15.48 24.50
CA LYS C 405 44.49 -15.11 23.33
C LYS C 405 43.93 -13.83 22.71
N LYS C 406 44.84 -12.92 22.34
CA LYS C 406 44.48 -11.63 21.80
C LYS C 406 44.65 -11.66 20.28
N TYR C 407 43.56 -11.43 19.56
CA TYR C 407 43.55 -11.41 18.11
C TYR C 407 43.39 -9.98 17.60
N ARG C 408 43.95 -9.73 16.41
CA ARG C 408 43.75 -8.46 15.73
C ARG C 408 42.46 -8.53 14.92
N ILE C 409 42.14 -7.41 14.25
CA ILE C 409 40.94 -7.39 13.41
C ILE C 409 41.07 -8.39 12.28
N SER C 410 42.24 -8.45 11.65
CA SER C 410 42.45 -9.27 10.47
C SER C 410 42.82 -10.71 10.79
N THR C 411 43.03 -11.05 12.06
CA THR C 411 43.40 -12.40 12.45
C THR C 411 42.35 -13.07 13.33
N ALA C 412 41.20 -12.42 13.54
CA ALA C 412 40.19 -12.96 14.44
C ALA C 412 39.34 -14.06 13.81
N ILE C 413 39.42 -14.25 12.48
CA ILE C 413 38.61 -15.27 11.84
C ILE C 413 39.01 -16.67 12.30
N ASP C 414 40.29 -16.88 12.62
CA ASP C 414 40.77 -18.21 12.99
C ASP C 414 40.16 -18.74 14.28
N ASP C 415 39.52 -17.88 15.07
CA ASP C 415 38.90 -18.29 16.32
C ASP C 415 37.48 -17.71 16.34
N MET C 416 36.48 -18.59 16.37
CA MET C 416 35.11 -18.15 16.18
C MET C 416 34.59 -17.36 17.39
N GLU C 417 35.02 -17.72 18.61
CA GLU C 417 34.57 -16.97 19.77
C GLU C 417 35.14 -15.56 19.77
N ALA C 418 36.35 -15.36 19.24
CA ALA C 418 36.88 -14.02 19.08
C ALA C 418 36.26 -13.30 17.88
N TYR C 419 35.83 -14.06 16.88
CA TYR C 419 35.16 -13.48 15.72
C TYR C 419 33.72 -13.06 16.03
N THR C 420 33.11 -13.64 17.07
CA THR C 420 31.73 -13.29 17.40
C THR C 420 31.63 -11.81 17.81
N LYS C 421 32.61 -11.33 18.56
CA LYS C 421 32.62 -9.94 19.02
C LYS C 421 33.09 -8.97 17.94
N LEU C 422 33.17 -9.41 16.70
CA LEU C 422 33.59 -8.58 15.58
C LEU C 422 32.34 -8.16 14.80
N THR C 423 31.73 -7.07 15.22
CA THR C 423 30.52 -6.53 14.59
C THR C 423 30.77 -5.07 14.22
N ASP C 424 29.71 -4.37 13.85
CA ASP C 424 29.81 -2.97 13.46
C ASP C 424 30.18 -2.03 14.61
N ASN C 425 30.45 -2.56 15.81
CA ASN C 425 30.82 -1.73 16.95
C ASN C 425 32.24 -1.19 16.84
N ILE C 426 33.08 -1.79 15.98
CA ILE C 426 34.45 -1.32 15.85
C ILE C 426 34.48 0.10 15.30
N PHE C 427 33.55 0.42 14.40
CA PHE C 427 33.46 1.77 13.87
C PHE C 427 33.33 2.78 15.00
N LEU C 428 32.39 2.55 15.93
CA LEU C 428 32.20 3.49 17.03
C LEU C 428 33.33 3.42 18.04
N GLU C 429 33.93 2.24 18.24
CA GLU C 429 35.07 2.15 19.14
C GLU C 429 36.22 3.02 18.66
N ILE C 430 36.52 2.98 17.35
CA ILE C 430 37.53 3.87 16.80
C ILE C 430 37.06 5.32 16.89
N LEU C 431 35.78 5.57 16.59
CA LEU C 431 35.29 6.94 16.51
C LEU C 431 35.42 7.66 17.85
N TYR C 432 35.08 6.99 18.95
CA TYR C 432 35.11 7.58 20.28
C TYR C 432 36.39 7.27 21.03
N SER C 433 37.37 6.65 20.37
CA SER C 433 38.63 6.32 21.04
C SER C 433 39.34 7.57 21.49
N THR C 434 40.02 7.48 22.63
CA THR C 434 40.76 8.60 23.20
C THR C 434 42.27 8.43 23.16
N ASP C 435 42.77 7.20 23.08
CA ASP C 435 44.22 6.99 23.12
C ASP C 435 44.87 7.64 21.89
N PRO C 436 46.10 8.14 22.01
CA PRO C 436 46.76 8.77 20.86
C PRO C 436 47.22 7.78 19.80
N LYS C 437 47.03 6.47 20.01
CA LYS C 437 47.45 5.48 19.03
C LYS C 437 46.47 5.32 17.88
N LEU C 438 45.26 5.89 17.99
CA LEU C 438 44.25 5.82 16.94
C LEU C 438 43.93 7.21 16.40
N LYS C 439 44.97 8.03 16.22
CA LYS C 439 44.76 9.41 15.79
C LYS C 439 44.29 9.47 14.34
N ASP C 440 44.96 8.74 13.45
CA ASP C 440 44.66 8.85 12.02
C ASP C 440 43.32 8.21 11.69
N ALA C 441 43.02 7.06 12.27
CA ALA C 441 41.74 6.42 12.02
C ALA C 441 40.59 7.30 12.50
N ARG C 442 40.74 7.87 13.69
CA ARG C 442 39.72 8.79 14.21
C ARG C 442 39.58 9.99 13.29
N GLU C 443 40.70 10.50 12.78
CA GLU C 443 40.66 11.64 11.86
C GLU C 443 39.89 11.28 10.60
N ILE C 444 40.12 10.08 10.05
CA ILE C 444 39.43 9.68 8.83
C ILE C 444 37.94 9.49 9.09
N LEU C 445 37.59 8.93 10.25
CA LEU C 445 36.18 8.81 10.60
C LEU C 445 35.52 10.18 10.69
N LYS C 446 36.20 11.14 11.31
CA LYS C 446 35.64 12.49 11.38
C LYS C 446 35.51 13.11 9.99
N GLN C 447 36.49 12.89 9.12
CA GLN C 447 36.35 13.35 7.74
C GLN C 447 35.10 12.79 7.09
N ILE C 448 34.85 11.49 7.27
CA ILE C 448 33.61 10.93 6.76
C ILE C 448 32.42 11.67 7.37
N GLU C 449 32.49 11.97 8.67
CA GLU C 449 31.34 12.55 9.35
C GLU C 449 31.00 13.94 8.82
N TYR C 450 32.01 14.76 8.53
CA TYR C 450 31.80 16.12 8.04
C TYR C 450 31.35 16.17 6.59
N ARG C 451 31.19 15.03 5.92
CA ARG C 451 30.83 15.00 4.50
C ARG C 451 31.84 15.78 3.66
N ASN C 452 33.13 15.56 3.94
CA ASN C 452 34.22 16.05 3.10
C ASN C 452 35.00 14.82 2.64
N LEU C 453 34.51 14.16 1.60
CA LEU C 453 35.02 12.88 1.16
C LEU C 453 36.18 13.05 0.20
N PHE C 454 36.86 11.95 -0.07
CA PHE C 454 37.91 11.96 -1.07
C PHE C 454 37.31 12.27 -2.45
N LYS C 455 38.05 13.04 -3.24
CA LYS C 455 37.53 13.49 -4.53
C LYS C 455 37.56 12.36 -5.55
N TYR C 456 36.45 12.18 -6.26
CA TYR C 456 36.40 11.23 -7.35
C TYR C 456 37.25 11.72 -8.51
N VAL C 457 38.09 10.82 -9.05
CA VAL C 457 39.04 11.20 -10.09
C VAL C 457 38.48 10.83 -11.46
N GLY C 458 38.22 9.55 -11.66
CA GLY C 458 37.70 9.11 -12.94
C GLY C 458 37.49 7.61 -12.95
N GLU C 459 37.05 7.12 -14.11
CA GLU C 459 36.80 5.70 -14.30
C GLU C 459 37.41 5.25 -15.62
N THR C 460 37.71 3.96 -15.69
CA THR C 460 38.27 3.35 -16.88
C THR C 460 37.34 2.25 -17.37
N GLN C 461 37.25 2.09 -18.69
CA GLN C 461 36.43 1.04 -19.29
C GLN C 461 36.81 -0.29 -18.67
N PRO C 462 35.91 -1.28 -18.67
CA PRO C 462 36.24 -2.59 -18.09
C PRO C 462 37.64 -3.05 -18.48
N THR C 463 38.36 -3.66 -17.53
CA THR C 463 39.74 -4.07 -17.75
C THR C 463 39.86 -4.90 -19.02
N GLY C 464 38.98 -5.88 -19.20
CA GLY C 464 38.94 -6.65 -20.43
C GLY C 464 40.12 -7.61 -20.56
N GLN C 465 39.89 -8.73 -21.24
CA GLN C 465 40.95 -9.71 -21.51
C GLN C 465 41.46 -10.21 -20.16
N ILE C 466 42.73 -10.00 -19.81
CA ILE C 466 43.28 -10.46 -18.54
C ILE C 466 42.45 -9.90 -17.39
N LYS C 467 42.14 -10.74 -16.41
CA LYS C 467 41.32 -10.36 -15.27
C LYS C 467 42.20 -10.08 -14.07
N ILE C 468 41.77 -9.13 -13.24
CA ILE C 468 42.52 -8.76 -12.04
C ILE C 468 42.29 -9.83 -10.97
N LYS C 469 43.38 -10.37 -10.44
CA LYS C 469 43.28 -11.43 -9.44
C LYS C 469 42.96 -10.84 -8.07
N ARG C 470 42.61 -11.73 -7.14
CA ARG C 470 42.23 -11.30 -5.80
C ARG C 470 43.38 -10.59 -5.09
N GLU C 471 44.59 -11.13 -5.20
CA GLU C 471 45.73 -10.64 -4.43
C GLU C 471 46.49 -9.53 -5.14
N ASP C 472 45.95 -8.93 -6.19
CA ASP C 472 46.61 -7.85 -6.90
C ASP C 472 46.19 -6.47 -6.39
N TYR C 473 45.26 -6.39 -5.44
CA TYR C 473 44.74 -5.10 -5.01
C TYR C 473 45.84 -4.25 -4.37
N GLU C 474 46.70 -4.86 -3.55
CA GLU C 474 47.70 -4.08 -2.82
C GLU C 474 48.69 -3.41 -3.76
N SER C 475 49.08 -4.10 -4.82
CA SER C 475 50.10 -3.57 -5.72
C SER C 475 49.57 -2.45 -6.62
N LEU C 476 48.27 -2.45 -6.91
CA LEU C 476 47.73 -1.46 -7.85
C LEU C 476 48.08 -0.03 -7.48
N PRO C 477 47.86 0.43 -6.24
CA PRO C 477 48.21 1.82 -5.92
C PRO C 477 49.69 2.12 -6.13
N LYS C 478 50.58 1.16 -5.86
CA LYS C 478 52.00 1.39 -6.06
C LYS C 478 52.32 1.65 -7.52
N GLU C 479 51.70 0.89 -8.42
CA GLU C 479 51.98 1.06 -9.84
C GLU C 479 51.57 2.44 -10.34
N VAL C 480 50.41 2.94 -9.88
CA VAL C 480 49.94 4.24 -10.33
C VAL C 480 50.93 5.33 -9.95
N ALA C 481 51.39 5.30 -8.69
CA ALA C 481 52.38 6.30 -8.25
C ALA C 481 53.68 6.15 -9.01
N SER C 482 54.11 4.91 -9.25
CA SER C 482 55.37 4.68 -9.96
C SER C 482 55.34 5.23 -11.38
N ALA C 483 54.16 5.32 -12.00
CA ALA C 483 54.07 5.83 -13.35
C ALA C 483 54.55 7.27 -13.41
N LYS C 484 55.31 7.59 -14.46
CA LYS C 484 55.89 8.92 -14.65
C LYS C 484 55.22 9.59 -15.84
N PRO C 485 54.25 10.48 -15.61
CA PRO C 485 53.59 11.15 -16.74
C PRO C 485 54.56 12.03 -17.51
N LYS C 486 54.32 12.14 -18.82
CA LYS C 486 55.19 12.96 -19.66
C LYS C 486 55.13 14.43 -19.25
N VAL C 487 53.93 14.93 -18.96
CA VAL C 487 53.79 16.33 -18.59
C VAL C 487 54.48 16.58 -17.25
N LEU C 488 54.78 17.85 -16.99
CA LEU C 488 55.45 18.25 -15.76
C LEU C 488 54.40 18.46 -14.67
N LEU C 489 54.62 17.84 -13.51
CA LEU C 489 53.72 17.95 -12.37
C LEU C 489 54.40 18.75 -11.26
N ASP C 490 53.74 19.81 -10.82
CA ASP C 490 54.31 20.66 -9.76
C ASP C 490 54.45 19.89 -8.46
N VAL C 491 53.46 19.06 -8.12
CA VAL C 491 53.43 18.32 -6.86
C VAL C 491 53.70 16.86 -7.17
N LYS C 492 54.63 16.26 -6.42
CA LYS C 492 54.97 14.86 -6.56
C LYS C 492 54.07 14.03 -5.66
N LEU C 493 53.55 12.93 -6.20
CA LEU C 493 52.62 12.06 -5.48
C LEU C 493 53.34 10.79 -5.05
N LYS C 494 53.00 10.32 -3.86
CA LYS C 494 53.58 9.10 -3.30
C LYS C 494 52.60 7.94 -3.47
N ALA C 495 53.03 6.76 -3.05
CA ALA C 495 52.23 5.55 -3.20
C ALA C 495 51.00 5.55 -2.30
N GLU C 496 50.92 6.45 -1.33
CA GLU C 496 49.79 6.51 -0.41
C GLU C 496 48.71 7.51 -0.85
N ASP C 497 48.88 8.14 -2.00
CA ASP C 497 47.95 9.17 -2.46
C ASP C 497 46.88 8.64 -3.40
N PHE C 498 46.90 7.34 -3.72
CA PHE C 498 45.94 6.77 -4.66
C PHE C 498 45.29 5.54 -4.05
N ILE C 499 43.96 5.53 -4.01
CA ILE C 499 43.17 4.38 -3.58
C ILE C 499 42.29 3.95 -4.74
N VAL C 500 42.30 2.65 -5.03
CA VAL C 500 41.63 2.10 -6.21
C VAL C 500 40.53 1.16 -5.75
N ASP C 501 39.35 1.30 -6.33
CA ASP C 501 38.20 0.47 -6.03
C ASP C 501 37.91 -0.45 -7.20
N VAL C 502 37.81 -1.75 -6.93
CA VAL C 502 37.55 -2.76 -7.95
C VAL C 502 36.16 -3.33 -7.73
N ILE C 503 35.37 -3.35 -8.80
CA ILE C 503 33.99 -3.84 -8.75
C ILE C 503 33.86 -4.97 -9.76
N ASN C 504 33.28 -6.09 -9.32
CA ASN C 504 33.06 -7.25 -10.18
C ASN C 504 31.59 -7.29 -10.59
N MET C 505 31.35 -7.34 -11.89
CA MET C 505 29.99 -7.39 -12.42
C MET C 505 29.75 -8.72 -13.13
N VAL C 518 18.00 -23.41 -17.47
CA VAL C 518 16.95 -22.50 -17.89
C VAL C 518 15.82 -23.32 -18.52
N SER C 519 15.52 -24.47 -17.90
CA SER C 519 14.48 -25.35 -18.40
C SER C 519 13.14 -24.61 -18.48
N PHE C 520 12.53 -24.61 -19.66
CA PHE C 520 11.26 -23.93 -19.89
C PHE C 520 10.17 -24.90 -20.34
N TYR C 521 10.23 -26.12 -19.85
CA TYR C 521 9.24 -27.13 -20.21
C TYR C 521 7.91 -26.85 -19.53
N PHE C 545 29.07 -12.27 -19.83
CA PHE C 545 28.02 -11.83 -18.91
C PHE C 545 28.62 -11.22 -17.64
N ALA C 546 29.93 -11.07 -17.60
CA ALA C 546 30.62 -10.52 -16.45
C ALA C 546 31.69 -9.54 -16.91
N GLU C 547 31.97 -8.56 -16.07
CA GLU C 547 33.01 -7.57 -16.34
C GLU C 547 33.49 -7.01 -15.02
N GLN C 548 34.67 -6.38 -15.07
CA GLN C 548 35.30 -5.80 -13.90
C GLN C 548 35.42 -4.30 -14.08
N LEU C 549 34.97 -3.54 -13.09
CA LEU C 549 35.05 -2.09 -13.10
C LEU C 549 36.09 -1.64 -12.08
N ILE C 550 36.98 -0.75 -12.50
CA ILE C 550 38.05 -0.24 -11.66
C ILE C 550 37.88 1.27 -11.53
N ARG C 551 37.89 1.76 -10.29
CA ARG C 551 37.81 3.18 -10.00
C ARG C 551 39.02 3.59 -9.18
N VAL C 552 39.47 4.83 -9.38
CA VAL C 552 40.62 5.39 -8.70
C VAL C 552 40.18 6.65 -7.96
N TYR C 553 40.58 6.76 -6.70
CA TYR C 553 40.23 7.88 -5.85
C TYR C 553 41.48 8.43 -5.20
N CYS C 554 41.49 9.75 -4.99
CA CYS C 554 42.64 10.46 -4.41
C CYS C 554 42.24 11.08 -3.09
N LYS C 555 43.06 10.87 -2.06
CA LYS C 555 42.78 11.46 -0.75
C LYS C 555 42.78 12.98 -0.83
N LYS C 556 43.84 13.55 -1.39
CA LYS C 556 43.93 15.00 -1.49
C LYS C 556 42.81 15.54 -2.39
N VAL C 557 42.24 16.68 -1.98
CA VAL C 557 41.14 17.30 -2.69
C VAL C 557 41.49 18.70 -3.18
N ASP C 558 42.73 19.14 -2.99
CA ASP C 558 43.14 20.44 -3.48
C ASP C 558 43.25 20.43 -5.01
N ARG C 559 43.14 21.62 -5.59
CA ARG C 559 43.16 21.73 -7.05
C ARG C 559 44.48 21.22 -7.62
N LYS C 560 45.60 21.56 -6.99
CA LYS C 560 46.90 21.13 -7.50
C LYS C 560 47.02 19.61 -7.47
N SER C 561 46.58 18.98 -6.39
CA SER C 561 46.71 17.53 -6.27
C SER C 561 45.88 16.81 -7.33
N LEU C 562 44.66 17.29 -7.58
CA LEU C 562 43.82 16.63 -8.57
C LEU C 562 44.44 16.72 -9.96
N TYR C 563 44.96 17.89 -10.34
CA TYR C 563 45.62 18.02 -11.63
C TYR C 563 46.86 17.15 -11.70
N ALA C 564 47.66 17.14 -10.63
CA ALA C 564 48.83 16.27 -10.58
C ALA C 564 48.40 14.80 -10.58
N ALA C 565 47.35 14.48 -9.82
CA ALA C 565 46.87 13.10 -9.76
C ALA C 565 46.28 12.67 -11.10
N ARG C 566 45.67 13.60 -11.85
CA ARG C 566 45.07 13.25 -13.12
C ARG C 566 46.13 12.77 -14.12
N GLN C 567 47.30 13.42 -14.13
CA GLN C 567 48.35 13.02 -15.07
C GLN C 567 48.78 11.58 -14.85
N TYR C 568 48.76 11.11 -13.60
CA TYR C 568 49.13 9.72 -13.33
C TYR C 568 48.16 8.75 -13.99
N PHE C 569 46.86 9.09 -13.97
CA PHE C 569 45.85 8.19 -14.54
C PHE C 569 46.07 8.00 -16.04
N VAL C 570 46.25 9.10 -16.77
CA VAL C 570 46.40 9.00 -18.22
C VAL C 570 47.64 8.21 -18.58
N GLN C 571 48.75 8.47 -17.89
CA GLN C 571 49.98 7.73 -18.15
C GLN C 571 49.84 6.27 -17.77
N TRP C 572 49.28 5.99 -16.59
CA TRP C 572 49.18 4.62 -16.10
C TRP C 572 48.10 3.84 -16.82
N CYS C 573 46.95 4.46 -17.07
CA CYS C 573 45.84 3.75 -17.71
C CYS C 573 46.25 3.26 -19.11
N ALA C 574 46.90 4.12 -19.89
CA ALA C 574 47.33 3.73 -21.22
C ALA C 574 48.41 2.65 -21.15
N ASP C 575 49.33 2.75 -20.18
CA ASP C 575 50.44 1.81 -20.09
C ASP C 575 49.94 0.39 -19.85
N ARG C 576 48.94 0.23 -18.99
CA ARG C 576 48.44 -1.09 -18.63
C ARG C 576 47.44 -1.64 -19.64
N ASN C 577 47.13 -0.89 -20.69
CA ASN C 577 46.26 -1.36 -21.77
C ASN C 577 44.86 -1.67 -21.26
N PHE C 578 44.22 -0.64 -20.71
CA PHE C 578 42.81 -0.73 -20.34
C PHE C 578 41.92 -0.15 -21.43
N THR D 114 22.69 25.45 -5.37
CA THR D 114 23.30 24.50 -4.39
C THR D 114 22.19 23.82 -3.59
N MET D 115 21.06 23.60 -4.24
CA MET D 115 19.92 22.97 -3.58
C MET D 115 20.01 21.46 -3.75
N LYS D 116 19.94 20.74 -2.64
CA LYS D 116 20.18 19.31 -2.60
C LYS D 116 18.86 18.54 -2.61
N VAL D 117 18.98 17.21 -2.77
CA VAL D 117 17.82 16.31 -2.78
C VAL D 117 18.15 15.10 -1.92
N ILE D 118 17.13 14.55 -1.26
CA ILE D 118 17.26 13.33 -0.46
C ILE D 118 16.07 12.43 -0.76
N ASN D 119 16.30 11.13 -0.65
CA ASN D 119 15.29 10.12 -0.90
C ASN D 119 14.79 9.54 0.42
N ASP D 120 13.46 9.46 0.56
CA ASP D 120 12.83 8.96 1.76
C ASP D 120 11.77 7.94 1.35
N PRO D 121 11.78 6.72 1.90
CA PRO D 121 10.74 5.75 1.51
C PRO D 121 9.33 6.23 1.77
N ILE D 122 9.09 6.98 2.84
CA ILE D 122 7.72 7.40 3.16
C ILE D 122 7.29 8.55 2.28
N HIS D 123 7.99 9.67 2.36
CA HIS D 123 7.71 10.81 1.48
C HIS D 123 8.37 10.58 0.13
N GLY D 124 8.43 11.61 -0.69
CA GLY D 124 9.08 11.50 -1.99
C GLY D 124 10.51 11.98 -1.96
N HIS D 125 10.78 13.08 -2.64
CA HIS D 125 12.10 13.69 -2.66
C HIS D 125 12.07 14.94 -1.78
N ILE D 126 12.92 14.97 -0.76
CA ILE D 126 12.96 16.05 0.22
C ILE D 126 13.98 17.08 -0.26
N GLU D 127 13.53 18.33 -0.39
CA GLU D 127 14.38 19.41 -0.85
C GLU D 127 14.96 20.17 0.34
N LEU D 128 16.25 20.51 0.26
CA LEU D 128 16.98 21.10 1.37
C LEU D 128 17.60 22.42 0.95
N HIS D 129 17.36 23.46 1.76
CA HIS D 129 18.07 24.71 1.59
C HIS D 129 19.53 24.53 1.97
N PRO D 130 20.46 25.27 1.33
CA PRO D 130 21.89 25.03 1.63
C PRO D 130 22.24 25.20 3.10
N LEU D 131 21.60 26.13 3.80
CA LEU D 131 21.87 26.30 5.22
C LEU D 131 21.48 25.05 6.01
N LEU D 132 20.36 24.42 5.65
CA LEU D 132 19.97 23.18 6.31
C LEU D 132 20.99 22.09 6.07
N VAL D 133 21.51 22.00 4.85
CA VAL D 133 22.54 20.99 4.55
C VAL D 133 23.78 21.25 5.38
N ARG D 134 24.20 22.51 5.49
CA ARG D 134 25.36 22.84 6.31
C ARG D 134 25.14 22.46 7.76
N ILE D 135 23.92 22.70 8.26
CA ILE D 135 23.63 22.36 9.66
C ILE D 135 23.61 20.85 9.86
N ILE D 136 23.19 20.10 8.84
CA ILE D 136 23.04 18.65 9.00
C ILE D 136 24.39 17.99 9.21
N ASP D 137 25.43 18.49 8.55
CA ASP D 137 26.76 17.86 8.59
C ASP D 137 27.55 18.38 9.80
N THR D 138 27.15 17.89 10.97
CA THR D 138 27.86 18.20 12.21
C THR D 138 27.74 17.00 13.13
N PRO D 139 28.72 16.78 14.00
CA PRO D 139 28.64 15.59 14.89
C PRO D 139 27.40 15.58 15.76
N GLN D 140 26.96 16.74 16.25
CA GLN D 140 25.82 16.79 17.14
C GLN D 140 24.55 16.29 16.46
N PHE D 141 24.44 16.48 15.14
CA PHE D 141 23.28 15.99 14.40
C PHE D 141 23.50 14.58 13.88
N GLN D 142 24.69 14.28 13.34
CA GLN D 142 24.97 12.94 12.86
C GLN D 142 24.93 11.91 13.97
N ARG D 143 25.02 12.34 15.23
CA ARG D 143 24.91 11.41 16.35
C ARG D 143 23.56 10.69 16.34
N LEU D 144 22.54 11.28 15.72
CA LEU D 144 21.22 10.66 15.75
C LEU D 144 21.16 9.38 14.93
N ARG D 145 22.12 9.14 14.04
CA ARG D 145 22.12 7.92 13.25
C ARG D 145 22.22 6.67 14.10
N TYR D 146 22.67 6.79 15.34
CA TYR D 146 22.97 5.63 16.19
C TYR D 146 22.03 5.57 17.40
N ILE D 147 20.81 6.05 17.24
CA ILE D 147 19.78 5.96 18.28
C ILE D 147 18.54 5.33 17.68
N LYS D 148 18.07 4.25 18.28
CA LYS D 148 16.89 3.55 17.77
C LYS D 148 15.64 4.39 18.02
N GLN D 149 14.74 4.38 17.02
CA GLN D 149 13.48 5.11 17.17
C GLN D 149 12.64 4.52 18.30
N LEU D 150 12.42 3.21 18.27
CA LEU D 150 11.55 2.55 19.25
C LEU D 150 12.30 1.99 20.45
N GLY D 151 13.63 2.00 20.42
CA GLY D 151 14.40 1.50 21.55
C GLY D 151 14.31 0.00 21.69
N GLY D 152 13.60 -0.47 22.71
CA GLY D 152 13.46 -1.88 22.96
C GLY D 152 12.43 -2.59 22.10
N GLY D 153 11.73 -1.88 21.24
CA GLY D 153 10.76 -2.51 20.36
C GLY D 153 11.34 -3.29 19.21
N TYR D 154 12.66 -3.16 18.97
CA TYR D 154 13.32 -3.95 17.94
C TYR D 154 13.42 -5.42 18.35
N TYR D 155 13.27 -5.72 19.63
CA TYR D 155 13.39 -7.08 20.13
C TYR D 155 12.05 -7.81 20.17
N VAL D 156 10.98 -7.19 19.65
CA VAL D 156 9.70 -7.83 19.46
C VAL D 156 9.26 -7.77 18.01
N PHE D 157 9.29 -6.58 17.42
CA PHE D 157 9.03 -6.40 15.99
C PHE D 157 10.35 -6.40 15.24
N PRO D 158 10.77 -7.53 14.66
CA PRO D 158 12.10 -7.56 14.01
C PRO D 158 12.25 -6.57 12.87
N GLY D 159 11.16 -6.09 12.28
CA GLY D 159 11.22 -5.18 11.16
C GLY D 159 11.32 -3.71 11.50
N ALA D 160 11.49 -3.36 12.78
CA ALA D 160 11.50 -1.97 13.24
C ALA D 160 12.93 -1.62 13.68
N SER D 161 13.73 -1.14 12.73
CA SER D 161 15.11 -0.75 12.98
C SER D 161 15.43 0.59 12.32
N HIS D 162 14.56 1.57 12.50
CA HIS D 162 14.75 2.90 11.92
C HIS D 162 15.24 3.89 12.97
N ASN D 163 15.95 4.91 12.50
CA ASN D 163 16.65 5.87 13.35
C ASN D 163 15.93 7.21 13.34
N ARG D 164 16.42 8.11 14.19
CA ARG D 164 15.83 9.44 14.32
C ARG D 164 16.24 10.39 13.22
N PHE D 165 17.29 10.05 12.46
CA PHE D 165 17.72 10.90 11.35
C PHE D 165 16.59 11.13 10.36
N GLU D 166 15.98 10.04 9.88
CA GLU D 166 14.89 10.14 8.92
C GLU D 166 13.68 10.83 9.53
N HIS D 167 13.39 10.56 10.80
CA HIS D 167 12.24 11.18 11.44
C HIS D 167 12.41 12.70 11.49
N SER D 168 13.60 13.17 11.88
CA SER D 168 13.84 14.60 11.90
C SER D 168 13.74 15.21 10.52
N LEU D 169 14.32 14.53 9.51
CA LEU D 169 14.22 15.04 8.15
C LEU D 169 12.77 15.18 7.72
N GLY D 170 11.96 14.15 7.99
CA GLY D 170 10.57 14.20 7.59
C GLY D 170 9.79 15.27 8.32
N VAL D 171 10.05 15.44 9.62
CA VAL D 171 9.34 16.48 10.37
C VAL D 171 9.68 17.86 9.81
N GLY D 172 10.95 18.11 9.53
CA GLY D 172 11.31 19.38 8.93
C GLY D 172 10.63 19.60 7.58
N TYR D 173 10.63 18.57 6.73
CA TYR D 173 9.98 18.69 5.43
C TYR D 173 8.49 18.98 5.58
N LEU D 174 7.82 18.28 6.49
CA LEU D 174 6.39 18.48 6.68
C LEU D 174 6.11 19.90 7.17
N ALA D 175 6.89 20.39 8.13
CA ALA D 175 6.69 21.75 8.61
C ALA D 175 6.87 22.76 7.49
N GLY D 176 7.93 22.59 6.69
CA GLY D 176 8.15 23.51 5.59
C GLY D 176 6.99 23.51 4.60
N CYS D 177 6.55 22.31 4.21
CA CYS D 177 5.45 22.21 3.25
C CYS D 177 4.18 22.82 3.79
N LEU D 178 3.86 22.57 5.07
CA LEU D 178 2.63 23.10 5.64
C LEU D 178 2.68 24.62 5.72
N VAL D 179 3.80 25.20 6.15
CA VAL D 179 3.88 26.65 6.22
C VAL D 179 3.80 27.25 4.83
N HIS D 180 4.43 26.61 3.84
CA HIS D 180 4.33 27.11 2.47
C HIS D 180 2.89 27.11 1.99
N ALA D 181 2.17 26.02 2.23
CA ALA D 181 0.78 25.93 1.78
C ALA D 181 -0.08 26.98 2.47
N LEU D 182 0.09 27.14 3.79
CA LEU D 182 -0.70 28.14 4.51
C LEU D 182 -0.41 29.54 3.97
N GLY D 183 0.86 29.86 3.74
CA GLY D 183 1.19 31.16 3.19
C GLY D 183 0.60 31.39 1.82
N GLU D 184 0.61 30.36 0.97
CA GLU D 184 0.06 30.51 -0.38
C GLU D 184 -1.46 30.64 -0.36
N LYS D 185 -2.12 30.00 0.60
CA LYS D 185 -3.58 30.09 0.66
C LYS D 185 -4.04 31.53 0.88
N GLN D 186 -3.38 32.24 1.79
CA GLN D 186 -3.76 33.59 2.18
C GLN D 186 -2.54 34.50 2.06
N PRO D 187 -2.35 35.14 0.91
CA PRO D 187 -1.15 35.98 0.73
C PRO D 187 -1.15 37.27 1.53
N GLU D 188 -2.15 37.46 2.39
CA GLU D 188 -2.23 38.64 3.24
C GLU D 188 -1.61 38.44 4.61
N LEU D 189 -1.07 37.26 4.89
CA LEU D 189 -0.52 36.97 6.21
C LEU D 189 0.88 37.54 6.41
N GLN D 190 1.55 37.95 5.32
CA GLN D 190 2.90 38.52 5.41
C GLN D 190 3.90 37.48 5.92
N ILE D 191 3.93 36.32 5.27
CA ILE D 191 4.90 35.27 5.57
C ILE D 191 6.06 35.43 4.59
N SER D 192 7.28 35.43 5.12
CA SER D 192 8.48 35.70 4.35
C SER D 192 9.37 34.45 4.31
N GLU D 193 10.46 34.55 3.55
CA GLU D 193 11.41 33.45 3.47
C GLU D 193 12.04 33.15 4.82
N ARG D 194 12.36 34.21 5.58
CA ARG D 194 12.97 34.02 6.89
C ARG D 194 12.06 33.19 7.79
N ASP D 195 10.75 33.44 7.73
CA ASP D 195 9.82 32.68 8.55
C ASP D 195 9.86 31.20 8.21
N VAL D 196 9.84 30.88 6.90
CA VAL D 196 9.84 29.49 6.48
C VAL D 196 11.15 28.81 6.89
N LEU D 197 12.28 29.49 6.69
CA LEU D 197 13.56 28.89 7.05
C LEU D 197 13.65 28.65 8.56
N CYS D 198 13.19 29.62 9.36
CA CYS D 198 13.20 29.43 10.81
C CYS D 198 12.31 28.27 11.22
N VAL D 199 11.13 28.15 10.61
CA VAL D 199 10.25 27.04 10.94
C VAL D 199 10.89 25.71 10.59
N GLN D 200 11.53 25.63 9.42
CA GLN D 200 12.18 24.39 9.01
C GLN D 200 13.31 24.02 9.96
N ILE D 201 14.13 25.01 10.33
CA ILE D 201 15.24 24.73 11.25
C ILE D 201 14.71 24.27 12.59
N ALA D 202 13.68 24.94 13.12
CA ALA D 202 13.07 24.51 14.37
C ALA D 202 12.50 23.10 14.25
N GLY D 203 12.04 22.72 13.06
CA GLY D 203 11.52 21.38 12.87
C GLY D 203 12.58 20.32 12.65
N LEU D 204 13.80 20.73 12.33
CA LEU D 204 14.87 19.75 12.08
C LEU D 204 15.63 19.39 13.34
N CYS D 205 15.65 20.26 14.34
CA CYS D 205 16.46 20.07 15.54
C CYS D 205 15.58 20.02 16.80
N HIS D 206 14.48 19.29 16.73
CA HIS D 206 13.54 19.22 17.85
C HIS D 206 13.69 17.97 18.70
N ASP D 207 14.58 17.05 18.33
CA ASP D 207 14.78 15.81 19.09
C ASP D 207 16.26 15.52 19.34
N LEU D 208 17.10 16.55 19.29
CA LEU D 208 18.54 16.34 19.48
C LEU D 208 18.87 15.82 20.87
N GLY D 209 17.95 15.97 21.82
CA GLY D 209 18.22 15.61 23.21
C GLY D 209 17.97 14.16 23.57
N HIS D 210 17.59 13.31 22.61
CA HIS D 210 17.29 11.92 22.93
C HIS D 210 18.57 11.17 23.25
N GLY D 211 18.54 10.40 24.33
CA GLY D 211 19.65 9.57 24.72
C GLY D 211 19.56 8.19 24.10
N PRO D 212 20.32 7.24 24.63
CA PRO D 212 20.28 5.88 24.09
C PRO D 212 18.87 5.30 24.14
N PHE D 213 18.51 4.57 23.09
CA PHE D 213 17.22 3.88 23.02
C PHE D 213 16.06 4.84 23.21
N SER D 214 16.21 6.05 22.66
CA SER D 214 15.12 7.01 22.62
C SER D 214 14.45 7.22 23.97
N HIS D 215 13.19 6.82 24.10
CA HIS D 215 12.39 7.22 25.25
C HIS D 215 12.76 6.48 26.53
N MET D 216 13.39 5.31 26.43
CA MET D 216 13.72 4.57 27.64
C MET D 216 14.55 5.42 28.59
N PHE D 217 15.53 6.15 28.06
CA PHE D 217 16.40 6.94 28.91
C PHE D 217 15.60 7.87 29.79
N ASP D 218 14.93 8.86 29.20
CA ASP D 218 14.23 9.88 29.96
C ASP D 218 12.95 9.38 30.61
N GLY D 219 12.50 8.17 30.30
CA GLY D 219 11.29 7.66 30.91
C GLY D 219 11.52 6.73 32.08
N ARG D 220 12.69 6.09 32.13
CA ARG D 220 12.96 5.09 33.16
C ARG D 220 14.29 5.23 33.88
N PHE D 221 15.32 5.80 33.25
CA PHE D 221 16.64 5.81 33.86
C PHE D 221 16.86 7.05 34.72
N ILE D 222 16.73 8.24 34.13
CA ILE D 222 16.97 9.47 34.87
C ILE D 222 16.09 9.57 36.11
N PRO D 223 14.80 9.26 36.05
CA PRO D 223 14.00 9.26 37.28
C PRO D 223 14.49 8.28 38.33
N LEU D 224 15.23 7.25 37.93
CA LEU D 224 15.75 6.25 38.87
C LEU D 224 17.20 6.49 39.26
N ALA D 225 17.98 7.13 38.41
CA ALA D 225 19.40 7.34 38.69
C ALA D 225 19.65 8.63 39.48
N ARG D 226 19.02 9.73 39.07
CA ARG D 226 19.16 11.02 39.74
C ARG D 226 17.75 11.56 40.01
N PRO D 227 17.11 11.12 41.09
CA PRO D 227 15.74 11.56 41.38
C PRO D 227 15.64 12.96 41.99
N GLU D 228 16.74 13.71 42.05
CA GLU D 228 16.73 15.04 42.65
C GLU D 228 16.32 16.14 41.67
N VAL D 229 16.25 15.84 40.37
CA VAL D 229 15.92 16.83 39.36
C VAL D 229 14.94 16.23 38.37
N LYS D 230 14.25 17.11 37.66
CA LYS D 230 13.35 16.74 36.58
C LYS D 230 13.98 17.14 35.25
N TRP D 231 13.98 16.22 34.29
CA TRP D 231 14.66 16.45 33.02
C TRP D 231 13.88 15.79 31.90
N THR D 232 13.70 16.52 30.80
CA THR D 232 13.05 16.01 29.60
C THR D 232 13.89 16.35 28.39
N HIS D 233 13.69 15.58 27.31
CA HIS D 233 14.56 15.70 26.15
C HIS D 233 14.42 17.03 25.42
N GLU D 234 13.38 17.82 25.70
CA GLU D 234 13.27 19.13 25.06
C GLU D 234 14.37 20.07 25.56
N GLN D 235 14.62 20.07 26.86
CA GLN D 235 15.72 20.89 27.40
C GLN D 235 17.05 20.46 26.80
N GLY D 236 17.29 19.15 26.72
CA GLY D 236 18.51 18.66 26.10
C GLY D 236 18.62 19.10 24.66
N SER D 237 17.51 19.07 23.93
CA SER D 237 17.52 19.55 22.55
C SER D 237 17.92 21.01 22.49
N VAL D 238 17.39 21.82 23.39
CA VAL D 238 17.73 23.25 23.42
C VAL D 238 19.24 23.42 23.67
N MET D 239 19.77 22.73 24.67
CA MET D 239 21.18 22.88 24.98
C MET D 239 22.06 22.41 23.82
N MET D 240 21.69 21.30 23.19
CA MET D 240 22.49 20.78 22.08
C MET D 240 22.43 21.72 20.88
N PHE D 241 21.27 22.34 20.63
CA PHE D 241 21.19 23.33 19.57
C PHE D 241 22.09 24.52 19.87
N GLU D 242 22.07 24.99 21.12
CA GLU D 242 22.97 26.07 21.51
C GLU D 242 24.43 25.70 21.25
N HIS D 243 24.83 24.51 21.70
CA HIS D 243 26.21 24.08 21.52
C HIS D 243 26.57 23.97 20.04
N LEU D 244 25.67 23.39 19.24
CA LEU D 244 25.92 23.28 17.81
C LEU D 244 26.16 24.64 17.18
N ILE D 245 25.24 25.59 17.42
CA ILE D 245 25.38 26.90 16.81
C ILE D 245 26.65 27.58 17.30
N ASN D 246 26.98 27.43 18.58
CA ASN D 246 28.14 28.13 19.14
C ASN D 246 29.44 27.57 18.57
N SER D 247 29.57 26.25 18.51
CA SER D 247 30.85 25.63 18.19
C SER D 247 31.07 25.41 16.70
N ASN D 248 30.02 25.23 15.91
CA ASN D 248 30.17 24.92 14.49
C ASN D 248 30.24 26.16 13.62
N GLY D 249 30.24 27.36 14.21
CA GLY D 249 30.33 28.58 13.44
C GLY D 249 29.24 28.70 12.39
N ILE D 250 28.00 28.83 12.83
CA ILE D 250 26.87 28.97 11.93
C ILE D 250 26.31 30.38 11.90
N LYS D 251 26.63 31.22 12.89
CA LYS D 251 26.09 32.57 12.91
C LYS D 251 26.44 33.37 11.67
N PRO D 252 27.69 33.40 11.21
CA PRO D 252 27.99 34.17 9.98
C PRO D 252 27.18 33.70 8.78
N VAL D 253 26.95 32.39 8.64
CA VAL D 253 26.17 31.90 7.51
C VAL D 253 24.72 32.33 7.64
N MET D 254 24.17 32.28 8.86
CA MET D 254 22.81 32.76 9.07
C MET D 254 22.69 34.22 8.70
N GLU D 255 23.68 35.03 9.08
CA GLU D 255 23.68 36.43 8.67
C GLU D 255 23.74 36.55 7.16
N GLN D 256 24.58 35.74 6.52
CA GLN D 256 24.71 35.79 5.06
C GLN D 256 23.39 35.50 4.37
N TYR D 257 22.64 34.50 4.86
CA TYR D 257 21.40 34.07 4.22
C TYR D 257 20.20 34.92 4.63
N GLY D 258 20.43 36.12 5.16
CA GLY D 258 19.36 37.06 5.43
C GLY D 258 18.72 36.94 6.80
N LEU D 259 19.05 35.92 7.58
CA LEU D 259 18.49 35.77 8.91
C LEU D 259 19.18 36.71 9.89
N ILE D 260 18.51 36.96 11.00
CA ILE D 260 19.05 37.76 12.10
C ILE D 260 19.24 36.84 13.30
N PRO D 261 20.46 36.37 13.57
CA PRO D 261 20.63 35.38 14.65
C PRO D 261 20.09 35.82 15.99
N GLU D 262 20.25 37.10 16.34
CA GLU D 262 19.91 37.57 17.68
C GLU D 262 18.48 37.21 18.05
N GLU D 263 17.54 37.41 17.12
CA GLU D 263 16.14 37.08 17.37
C GLU D 263 15.77 35.70 16.86
N ASP D 264 16.41 35.23 15.79
CA ASP D 264 16.04 33.94 15.21
C ASP D 264 16.38 32.80 16.16
N ILE D 265 17.51 32.89 16.87
CA ILE D 265 17.87 31.82 17.80
C ILE D 265 16.83 31.70 18.90
N CYS D 266 16.41 32.83 19.47
CA CYS D 266 15.39 32.81 20.50
C CYS D 266 14.06 32.29 19.93
N PHE D 267 13.72 32.69 18.71
CA PHE D 267 12.49 32.21 18.08
C PHE D 267 12.53 30.69 17.94
N ILE D 268 13.65 30.14 17.49
CA ILE D 268 13.77 28.70 17.34
C ILE D 268 13.64 28.02 18.71
N LYS D 269 14.29 28.59 19.72
CA LYS D 269 14.20 28.00 21.06
C LYS D 269 12.76 27.96 21.54
N GLU D 270 12.03 29.07 21.40
CA GLU D 270 10.64 29.08 21.83
C GLU D 270 9.77 28.17 20.97
N GLN D 271 10.18 27.93 19.72
CA GLN D 271 9.50 26.93 18.91
C GLN D 271 9.68 25.54 19.50
N ILE D 272 10.91 25.19 19.88
CA ILE D 272 11.19 23.86 20.39
C ILE D 272 10.54 23.66 21.77
N VAL D 273 10.71 24.62 22.67
CA VAL D 273 10.26 24.48 24.04
C VAL D 273 9.26 25.59 24.36
N GLY D 274 8.64 25.52 25.53
CA GLY D 274 7.56 26.42 25.90
C GLY D 274 7.98 27.87 25.95
N PRO D 275 7.15 28.72 26.57
CA PRO D 275 7.38 30.16 26.53
C PRO D 275 8.74 30.58 27.07
N LEU D 276 9.24 29.90 28.10
CA LEU D 276 10.52 30.26 28.71
C LEU D 276 11.63 30.29 27.68
N LEU D 284 -1.82 39.09 28.31
CA LEU D 284 -0.40 38.84 28.57
C LEU D 284 0.12 37.77 27.62
N TRP D 285 0.88 38.21 26.60
CA TRP D 285 1.46 37.29 25.63
C TRP D 285 2.95 37.15 25.91
N PRO D 286 3.42 35.98 26.36
CA PRO D 286 4.82 35.89 26.83
C PRO D 286 5.85 35.75 25.74
N TYR D 287 5.50 35.20 24.57
CA TYR D 287 6.50 34.93 23.56
C TYR D 287 7.21 36.21 23.12
N LYS D 288 8.54 36.15 23.04
CA LYS D 288 9.36 37.29 22.67
C LYS D 288 10.09 37.09 21.35
N GLY D 289 9.62 36.20 20.49
CA GLY D 289 10.27 35.95 19.22
C GLY D 289 9.64 36.71 18.07
N ARG D 290 8.33 36.69 17.99
CA ARG D 290 7.57 37.30 16.90
C ARG D 290 6.45 38.14 17.50
N PRO D 291 5.90 39.08 16.73
CA PRO D 291 4.77 39.88 17.23
C PRO D 291 3.53 39.04 17.44
N GLU D 292 2.53 39.65 18.08
CA GLU D 292 1.31 38.94 18.43
C GLU D 292 0.50 38.54 17.19
N ASN D 293 0.65 39.25 16.09
CA ASN D 293 -0.07 38.92 14.86
C ASN D 293 0.60 37.81 14.06
N LYS D 294 1.51 37.06 14.69
CA LYS D 294 2.18 35.92 14.07
C LYS D 294 2.08 34.69 14.96
N SER D 295 1.00 34.59 15.73
CA SER D 295 0.85 33.51 16.70
C SER D 295 0.52 32.17 16.06
N PHE D 296 0.22 32.14 14.76
CA PHE D 296 -0.08 30.89 14.10
C PHE D 296 1.17 30.08 13.78
N LEU D 297 2.34 30.71 13.80
CA LEU D 297 3.59 30.01 13.53
C LEU D 297 4.08 29.21 14.72
N TYR D 298 3.48 29.37 15.89
CA TYR D 298 3.91 28.69 17.11
C TYR D 298 3.15 27.40 17.37
N GLU D 299 2.37 26.92 16.41
CA GLU D 299 1.58 25.70 16.56
C GLU D 299 1.73 24.79 15.34
N ILE D 300 2.94 24.73 14.76
CA ILE D 300 3.20 23.89 13.61
C ILE D 300 4.00 22.66 14.03
N VAL D 301 5.19 22.89 14.58
CA VAL D 301 6.05 21.77 14.97
C VAL D 301 5.59 21.17 16.28
N SER D 302 5.56 21.97 17.34
CA SER D 302 5.07 21.53 18.65
C SER D 302 3.90 22.42 19.03
N ASN D 303 2.71 21.83 19.14
CA ASN D 303 1.50 22.54 19.48
C ASN D 303 1.16 22.25 20.94
N LYS D 304 1.04 23.32 21.74
CA LYS D 304 0.77 23.19 23.16
C LYS D 304 -0.71 23.28 23.50
N ARG D 305 -1.49 24.06 22.75
CA ARG D 305 -2.92 24.13 22.99
C ARG D 305 -3.60 22.79 22.70
N ASN D 306 -3.01 22.01 21.80
CA ASN D 306 -3.53 20.68 21.47
C ASN D 306 -2.46 19.94 20.70
N GLY D 307 -2.73 18.67 20.43
CA GLY D 307 -1.76 17.78 19.82
C GLY D 307 -1.64 17.86 18.31
N ILE D 308 -2.36 18.76 17.66
CA ILE D 308 -2.36 18.84 16.20
C ILE D 308 -1.09 19.59 15.78
N ASP D 309 -0.08 18.85 15.37
CA ASP D 309 1.18 19.43 14.88
C ASP D 309 1.86 18.38 14.01
N VAL D 310 2.86 18.81 13.25
CA VAL D 310 3.53 17.87 12.36
C VAL D 310 4.65 17.17 13.12
N ASP D 311 4.27 16.28 14.02
CA ASP D 311 5.16 15.26 14.58
C ASP D 311 4.49 13.91 14.39
N LYS D 312 3.21 13.87 14.76
CA LYS D 312 2.40 12.68 14.57
C LYS D 312 2.25 12.33 13.09
N TRP D 313 2.02 13.34 12.26
CA TRP D 313 1.86 13.08 10.83
C TRP D 313 3.08 12.38 10.25
N ASP D 314 4.23 12.48 10.91
CA ASP D 314 5.44 11.79 10.49
C ASP D 314 5.57 10.42 11.14
N TYR D 315 5.55 10.38 12.48
CA TYR D 315 5.91 9.12 13.12
C TYR D 315 4.78 8.09 13.01
N PHE D 316 3.53 8.53 12.84
CA PHE D 316 2.46 7.58 12.55
C PHE D 316 2.79 6.80 11.29
N ALA D 317 3.07 7.52 10.20
CA ALA D 317 3.37 6.86 8.93
C ALA D 317 4.62 6.00 9.03
N ARG D 318 5.67 6.53 9.66
CA ARG D 318 6.92 5.76 9.76
C ARG D 318 6.71 4.46 10.52
N ASP D 319 6.08 4.54 11.70
CA ASP D 319 5.89 3.35 12.53
C ASP D 319 4.93 2.38 11.87
N CYS D 320 3.88 2.86 11.21
CA CYS D 320 2.96 1.95 10.55
C CYS D 320 3.62 1.25 9.38
N HIS D 321 4.49 1.95 8.64
CA HIS D 321 5.19 1.32 7.53
C HIS D 321 6.19 0.27 8.03
N HIS D 322 6.89 0.57 9.13
CA HIS D 322 7.97 -0.32 9.55
C HIS D 322 7.45 -1.50 10.39
N LEU D 323 6.58 -1.22 11.36
CA LEU D 323 6.09 -2.27 12.24
C LEU D 323 5.33 -3.35 11.46
N GLY D 324 4.56 -2.95 10.45
CA GLY D 324 3.75 -3.88 9.70
C GLY D 324 2.28 -3.73 10.00
N ILE D 325 1.83 -2.49 10.19
CA ILE D 325 0.45 -2.17 10.47
C ILE D 325 0.00 -1.06 9.53
N GLN D 326 -1.27 -1.08 9.15
CA GLN D 326 -1.81 -0.06 8.27
C GLN D 326 -2.23 1.16 9.09
N ASN D 327 -2.29 2.31 8.41
CA ASN D 327 -2.64 3.57 9.03
C ASN D 327 -3.99 4.06 8.50
N ASN D 328 -4.79 4.65 9.39
CA ASN D 328 -6.13 5.11 9.06
C ASN D 328 -6.20 6.61 8.83
N PHE D 329 -5.20 7.37 9.26
CA PHE D 329 -5.24 8.82 9.22
C PHE D 329 -4.47 9.34 8.01
N ASP D 330 -5.03 10.35 7.34
CA ASP D 330 -4.42 10.98 6.18
C ASP D 330 -4.28 12.48 6.46
N TYR D 331 -3.09 13.02 6.22
CA TYR D 331 -2.81 14.41 6.55
C TYR D 331 -2.90 15.36 5.37
N LYS D 332 -2.80 14.87 4.13
CA LYS D 332 -2.92 15.74 2.98
C LYS D 332 -4.32 16.35 2.91
N ARG D 333 -5.35 15.56 3.21
CA ARG D 333 -6.70 16.09 3.23
C ARG D 333 -6.84 17.21 4.26
N PHE D 334 -6.29 17.00 5.45
CA PHE D 334 -6.34 18.05 6.48
C PHE D 334 -5.62 19.30 6.01
N ILE D 335 -4.45 19.14 5.40
CA ILE D 335 -3.72 20.30 4.89
C ILE D 335 -4.52 21.02 3.81
N LYS D 336 -5.35 20.28 3.07
CA LYS D 336 -6.18 20.91 2.04
C LYS D 336 -7.27 21.80 2.63
N PHE D 337 -7.66 21.57 3.88
CA PHE D 337 -8.77 22.31 4.48
C PHE D 337 -8.32 23.05 5.74
N ALA D 338 -7.19 23.75 5.67
CA ALA D 338 -6.64 24.49 6.78
C ALA D 338 -6.69 25.99 6.49
N ARG D 339 -7.04 26.77 7.51
CA ARG D 339 -7.15 28.21 7.38
C ARG D 339 -6.83 28.83 8.73
N VAL D 340 -6.51 30.11 8.73
CA VAL D 340 -6.22 30.86 9.95
C VAL D 340 -7.30 31.91 10.14
N CYS D 341 -7.96 31.88 11.30
CA CYS D 341 -9.01 32.83 11.60
C CYS D 341 -8.68 33.58 12.88
N GLU D 342 -9.60 34.42 13.36
CA GLU D 342 -9.32 35.41 14.41
C GLU D 342 -9.77 34.93 15.79
N VAL D 343 -9.59 33.65 16.10
CA VAL D 343 -10.02 33.12 17.38
C VAL D 343 -9.44 33.94 18.52
N ASP D 344 -10.30 34.41 19.42
CA ASP D 344 -9.87 35.04 20.66
C ASP D 344 -8.84 36.15 20.42
N ASN D 345 -9.14 37.01 19.45
CA ASN D 345 -8.31 38.18 19.17
C ASN D 345 -6.87 37.80 18.84
N GLU D 346 -6.67 36.62 18.26
CA GLU D 346 -5.36 36.20 17.81
C GLU D 346 -5.53 35.30 16.60
N LEU D 347 -4.48 35.22 15.78
CA LEU D 347 -4.50 34.41 14.57
C LEU D 347 -3.96 33.03 14.90
N ARG D 348 -4.79 32.00 14.75
CA ARG D 348 -4.40 30.62 15.02
C ARG D 348 -5.00 29.73 13.94
N ILE D 349 -4.39 28.56 13.76
CA ILE D 349 -4.81 27.65 12.70
C ILE D 349 -6.25 27.23 12.94
N CYS D 350 -7.03 27.18 11.87
CA CYS D 350 -8.46 26.95 11.94
C CYS D 350 -8.82 25.80 11.01
N ALA D 351 -9.69 24.90 11.46
CA ALA D 351 -10.09 23.74 10.69
C ALA D 351 -11.52 23.91 10.18
N ARG D 352 -11.93 22.99 9.31
CA ARG D 352 -13.26 23.04 8.73
C ARG D 352 -14.23 22.18 9.54
N ASP D 353 -15.47 22.65 9.63
CA ASP D 353 -16.45 22.02 10.50
C ASP D 353 -16.82 20.61 10.06
N LYS D 354 -16.46 20.20 8.84
CA LYS D 354 -16.76 18.86 8.33
C LYS D 354 -15.63 17.87 8.56
N GLU D 355 -14.82 18.06 9.61
CA GLU D 355 -13.66 17.21 9.85
C GLU D 355 -13.49 16.86 11.32
N VAL D 356 -14.56 16.88 12.11
CA VAL D 356 -14.45 16.54 13.52
C VAL D 356 -14.21 15.03 13.67
N GLY D 357 -14.95 14.23 12.92
CA GLY D 357 -14.75 12.79 12.97
C GLY D 357 -13.35 12.39 12.55
N ASN D 358 -12.77 13.11 11.59
CA ASN D 358 -11.41 12.79 11.17
C ASN D 358 -10.41 13.03 12.29
N LEU D 359 -10.57 14.12 13.05
CA LEU D 359 -9.66 14.36 14.16
C LEU D 359 -9.85 13.32 15.27
N TYR D 360 -11.12 12.97 15.57
CA TYR D 360 -11.35 11.95 16.57
C TYR D 360 -10.74 10.61 16.13
N ASP D 361 -10.79 10.32 14.83
CA ASP D 361 -10.15 9.11 14.31
C ASP D 361 -8.63 9.21 14.38
N MET D 362 -8.08 10.40 14.17
CA MET D 362 -6.64 10.59 14.38
C MET D 362 -6.25 10.17 15.80
N PHE D 363 -6.97 10.68 16.79
CA PHE D 363 -6.64 10.36 18.17
C PHE D 363 -6.89 8.89 18.48
N HIS D 364 -7.94 8.31 17.90
CA HIS D 364 -8.20 6.89 18.11
C HIS D 364 -7.08 6.04 17.51
N THR D 365 -6.58 6.41 16.33
CA THR D 365 -5.46 5.70 15.74
C THR D 365 -4.21 5.83 16.59
N ARG D 366 -3.96 7.02 17.13
CA ARG D 366 -2.82 7.19 18.04
C ARG D 366 -2.94 6.26 19.22
N ASN D 367 -4.13 6.19 19.83
CA ASN D 367 -4.31 5.31 20.98
C ASN D 367 -4.13 3.84 20.58
N SER D 368 -4.62 3.46 19.41
CA SER D 368 -4.47 2.07 18.97
C SER D 368 -3.00 1.72 18.79
N LEU D 369 -2.23 2.60 18.16
CA LEU D 369 -0.80 2.35 18.00
C LEU D 369 -0.12 2.23 19.36
N HIS D 370 -0.44 3.14 20.28
CA HIS D 370 0.18 3.09 21.59
C HIS D 370 -0.15 1.80 22.32
N ARG D 371 -1.40 1.33 22.20
CA ARG D 371 -1.81 0.11 22.86
C ARG D 371 -1.27 -1.15 22.21
N ARG D 372 -0.96 -1.09 20.90
CA ARG D 372 -0.55 -2.31 20.19
C ARG D 372 0.96 -2.47 20.12
N ALA D 373 1.70 -1.40 19.86
CA ALA D 373 3.13 -1.51 19.60
C ALA D 373 3.99 -0.95 20.73
N TYR D 374 3.76 0.30 21.12
CA TYR D 374 4.65 0.95 22.09
C TYR D 374 4.47 0.40 23.50
N GLN D 375 3.34 -0.21 23.81
CA GLN D 375 3.06 -0.71 25.15
C GLN D 375 3.02 -2.23 25.20
N HIS D 376 3.78 -2.89 24.34
CA HIS D 376 3.87 -4.35 24.38
C HIS D 376 4.48 -4.81 25.69
N LYS D 377 4.00 -5.94 26.20
CA LYS D 377 4.53 -6.48 27.45
C LYS D 377 6.01 -6.83 27.32
N VAL D 378 6.37 -7.51 26.23
CA VAL D 378 7.75 -7.98 26.07
C VAL D 378 8.68 -6.81 25.88
N GLY D 379 8.29 -5.82 25.07
CA GLY D 379 9.12 -4.63 24.92
C GLY D 379 9.34 -3.93 26.24
N ASN D 380 8.29 -3.79 27.05
CA ASN D 380 8.42 -3.13 28.34
C ASN D 380 9.35 -3.90 29.26
N ILE D 381 9.23 -5.23 29.30
CA ILE D 381 10.07 -6.01 30.20
C ILE D 381 11.52 -5.96 29.75
N ILE D 382 11.76 -5.97 28.43
CA ILE D 382 13.12 -5.86 27.92
C ILE D 382 13.71 -4.50 28.29
N ASP D 383 12.92 -3.44 28.15
CA ASP D 383 13.41 -2.11 28.52
C ASP D 383 13.72 -2.04 30.02
N THR D 384 12.86 -2.65 30.85
CA THR D 384 13.12 -2.67 32.29
C THR D 384 14.44 -3.38 32.60
N MET D 385 14.67 -4.53 31.95
CA MET D 385 15.91 -5.26 32.17
C MET D 385 17.11 -4.45 31.72
N ILE D 386 16.99 -3.74 30.60
CA ILE D 386 18.09 -2.91 30.12
C ILE D 386 18.37 -1.78 31.10
N THR D 387 17.32 -1.18 31.66
CA THR D 387 17.51 -0.13 32.66
C THR D 387 18.20 -0.69 33.90
N ASP D 388 17.82 -1.89 34.33
CA ASP D 388 18.48 -2.50 35.47
C ASP D 388 19.96 -2.74 35.18
N ALA D 389 20.27 -3.21 33.97
CA ALA D 389 21.66 -3.45 33.60
C ALA D 389 22.45 -2.14 33.59
N PHE D 390 21.84 -1.07 33.06
CA PHE D 390 22.53 0.22 33.06
C PHE D 390 22.76 0.72 34.49
N LEU D 391 21.77 0.56 35.36
CA LEU D 391 21.93 0.97 36.75
C LEU D 391 23.08 0.22 37.42
N LYS D 392 23.14 -1.09 37.20
CA LYS D 392 24.21 -1.88 37.82
C LYS D 392 25.56 -1.62 37.15
N ALA D 393 25.57 -1.11 35.93
CA ALA D 393 26.81 -0.81 35.23
C ALA D 393 27.27 0.62 35.44
N ASP D 394 26.56 1.41 36.23
CA ASP D 394 26.96 2.77 36.50
C ASP D 394 28.08 2.81 37.54
N ASP D 395 28.72 3.96 37.65
CA ASP D 395 29.86 4.20 38.53
C ASP D 395 31.14 3.57 38.02
N TYR D 396 31.09 2.81 36.91
CA TYR D 396 32.26 2.16 36.34
C TYR D 396 32.57 2.58 34.92
N ILE D 397 31.61 3.11 34.18
CA ILE D 397 31.82 3.58 32.82
C ILE D 397 32.15 5.07 32.90
N GLU D 398 33.32 5.44 32.37
CA GLU D 398 33.79 6.82 32.39
C GLU D 398 33.77 7.38 30.98
N ILE D 399 33.21 8.57 30.82
CA ILE D 399 33.10 9.25 29.54
C ILE D 399 33.86 10.56 29.63
N THR D 400 34.76 10.79 28.68
CA THR D 400 35.56 12.02 28.67
C THR D 400 34.75 13.15 28.04
N GLY D 401 34.78 14.31 28.68
CA GLY D 401 34.06 15.47 28.18
C GLY D 401 34.97 16.67 27.97
N ALA D 402 34.51 17.85 28.42
CA ALA D 402 35.28 19.07 28.26
C ALA D 402 36.38 19.16 29.31
N GLY D 403 37.55 19.62 28.88
CA GLY D 403 38.66 19.80 29.81
C GLY D 403 39.25 18.52 30.35
N GLY D 404 39.01 17.38 29.69
CA GLY D 404 39.53 16.12 30.16
C GLY D 404 38.78 15.52 31.32
N LYS D 405 37.66 16.10 31.73
CA LYS D 405 36.90 15.59 32.85
C LYS D 405 36.22 14.28 32.46
N LYS D 406 35.93 13.46 33.49
CA LYS D 406 35.30 12.17 33.30
C LYS D 406 33.89 12.19 33.89
N TYR D 407 32.90 11.83 33.07
CA TYR D 407 31.51 11.82 33.47
C TYR D 407 30.97 10.39 33.41
N ARG D 408 29.97 10.12 34.24
CA ARG D 408 29.29 8.83 34.25
C ARG D 408 28.16 8.85 33.23
N ILE D 409 27.36 7.79 33.17
CA ILE D 409 26.23 7.74 32.26
C ILE D 409 25.14 8.72 32.71
N SER D 410 24.85 8.73 34.01
CA SER D 410 23.78 9.57 34.52
C SER D 410 24.18 11.04 34.61
N THR D 411 25.44 11.31 34.89
CA THR D 411 25.93 12.68 35.07
C THR D 411 26.34 13.34 33.75
N ALA D 412 26.35 12.59 32.65
CA ALA D 412 26.76 13.15 31.36
C ALA D 412 25.81 14.21 30.85
N ILE D 413 24.60 14.34 31.43
CA ILE D 413 23.65 15.33 30.98
C ILE D 413 24.09 16.76 31.29
N ASP D 414 25.12 16.93 32.12
CA ASP D 414 25.59 18.24 32.54
C ASP D 414 26.68 18.80 31.63
N ASP D 415 27.03 18.10 30.56
CA ASP D 415 28.02 18.59 29.61
C ASP D 415 27.64 18.12 28.20
N MET D 416 27.69 19.03 27.24
CA MET D 416 27.28 18.68 25.89
C MET D 416 28.31 17.82 25.18
N GLU D 417 29.60 18.11 25.39
CA GLU D 417 30.64 17.29 24.75
C GLU D 417 30.59 15.85 25.25
N ALA D 418 30.38 15.66 26.55
CA ALA D 418 30.28 14.31 27.08
C ALA D 418 28.97 13.64 26.66
N TYR D 419 27.90 14.42 26.49
CA TYR D 419 26.62 13.85 26.10
C TYR D 419 26.62 13.45 24.63
N THR D 420 27.43 14.10 23.80
CA THR D 420 27.47 13.78 22.38
C THR D 420 27.92 12.35 22.16
N LYS D 421 28.91 11.89 22.93
CA LYS D 421 29.46 10.55 22.79
C LYS D 421 28.61 9.49 23.49
N LEU D 422 27.39 9.83 23.89
CA LEU D 422 26.48 8.88 24.53
C LEU D 422 25.43 8.46 23.51
N THR D 423 25.48 7.20 23.09
CA THR D 423 24.59 6.68 22.07
C THR D 423 24.24 5.23 22.44
N ASP D 424 23.69 4.50 21.48
CA ASP D 424 23.38 3.09 21.69
C ASP D 424 24.63 2.23 21.86
N ASN D 425 25.82 2.78 21.60
CA ASN D 425 27.04 1.99 21.67
C ASN D 425 27.22 1.37 23.06
N ILE D 426 26.63 1.98 24.10
CA ILE D 426 26.85 1.51 25.46
C ILE D 426 26.38 0.07 25.63
N PHE D 427 25.32 -0.32 24.91
CA PHE D 427 24.85 -1.70 25.00
C PHE D 427 25.96 -2.69 24.69
N LEU D 428 26.60 -2.52 23.53
CA LEU D 428 27.69 -3.41 23.14
C LEU D 428 28.93 -3.19 23.98
N GLU D 429 29.17 -1.95 24.42
CA GLU D 429 30.33 -1.67 25.24
C GLU D 429 30.28 -2.46 26.54
N ILE D 430 29.10 -2.50 27.18
CA ILE D 430 28.96 -3.29 28.39
C ILE D 430 28.90 -4.78 28.07
N LEU D 431 28.20 -5.14 26.99
CA LEU D 431 27.95 -6.55 26.71
C LEU D 431 29.25 -7.31 26.43
N TYR D 432 30.16 -6.70 25.65
CA TYR D 432 31.38 -7.36 25.24
C TYR D 432 32.58 -7.01 26.12
N SER D 433 32.35 -6.37 27.26
CA SER D 433 33.43 -6.06 28.17
C SER D 433 33.94 -7.33 28.84
N THR D 434 35.15 -7.25 29.40
CA THR D 434 35.75 -8.36 30.13
C THR D 434 36.20 -7.98 31.53
N ASP D 435 35.97 -6.75 31.97
CA ASP D 435 36.41 -6.34 33.29
C ASP D 435 35.61 -7.09 34.37
N PRO D 436 36.24 -7.44 35.49
CA PRO D 436 35.48 -8.12 36.55
C PRO D 436 34.38 -7.26 37.17
N LYS D 437 34.45 -5.94 37.02
CA LYS D 437 33.49 -5.07 37.66
C LYS D 437 32.16 -4.97 36.90
N LEU D 438 32.12 -5.40 35.64
CA LEU D 438 30.93 -5.30 34.82
C LEU D 438 30.22 -6.65 34.67
N LYS D 439 30.49 -7.60 35.57
CA LYS D 439 29.83 -8.89 35.51
C LYS D 439 28.32 -8.75 35.75
N ASP D 440 27.94 -7.86 36.68
CA ASP D 440 26.55 -7.75 37.07
C ASP D 440 25.67 -7.26 35.93
N ALA D 441 26.25 -6.58 34.95
CA ALA D 441 25.51 -6.14 33.77
C ALA D 441 25.60 -7.14 32.63
N ARG D 442 26.77 -7.75 32.45
CA ARG D 442 26.92 -8.75 31.40
C ARG D 442 26.01 -9.94 31.64
N GLU D 443 25.79 -10.31 32.90
CA GLU D 443 24.88 -11.42 33.17
C GLU D 443 23.48 -11.11 32.65
N ILE D 444 22.98 -9.91 32.92
CA ILE D 444 21.63 -9.54 32.48
C ILE D 444 21.58 -9.45 30.96
N LEU D 445 22.61 -8.88 30.34
CA LEU D 445 22.59 -8.76 28.88
C LEU D 445 22.63 -10.14 28.21
N LYS D 446 23.44 -11.05 28.74
CA LYS D 446 23.46 -12.41 28.21
C LYS D 446 22.12 -13.09 28.43
N GLN D 447 21.51 -12.88 29.59
CA GLN D 447 20.16 -13.40 29.82
C GLN D 447 19.19 -12.87 28.76
N ILE D 448 19.37 -11.61 28.35
CA ILE D 448 18.57 -11.08 27.25
C ILE D 448 18.85 -11.85 25.97
N GLU D 449 20.12 -12.14 25.70
CA GLU D 449 20.47 -12.86 24.48
C GLU D 449 19.85 -14.26 24.47
N TYR D 450 19.90 -14.96 25.59
CA TYR D 450 19.32 -16.30 25.69
C TYR D 450 17.80 -16.28 25.81
N ARG D 451 17.20 -15.10 25.97
CA ARG D 451 15.74 -14.95 26.02
C ARG D 451 15.15 -15.59 27.26
N ASN D 452 15.82 -15.41 28.40
CA ASN D 452 15.26 -15.77 29.70
C ASN D 452 14.77 -14.50 30.37
N LEU D 453 13.63 -14.01 29.88
CA LEU D 453 13.06 -12.77 30.37
C LEU D 453 12.23 -13.02 31.64
N PHE D 454 11.81 -11.92 32.27
CA PHE D 454 10.94 -12.02 33.42
C PHE D 454 9.56 -12.51 32.99
N LYS D 455 8.84 -13.12 33.93
CA LYS D 455 7.55 -13.72 33.64
C LYS D 455 6.42 -12.74 33.97
N TYR D 456 5.41 -12.74 33.11
CA TYR D 456 4.22 -11.92 33.31
C TYR D 456 3.24 -12.67 34.21
N VAL D 457 2.97 -12.11 35.39
CA VAL D 457 2.15 -12.78 36.40
C VAL D 457 0.68 -12.44 36.22
N GLY D 458 0.35 -11.16 36.04
CA GLY D 458 -1.03 -10.77 35.90
C GLY D 458 -1.17 -9.28 35.68
N GLU D 459 -2.42 -8.84 35.64
CA GLU D 459 -2.75 -7.45 35.35
C GLU D 459 -4.08 -7.11 36.02
N THR D 460 -4.30 -5.82 36.26
CA THR D 460 -5.45 -5.33 37.00
C THR D 460 -6.34 -4.51 36.09
N GLN D 461 -7.64 -4.50 36.39
CA GLN D 461 -8.59 -3.80 35.55
C GLN D 461 -8.28 -2.30 35.54
N PRO D 462 -8.53 -1.60 34.44
CA PRO D 462 -8.01 -0.22 34.30
C PRO D 462 -8.79 0.78 35.13
N THR D 463 -8.10 1.41 36.09
CA THR D 463 -8.55 2.63 36.74
C THR D 463 -9.96 2.52 37.32
N GLY D 464 -10.53 3.66 37.71
CA GLY D 464 -11.89 3.71 38.19
C GLY D 464 -12.06 4.63 39.39
N GLN D 465 -11.04 4.72 40.23
CA GLN D 465 -11.12 5.53 41.44
C GLN D 465 -10.10 6.66 41.44
N ILE D 466 -8.82 6.33 41.24
CA ILE D 466 -7.75 7.31 41.37
C ILE D 466 -6.53 6.85 40.59
N LYS D 467 -5.67 7.81 40.24
CA LYS D 467 -4.44 7.55 39.50
C LYS D 467 -3.26 7.62 40.46
N ILE D 468 -2.38 6.61 40.40
CA ILE D 468 -1.25 6.54 41.30
C ILE D 468 -0.20 7.55 40.89
N LYS D 469 0.28 8.34 41.85
CA LYS D 469 1.28 9.37 41.59
C LYS D 469 2.65 8.74 41.39
N ARG D 470 3.59 9.55 40.89
CA ARG D 470 4.94 9.07 40.64
C ARG D 470 5.62 8.65 41.93
N GLU D 471 5.46 9.42 43.00
CA GLU D 471 6.19 9.16 44.24
C GLU D 471 5.82 7.83 44.88
N ASP D 472 4.69 7.24 44.49
CA ASP D 472 4.25 5.98 45.07
C ASP D 472 4.75 4.76 44.30
N TYR D 473 5.50 4.96 43.21
CA TYR D 473 5.95 3.83 42.40
C TYR D 473 6.85 2.90 43.18
N GLU D 474 7.77 3.46 43.98
CA GLU D 474 8.77 2.63 44.65
C GLU D 474 8.16 1.72 45.71
N SER D 475 6.94 1.99 46.16
CA SER D 475 6.33 1.24 47.26
C SER D 475 5.45 0.09 46.78
N LEU D 476 5.22 -0.04 45.48
CA LEU D 476 4.35 -1.11 44.98
C LEU D 476 4.91 -2.50 45.26
N PRO D 477 6.17 -2.81 44.92
CA PRO D 477 6.65 -4.19 45.18
C PRO D 477 6.55 -4.60 46.64
N LYS D 478 6.89 -3.69 47.56
CA LYS D 478 6.75 -4.01 48.98
C LYS D 478 5.30 -4.25 49.34
N GLU D 479 4.38 -3.44 48.80
CA GLU D 479 2.98 -3.60 49.11
C GLU D 479 2.46 -4.95 48.63
N VAL D 480 2.81 -5.36 47.42
CA VAL D 480 2.34 -6.64 46.92
C VAL D 480 2.98 -7.78 47.70
N ALA D 481 4.27 -7.65 48.05
CA ALA D 481 4.91 -8.67 48.85
C ALA D 481 4.24 -8.83 50.21
N SER D 482 3.62 -7.77 50.72
CA SER D 482 2.97 -7.82 52.01
C SER D 482 1.63 -8.55 52.00
N ALA D 483 1.09 -8.86 50.82
CA ALA D 483 -0.18 -9.57 50.75
C ALA D 483 -0.01 -10.98 51.29
N LYS D 484 -1.10 -11.49 51.89
CA LYS D 484 -1.09 -12.82 52.52
C LYS D 484 -2.12 -13.70 51.84
N PRO D 485 -1.71 -14.59 50.91
CA PRO D 485 -2.68 -15.48 50.29
C PRO D 485 -3.34 -16.39 51.32
N LYS D 486 -4.62 -16.68 51.11
CA LYS D 486 -5.37 -17.50 52.06
C LYS D 486 -4.80 -18.91 52.13
N VAL D 487 -4.46 -19.50 50.99
CA VAL D 487 -3.94 -20.86 50.95
C VAL D 487 -2.43 -20.82 51.18
N LEU D 488 -1.96 -21.63 52.11
CA LEU D 488 -0.53 -21.69 52.40
C LEU D 488 0.24 -22.15 51.16
N LEU D 489 1.39 -21.51 50.93
CA LEU D 489 2.22 -21.80 49.77
C LEU D 489 3.53 -22.44 50.24
N ASP D 490 3.93 -23.51 49.54
CA ASP D 490 5.16 -24.21 49.89
C ASP D 490 6.41 -23.40 49.55
N VAL D 491 6.26 -22.31 48.80
CA VAL D 491 7.38 -21.47 48.37
C VAL D 491 7.19 -20.09 48.97
N LYS D 492 8.25 -19.54 49.56
CA LYS D 492 8.24 -18.21 50.16
C LYS D 492 8.95 -17.25 49.22
N LEU D 493 8.30 -16.12 48.93
CA LEU D 493 8.82 -15.12 48.02
C LEU D 493 9.29 -13.90 48.79
N LYS D 494 10.29 -13.22 48.23
CA LYS D 494 10.86 -12.02 48.83
C LYS D 494 10.27 -10.78 48.18
N ALA D 495 10.55 -9.62 48.79
CA ALA D 495 10.05 -8.35 48.30
C ALA D 495 10.89 -7.79 47.16
N GLU D 496 12.09 -8.31 46.94
CA GLU D 496 12.97 -7.81 45.89
C GLU D 496 12.85 -8.58 44.59
N ASP D 497 12.00 -9.60 44.54
CA ASP D 497 11.81 -10.41 43.33
C ASP D 497 10.50 -10.09 42.62
N PHE D 498 9.94 -8.90 42.86
CA PHE D 498 8.70 -8.47 42.24
C PHE D 498 8.92 -7.16 41.49
N ILE D 499 8.28 -7.02 40.35
CA ILE D 499 8.36 -5.82 39.52
C ILE D 499 6.94 -5.37 39.22
N VAL D 500 6.68 -4.08 39.42
CA VAL D 500 5.36 -3.49 39.16
C VAL D 500 5.56 -2.27 38.27
N ASP D 501 4.77 -2.19 37.21
CA ASP D 501 4.83 -1.10 36.25
C ASP D 501 3.46 -0.48 36.07
N VAL D 502 3.43 0.84 35.86
CA VAL D 502 2.20 1.60 35.67
C VAL D 502 2.25 2.27 34.31
N ILE D 503 1.17 2.15 33.55
CA ILE D 503 1.07 2.71 32.21
C ILE D 503 -0.09 3.70 32.18
N ASN D 504 0.15 4.87 31.60
CA ASN D 504 -0.85 5.92 31.47
C ASN D 504 -1.25 6.03 30.01
N MET D 505 -2.55 5.96 29.74
CA MET D 505 -3.09 6.12 28.41
C MET D 505 -4.07 7.29 28.40
N ASP D 506 -3.86 8.23 27.48
CA ASP D 506 -4.72 9.41 27.39
C ASP D 506 -4.63 9.94 25.96
N TYR D 507 -5.30 11.08 25.73
CA TYR D 507 -5.32 11.74 24.44
C TYR D 507 -4.29 12.85 24.35
N GLY D 508 -3.43 13.01 25.35
CA GLY D 508 -2.42 14.04 25.36
C GLY D 508 -2.77 15.26 26.21
N MET D 509 -3.92 15.27 26.88
CA MET D 509 -4.32 16.39 27.71
C MET D 509 -4.78 15.96 29.10
N GLN D 510 -4.42 14.76 29.55
CA GLN D 510 -4.62 14.30 30.92
C GLN D 510 -6.05 14.58 31.41
N GLU D 511 -6.98 13.86 30.79
CA GLU D 511 -8.40 13.82 31.11
C GLU D 511 -9.18 14.98 30.49
N LYS D 512 -8.53 15.88 29.76
CA LYS D 512 -9.25 16.91 29.02
C LYS D 512 -9.57 16.42 27.62
N ASN D 513 -10.49 17.13 26.96
CA ASN D 513 -10.85 16.80 25.58
C ASN D 513 -10.05 17.69 24.65
N PRO D 514 -9.08 17.14 23.90
CA PRO D 514 -8.23 18.02 23.07
C PRO D 514 -8.99 18.79 22.01
N ILE D 515 -10.05 18.21 21.45
CA ILE D 515 -10.77 18.88 20.36
C ILE D 515 -11.50 20.12 20.85
N ASP D 516 -11.74 20.25 22.15
CA ASP D 516 -12.44 21.43 22.66
C ASP D 516 -11.68 22.71 22.31
N HIS D 517 -10.35 22.62 22.17
CA HIS D 517 -9.52 23.79 21.90
C HIS D 517 -9.29 24.02 20.41
N VAL D 518 -9.89 23.20 19.55
CA VAL D 518 -9.76 23.35 18.10
C VAL D 518 -10.89 24.24 17.61
N SER D 519 -10.57 25.23 16.79
CA SER D 519 -11.53 26.17 16.26
C SER D 519 -11.92 25.77 14.84
N PHE D 520 -13.22 25.73 14.58
CA PHE D 520 -13.75 25.35 13.28
C PHE D 520 -14.41 26.54 12.61
N TYR D 521 -14.46 26.49 11.27
CA TYR D 521 -15.09 27.54 10.48
C TYR D 521 -15.92 26.91 9.38
N CYS D 522 -16.92 27.65 8.92
CA CYS D 522 -17.85 27.18 7.91
C CYS D 522 -17.43 27.69 6.53
N LYS D 523 -18.22 27.36 5.52
CA LYS D 523 -17.94 27.80 4.15
C LYS D 523 -18.71 29.05 3.75
N THR D 524 -19.90 29.27 4.33
CA THR D 524 -20.64 30.49 4.06
C THR D 524 -19.87 31.71 4.54
N ALA D 525 -19.29 31.64 5.74
CA ALA D 525 -18.52 32.73 6.33
C ALA D 525 -17.18 32.17 6.76
N PRO D 526 -16.24 32.00 5.81
CA PRO D 526 -14.96 31.37 6.16
C PRO D 526 -14.15 32.14 7.20
N ASN D 527 -14.34 33.45 7.33
CA ASN D 527 -13.54 34.26 8.23
C ASN D 527 -14.13 34.35 9.64
N ARG D 528 -14.96 33.37 10.01
CA ARG D 528 -15.57 33.33 11.34
C ARG D 528 -15.17 32.03 12.03
N ALA D 529 -14.86 32.12 13.31
CA ALA D 529 -14.42 30.97 14.09
C ALA D 529 -15.57 30.50 14.99
N ILE D 530 -15.83 29.19 14.98
CA ILE D 530 -16.84 28.58 15.82
C ILE D 530 -16.23 27.36 16.52
N ARG D 531 -16.86 26.97 17.62
CA ARG D 531 -16.45 25.82 18.41
C ARG D 531 -17.58 24.80 18.45
N ILE D 532 -17.22 23.53 18.35
CA ILE D 532 -18.17 22.43 18.28
C ILE D 532 -18.01 21.57 19.52
N THR D 533 -19.11 21.33 20.23
CA THR D 533 -19.09 20.52 21.44
C THR D 533 -19.05 19.03 21.08
N LYS D 534 -18.98 18.19 22.11
CA LYS D 534 -18.92 16.75 21.89
C LYS D 534 -20.28 16.17 21.52
N ASN D 535 -21.37 16.72 22.06
CA ASN D 535 -22.70 16.17 21.82
C ASN D 535 -23.23 16.51 20.43
N GLN D 536 -22.62 17.45 19.73
CA GLN D 536 -23.11 17.88 18.42
C GLN D 536 -22.50 17.10 17.26
N VAL D 537 -21.67 16.10 17.54
CA VAL D 537 -21.00 15.32 16.50
C VAL D 537 -21.56 13.91 16.42
N SER D 538 -21.43 13.13 17.48
CA SER D 538 -21.91 11.75 17.48
C SER D 538 -22.11 11.30 18.92
N GLN D 539 -22.80 10.17 19.08
CA GLN D 539 -23.04 9.58 20.38
C GLN D 539 -22.19 8.35 20.65
N LEU D 540 -21.28 8.01 19.74
CA LEU D 540 -20.46 6.80 19.86
C LEU D 540 -19.03 7.11 20.25
N LEU D 541 -18.74 8.33 20.71
CA LEU D 541 -17.40 8.70 21.11
C LEU D 541 -17.11 8.25 22.54
N PRO D 542 -15.84 8.11 22.90
CA PRO D 542 -15.51 7.66 24.26
C PRO D 542 -16.04 8.62 25.31
N GLU D 543 -16.51 8.05 26.43
CA GLU D 543 -16.98 8.88 27.54
C GLU D 543 -15.82 9.48 28.32
N LYS D 544 -14.76 8.71 28.55
CA LYS D 544 -13.59 9.16 29.29
C LYS D 544 -12.39 9.27 28.35
N PHE D 545 -11.32 9.88 28.86
CA PHE D 545 -10.13 10.13 28.05
C PHE D 545 -8.84 9.83 28.83
N ALA D 546 -8.91 9.04 29.89
CA ALA D 546 -7.72 8.72 30.66
C ALA D 546 -7.97 7.45 31.46
N GLU D 547 -6.91 6.66 31.64
CA GLU D 547 -6.97 5.46 32.45
C GLU D 547 -5.55 5.03 32.79
N GLN D 548 -5.44 3.99 33.62
CA GLN D 548 -4.16 3.46 34.04
C GLN D 548 -4.18 1.94 34.00
N LEU D 549 -3.03 1.36 33.68
CA LEU D 549 -2.82 -0.07 33.69
C LEU D 549 -1.65 -0.40 34.61
N ILE D 550 -1.80 -1.45 35.41
CA ILE D 550 -0.77 -1.89 36.34
C ILE D 550 -0.38 -3.32 35.98
N ARG D 551 0.90 -3.53 35.70
CA ARG D 551 1.44 -4.84 35.37
C ARG D 551 2.36 -5.31 36.48
N VAL D 552 2.32 -6.61 36.78
CA VAL D 552 3.16 -7.21 37.80
C VAL D 552 3.92 -8.37 37.18
N TYR D 553 5.24 -8.40 37.37
CA TYR D 553 6.10 -9.45 36.89
C TYR D 553 6.79 -10.14 38.06
N CYS D 554 7.70 -11.07 37.74
CA CYS D 554 8.52 -11.72 38.73
C CYS D 554 9.84 -12.11 38.09
N LYS D 555 10.87 -12.27 38.92
CA LYS D 555 12.21 -12.57 38.43
C LYS D 555 12.49 -14.07 38.39
N LYS D 556 12.07 -14.81 39.42
CA LYS D 556 12.26 -16.25 39.42
C LYS D 556 11.41 -16.89 38.34
N VAL D 557 11.96 -17.91 37.69
CA VAL D 557 11.37 -18.44 36.45
C VAL D 557 11.11 -19.94 36.56
N ASP D 558 10.83 -20.44 37.76
CA ASP D 558 10.41 -21.81 37.95
C ASP D 558 8.94 -21.87 38.34
N ARG D 559 8.29 -23.00 38.00
CA ARG D 559 6.84 -23.07 38.06
C ARG D 559 6.29 -22.74 39.44
N LYS D 560 6.95 -23.25 40.49
CA LYS D 560 6.48 -22.98 41.84
C LYS D 560 6.48 -21.49 42.14
N SER D 561 7.52 -20.78 41.69
CA SER D 561 7.57 -19.33 41.89
C SER D 561 6.43 -18.66 41.14
N LEU D 562 6.13 -19.12 39.93
CA LEU D 562 5.03 -18.53 39.17
C LEU D 562 3.70 -18.72 39.89
N TYR D 563 3.47 -19.92 40.43
CA TYR D 563 2.23 -20.17 41.16
C TYR D 563 2.13 -19.29 42.39
N ALA D 564 3.21 -19.21 43.16
CA ALA D 564 3.19 -18.39 44.37
C ALA D 564 2.99 -16.91 44.02
N ALA D 565 3.63 -16.44 42.95
CA ALA D 565 3.46 -15.05 42.53
C ALA D 565 2.03 -14.79 42.09
N ARG D 566 1.42 -15.75 41.39
CA ARG D 566 0.02 -15.58 41.01
C ARG D 566 -0.87 -15.46 42.24
N GLN D 567 -0.64 -16.32 43.24
CA GLN D 567 -1.44 -16.24 44.47
C GLN D 567 -1.25 -14.89 45.14
N TYR D 568 0.01 -14.45 45.27
CA TYR D 568 0.28 -13.16 45.91
C TYR D 568 -0.41 -12.03 45.16
N PHE D 569 -0.31 -12.02 43.82
CA PHE D 569 -0.88 -10.94 43.05
C PHE D 569 -2.40 -10.92 43.15
N VAL D 570 -3.05 -12.08 43.07
CA VAL D 570 -4.50 -12.10 43.17
C VAL D 570 -4.94 -11.60 44.54
N GLN D 571 -4.26 -12.03 45.60
CA GLN D 571 -4.60 -11.55 46.93
C GLN D 571 -4.43 -10.04 47.03
N TRP D 572 -3.31 -9.52 46.53
CA TRP D 572 -3.06 -8.08 46.63
C TRP D 572 -4.11 -7.29 45.84
N CYS D 573 -4.42 -7.73 44.62
CA CYS D 573 -5.40 -7.03 43.81
C CYS D 573 -6.77 -7.04 44.47
N ALA D 574 -7.18 -8.19 45.02
CA ALA D 574 -8.46 -8.25 45.71
C ALA D 574 -8.46 -7.40 46.97
N ASP D 575 -7.30 -7.19 47.58
CA ASP D 575 -7.24 -6.45 48.84
C ASP D 575 -7.71 -5.00 48.67
N ARG D 576 -7.26 -4.34 47.61
CA ARG D 576 -7.56 -2.93 47.40
C ARG D 576 -8.78 -2.70 46.52
N ASN D 577 -9.47 -3.77 46.09
CA ASN D 577 -10.75 -3.65 45.39
C ASN D 577 -10.61 -2.89 44.08
N PHE D 578 -9.90 -3.49 43.14
CA PHE D 578 -9.82 -2.95 41.78
C PHE D 578 -10.95 -3.51 40.92
PG GTP E . -22.40 23.06 -3.88
O1G GTP E . -22.71 22.48 -5.24
O2G GTP E . -23.12 24.39 -3.72
O3G GTP E . -20.92 23.28 -3.72
O3B GTP E . -22.91 22.04 -2.75
PB GTP E . -22.54 20.46 -2.76
O1B GTP E . -21.17 20.29 -2.15
O2B GTP E . -23.58 19.67 -2.00
O3A GTP E . -22.49 20.00 -4.30
PA GTP E . -21.13 19.97 -5.15
O1A GTP E . -21.43 19.53 -6.56
O2A GTP E . -20.43 21.31 -5.15
O5' GTP E . -20.19 18.87 -4.44
C5' GTP E . -20.29 17.50 -4.77
C4' GTP E . -18.95 16.83 -4.54
O4' GTP E . -18.90 15.60 -5.23
C3' GTP E . -17.80 17.68 -5.07
O3' GTP E . -17.18 18.40 -4.03
C2' GTP E . -16.84 16.69 -5.68
O2' GTP E . -15.71 16.53 -4.84
C1' GTP E . -17.63 15.40 -5.83
N9 GTP E . -17.82 15.02 -7.25
C8 GTP E . -17.67 13.76 -7.77
N7 GTP E . -17.94 13.81 -9.10
C5 GTP E . -18.25 15.07 -9.43
C6 GTP E . -18.61 15.65 -10.64
O6 GTP E . -18.66 14.96 -11.67
N1 GTP E . -18.90 17.00 -10.70
C2 GTP E . -18.82 17.76 -9.55
N2 GTP E . -19.10 19.05 -9.60
N3 GTP E . -18.48 17.18 -8.35
C4 GTP E . -18.20 15.84 -8.29
FE FE F . -6.33 8.89 -23.09
MG MG G . -7.07 8.54 -27.65
PG DTP H . -4.14 -21.55 -20.14
O1G DTP H . -5.39 -22.37 -20.07
O2G DTP H . -3.11 -22.09 -21.12
O3G DTP H . -3.47 -21.34 -18.77
PB DTP H . -5.31 -18.79 -20.24
O1B DTP H . -6.75 -19.08 -20.17
O2B DTP H . -4.90 -17.66 -21.17
O3B DTP H . -4.46 -20.08 -20.66
PA DTP H . -3.67 -17.42 -18.19
O1A DTP H . -2.46 -18.09 -17.68
O2A DTP H . -3.44 -16.36 -19.26
O3A DTP H . -4.70 -18.47 -18.80
O5' DTP H . -4.49 -16.76 -17.01
C5' DTP H . -3.83 -16.32 -15.80
C4' DTP H . -4.66 -15.29 -15.10
O4' DTP H . -3.81 -14.16 -14.84
C3' DTP H . -5.73 -14.71 -16.03
O3' DTP H . -6.56 -13.90 -15.20
C2' DTP H . -4.91 -13.73 -16.86
C1' DTP H . -4.02 -13.12 -15.77
N9 DTP H . -2.71 -12.75 -16.31
C8 DTP H . -2.35 -12.67 -17.63
N7 DTP H . -1.11 -12.30 -17.82
C5 DTP H . -0.62 -12.13 -16.54
C6 DTP H . 0.65 -11.75 -16.05
N6 DTP H . 1.69 -11.45 -16.83
N1 DTP H . 0.81 -11.67 -14.70
C2 DTP H . -0.23 -11.97 -13.92
N3 DTP H . -1.47 -12.34 -14.26
C4 DTP H . -1.59 -12.40 -15.59
PG DTP I . 24.26 15.28 -7.46
O1G DTP I . 25.01 16.08 -6.45
O2G DTP I . 24.62 15.63 -8.90
O3G DTP I . 22.74 15.36 -7.28
PB DTP I . 24.57 12.57 -6.23
O1B DTP I . 25.27 12.98 -4.99
O2B DTP I . 25.10 11.30 -6.90
O3B DTP I . 24.60 13.73 -7.31
PA DTP I . 21.92 11.28 -6.37
O1A DTP I . 20.93 11.82 -7.34
O2A DTP I . 22.66 10.03 -6.82
O3A DTP I . 23.01 12.37 -6.00
O5' DTP I . 21.23 10.98 -4.99
C5' DTP I . 19.82 11.25 -4.78
C4' DTP I . 19.31 10.43 -3.61
O4' DTP I . 18.34 9.50 -4.16
C3' DTP I . 20.38 9.52 -3.05
O3' DTP I . 19.80 8.90 -1.91
C2' DTP I . 20.44 8.43 -4.12
C1' DTP I . 18.96 8.27 -4.48
N9 DTP I . 18.80 8.07 -5.92
C8 DTP I . 19.60 8.57 -6.92
N7 DTP I . 19.22 8.25 -8.13
C5 DTP I . 18.07 7.50 -7.92
C6 DTP I . 17.18 6.85 -8.80
N6 DTP I . 17.31 6.87 -10.12
N1 DTP I . 16.14 6.18 -8.26
C2 DTP I . 16.01 6.16 -6.92
N3 DTP I . 16.78 6.73 -6.00
C4 DTP I . 17.81 7.38 -6.56
PG GTP J . -10.23 -23.52 -22.06
O1G GTP J . -8.98 -24.37 -22.17
O2G GTP J . -11.42 -24.42 -21.78
O3G GTP J . -10.46 -22.75 -23.33
O3B GTP J . -10.03 -22.50 -20.83
PB GTP J . -9.09 -21.20 -21.00
O1B GTP J . -8.77 -20.62 -19.64
O2B GTP J . -7.83 -21.53 -21.76
O3A GTP J . -10.01 -20.16 -21.83
PA GTP J . -11.44 -19.71 -21.26
O1A GTP J . -12.26 -19.12 -22.38
O2A GTP J . -12.17 -20.88 -20.63
O5' GTP J . -11.14 -18.57 -20.16
C5' GTP J . -10.10 -17.63 -20.33
C4' GTP J . -9.61 -17.11 -18.98
O4' GTP J . -10.42 -16.04 -18.54
C3' GTP J . -9.64 -18.15 -17.86
O3' GTP J . -8.38 -18.74 -17.67
C2' GTP J . -10.06 -17.38 -16.61
O2' GTP J . -8.99 -17.28 -15.70
C1' GTP J . -10.49 -16.00 -17.13
N9 GTP J . -11.86 -15.63 -16.70
C8 GTP J . -12.21 -14.42 -16.17
N7 GTP J . -13.53 -14.43 -15.91
C5 GTP J . -14.04 -15.63 -16.28
C6 GTP J . -15.33 -16.15 -16.22
O6 GTP J . -16.25 -15.47 -15.77
N1 GTP J . -15.57 -17.43 -16.66
C2 GTP J . -14.52 -18.18 -17.16
N2 GTP J . -14.75 -19.41 -17.60
N3 GTP J . -13.24 -17.65 -17.22
C4 GTP J . -13.01 -16.39 -16.78
FE FE K . -21.77 -10.01 -0.11
MG MG L . -26.41 -9.78 1.36
MG MG M . -6.69 -20.98 -20.33
N1 DCP N . -23.84 0.33 0.80
C2 DCP N . -24.49 0.21 2.02
N3 DCP N . -25.35 1.19 2.45
C4 DCP N . -25.58 2.29 1.66
C5 DCP N . -24.97 2.38 0.42
C6 DCP N . -24.26 1.30 -0.06
O2 DCP N . -24.29 -0.78 2.73
N4 DCP N . -26.39 3.27 2.09
C1' DCP N . -23.03 -0.78 0.28
C2' DCP N . -21.60 -0.70 0.82
C3' DCP N . -21.21 -2.15 1.03
C4' DCP N . -22.48 -2.96 0.78
O4' DCP N . -23.54 -2.04 0.66
O3' DCP N . -20.18 -2.51 0.14
C5' DCP N . -22.78 -3.98 1.89
O5' DCP N . -22.41 -5.27 1.46
PA DCP N . -23.39 -6.55 1.51
O1A DCP N . -23.68 -7.01 0.11
O2A DCP N . -22.77 -7.65 2.32
O3A DCP N . -24.75 -6.04 2.20
PB DCP N . -25.05 -6.38 3.74
O1B DCP N . -26.10 -5.44 4.29
O2B DCP N . -25.47 -7.83 3.91
O3B DCP N . -23.64 -6.11 4.47
PG DCP N . -23.53 -6.08 6.07
O1G DCP N . -24.22 -4.84 6.58
O2G DCP N . -22.07 -6.04 6.46
O3G DCP N . -24.18 -7.31 6.65
PG DTP O . 1.80 -15.15 23.12
O1G DTP O . 2.95 -16.08 22.97
O2G DTP O . 1.13 -15.23 24.49
O3G DTP O . 0.74 -15.29 22.02
PB DTP O . 3.43 -12.78 22.30
O1B DTP O . 4.75 -13.41 22.45
O2B DTP O . 3.30 -11.36 22.81
O3B DTP O . 2.29 -13.64 23.01
PA DTP O . 2.31 -11.74 19.77
O1A DTP O . 1.07 -12.25 19.17
O2A DTP O . 2.18 -10.42 20.52
O3A DTP O . 2.94 -12.79 20.79
O5' DTP O . 3.44 -11.59 18.67
C5' DTP O . 3.12 -11.60 17.27
C4' DTP O . 4.26 -11.01 16.47
O4' DTP O . 3.71 -9.90 15.74
C3' DTP O . 5.28 -10.33 17.37
O3' DTP O . 6.31 -9.89 16.50
C2' DTP O . 4.52 -9.08 17.79
C1' DTP O . 3.79 -8.70 16.49
N9 DTP O . 2.42 -8.28 16.74
C8 DTP O . 1.71 -8.45 17.89
N7 DTP O . 0.48 -7.98 17.85
C5 DTP O . 0.39 -7.46 16.57
C6 DTP O . -0.66 -6.81 15.88
N6 DTP O . -1.86 -6.56 16.41
N1 DTP O . -0.42 -6.41 14.61
C2 DTP O . 0.78 -6.66 14.07
N3 DTP O . 1.83 -7.26 14.62
C4 DTP O . 1.58 -7.64 15.88
PG GTP P . 6.51 -17.55 26.00
O1G GTP P . 7.98 -17.80 25.71
O2G GTP P . 6.01 -18.59 26.96
O3G GTP P . 5.72 -17.62 24.72
O3B GTP P . 6.36 -16.09 26.66
PB GTP P . 6.41 -14.74 25.78
O1B GTP P . 5.41 -14.86 24.65
O2B GTP P . 6.11 -13.54 26.63
O3A GTP P . 7.89 -14.64 25.14
PA GTP P . 8.23 -15.22 23.68
O1A GTP P . 9.72 -15.18 23.47
O2A GTP P . 7.71 -16.62 23.49
O5' GTP P . 7.53 -14.22 22.64
C5' GTP P . 8.16 -13.03 22.24
C4' GTP P . 7.66 -12.63 20.85
O4' GTP P . 8.61 -11.78 20.24
C3' GTP P . 7.52 -13.84 19.95
O3' GTP P . 6.17 -14.27 19.87
C2' GTP P . 8.04 -13.39 18.60
O2' GTP P . 6.95 -13.21 17.71
C1' GTP P . 8.77 -12.09 18.87
N9 GTP P . 10.22 -12.21 18.57
C8 GTP P . 10.96 -11.33 17.84
N7 GTP P . 12.24 -11.77 17.79
C5 GTP P . 12.32 -12.94 18.48
C6 GTP P . 13.38 -13.80 18.73
O6 GTP P . 14.50 -13.54 18.29
N1 GTP P . 13.17 -14.94 19.47
C2 GTP P . 11.91 -15.21 19.96
N2 GTP P . 11.71 -16.31 20.68
N3 GTP P . 10.86 -14.35 19.71
C4 GTP P . 11.06 -13.23 18.97
FE FE Q . 21.75 -13.98 2.29
MG MG R . 24.90 -14.31 1.10
PG DTP S . -18.85 20.71 0.81
O1G DTP S . -19.47 21.27 -0.42
O2G DTP S . -19.63 21.01 2.08
O3G DTP S . -17.39 21.13 1.01
PB DTP S . -18.92 17.95 -0.33
O1B DTP S . -19.52 18.44 -1.60
O2B DTP S . -19.64 16.80 0.35
O3B DTP S . -18.80 19.12 0.73
PA DTP S . -16.38 16.54 0.18
O1A DTP S . -15.22 17.26 0.73
O2A DTP S . -17.19 15.72 1.18
O3A DTP S . -17.40 17.52 -0.54
O5' DTP S . -15.93 15.57 -1.00
C5' DTP S . -14.64 15.71 -1.63
C4' DTP S . -14.29 14.45 -2.38
O4' DTP S . -13.62 13.59 -1.44
C3' DTP S . -15.53 13.67 -2.79
O3' DTP S . -15.09 12.76 -3.78
C2' DTP S . -15.81 12.84 -1.55
C1' DTP S . -14.40 12.45 -1.13
N9 DTP S . -14.31 12.25 0.31
C8 DTP S . -15.29 12.50 1.24
N7 DTP S . -14.93 12.23 2.47
C5 DTP S . -13.63 11.79 2.35
C6 DTP S . -12.67 11.35 3.29
N6 DTP S . -12.91 11.30 4.61
N1 DTP S . -11.45 10.98 2.83
C2 DTP S . -11.22 11.04 1.52
N3 DTP S . -12.03 11.44 0.54
C4 DTP S . -13.22 11.79 1.02
MG MG T . -18.46 20.00 -1.36
MG MG U . 3.87 -14.56 23.64
PG GTP V . 28.92 17.72 -4.18
O1G GTP V . 27.92 18.29 -3.22
O2G GTP V . 30.24 18.42 -4.02
O3G GTP V . 28.41 17.90 -5.60
O3B GTP V . 29.10 16.15 -3.88
PB GTP V . 27.89 15.13 -4.17
O1B GTP V . 26.59 15.88 -4.24
O2B GTP V . 28.15 14.35 -5.44
O3A GTP V . 27.89 14.16 -2.88
PA GTP V . 27.40 14.73 -1.47
O1A GTP V . 28.34 14.28 -0.37
O2A GTP V . 27.30 16.24 -1.50
O5' GTP V . 25.95 14.06 -1.23
C5' GTP V . 25.69 12.73 -1.60
C4' GTP V . 24.20 12.40 -1.58
O4' GTP V . 23.91 11.58 -0.46
C3' GTP V . 23.27 13.62 -1.44
O3' GTP V . 22.80 14.05 -2.70
C2' GTP V . 22.14 13.13 -0.57
O2' GTP V . 20.97 12.93 -1.35
C1' GTP V . 22.64 11.83 0.07
N9 GTP V . 22.73 11.93 1.54
C8 GTP V . 22.31 10.97 2.42
N7 GTP V . 22.58 11.38 3.67
C5 GTP V . 23.17 12.59 3.61
C6 GTP V . 23.65 13.44 4.61
O6 GTP V . 23.56 13.13 5.78
N1 GTP V . 24.24 14.63 4.24
C2 GTP V . 24.34 14.97 2.91
N2 GTP V . 24.91 16.12 2.57
N3 GTP V . 23.86 14.11 1.94
C4 GTP V . 23.29 12.94 2.28
FE FE W . 10.04 14.21 17.16
MG MG X . 10.79 14.85 21.09
MG MG Y . 26.62 17.11 -5.86
N1 DCP Z . 7.41 6.05 21.52
C2 DCP Z . 6.42 6.86 22.01
N3 DCP Z . 5.94 6.68 23.30
C4 DCP Z . 6.35 5.58 24.02
C5 DCP Z . 7.36 4.77 23.53
C6 DCP Z . 8.00 5.13 22.35
O2 DCP Z . 5.95 7.74 21.30
N4 DCP Z . 5.78 5.31 25.21
C1' DCP Z . 8.12 6.46 20.31
C2' DCP Z . 7.28 6.20 19.07
C3' DCP Z . 7.52 7.40 18.17
C4' DCP Z . 8.32 8.39 19.02
O4' DCP Z . 8.38 7.86 20.32
O3' DCP Z . 8.21 7.02 17.00
C5' DCP Z . 7.71 9.78 19.03
O5' DCP Z . 8.70 10.77 18.83
PA DCP Z . 8.45 12.28 19.34
O1A DCP Z . 9.36 12.59 20.51
O2A DCP Z . 8.66 13.26 18.21
O3A DCP Z . 6.91 12.22 19.81
PB DCP Z . 6.47 12.39 21.35
O1B DCP Z . 5.38 11.40 21.67
O2B DCP Z . 7.64 12.20 22.28
O3B DCP Z . 5.91 13.90 21.45
PG DCP Z . 4.35 14.23 21.66
O1G DCP Z . 3.90 15.12 20.52
O2G DCP Z . 3.53 12.97 21.65
O3G DCP Z . 4.15 14.94 22.98
#